data_2F9Q
#
_entry.id   2F9Q
#
_cell.length_a   145.066
_cell.length_b   155.495
_cell.length_c   95.801
_cell.angle_alpha   90.00
_cell.angle_beta   90.00
_cell.angle_gamma   90.00
#
_symmetry.space_group_name_H-M   'P 21 21 2'
#
loop_
_entity.id
_entity.type
_entity.pdbx_description
1 polymer 'Cytochrome P450 2D6'
2 non-polymer 'PROTOPORPHYRIN IX CONTAINING FE'
3 non-polymer 'SULFATE ION'
4 water water
#
_entity_poly.entity_id   1
_entity_poly.type   'polypeptide(L)'
_entity_poly.pdbx_seq_one_letter_code
;MAKKTSSKGKLPPGPLPLPGLGNLLHVDFQNTPYCFDQLRRRFGDVFSLQLAWTPVVVLNGLAAVREALVTHGEDTADRP
PVPITQILGFGPRSQGVFLARYGPAWREQRRFSVSTLRNLGLGKKSLEQWVTEEAACLCAAFANHSGRPFRPNGLLDKAV
SNVIASLTCGRRFEYDDPRFLRLLDLAQEGLKEESGFLREVLNAVPVDRHIPALAGKVLRFQKAFLTQLDELLTEHRMTW
DPAQPPRDLTEAFLAEMEKAKGNPESSFNDENLRIVVADLFSAGMVTTSTTLAWGLLLMILHPDVQRRVQQEIDDVIGQV
RRPEMGDQAHMPYTTAVIHEVQRFGDIVPLGMTHMTSRDIEVQGFRIPKGTTLITNLSSVLKDEAVWEKPFRFHPEHFLD
AQGHFVKPEAFLPFSAGRRACLGEPLARMELFLFFTSLLQHFSFSVPTGQPRPSHHGVFAFLVSPSPYELCAVPRHHHH
;
_entity_poly.pdbx_strand_id   A,B,C,D
#
loop_
_chem_comp.id
_chem_comp.type
_chem_comp.name
_chem_comp.formula
HEM non-polymer 'PROTOPORPHYRIN IX CONTAINING FE' 'C34 H32 Fe N4 O4'
SO4 non-polymer 'SULFATE ION' 'O4 S -2'
#
# COMPACT_ATOMS: atom_id res chain seq x y z
N PRO A 12 17.96 -11.63 -19.82
CA PRO A 12 16.74 -10.82 -20.12
C PRO A 12 16.33 -9.77 -19.03
N PRO A 13 17.08 -8.63 -18.88
CA PRO A 13 17.33 -7.74 -17.71
C PRO A 13 16.33 -7.77 -16.57
N GLY A 14 16.04 -6.64 -15.94
CA GLY A 14 15.04 -6.55 -14.83
C GLY A 14 15.57 -6.59 -13.39
N PRO A 15 14.85 -5.96 -12.41
CA PRO A 15 15.40 -5.73 -11.06
C PRO A 15 15.25 -6.89 -10.10
N LEU A 16 16.18 -6.96 -9.15
CA LEU A 16 16.28 -8.05 -8.17
C LEU A 16 15.99 -7.50 -6.76
N PRO A 17 15.52 -8.35 -5.83
CA PRO A 17 14.90 -7.85 -4.61
C PRO A 17 15.80 -7.74 -3.35
N LEU A 18 15.16 -7.37 -2.23
CA LEU A 18 15.59 -7.45 -0.80
C LEU A 18 14.40 -6.84 -0.02
N PRO A 19 13.20 -6.86 -0.64
CA PRO A 19 12.27 -5.74 -0.58
C PRO A 19 11.50 -5.63 0.74
N GLN A 30 -0.25 0.00 -6.71
CA GLN A 30 -1.43 -0.59 -7.34
C GLN A 30 -1.66 -0.25 -8.82
N ASN A 31 -1.11 0.90 -9.26
CA ASN A 31 -1.09 1.33 -10.68
C ASN A 31 0.36 1.33 -11.26
N THR A 32 0.44 1.07 -12.56
CA THR A 32 1.60 0.36 -13.15
C THR A 32 2.29 0.93 -14.44
N PRO A 33 1.68 1.89 -15.18
CA PRO A 33 2.33 2.29 -16.45
C PRO A 33 3.36 3.43 -16.30
N TYR A 34 3.00 4.50 -15.57
CA TYR A 34 3.98 5.52 -15.16
C TYR A 34 5.13 4.80 -14.41
N CYS A 35 4.81 3.67 -13.78
CA CYS A 35 5.82 2.81 -13.18
C CYS A 35 6.80 2.16 -14.21
N PHE A 36 6.27 1.38 -15.16
CA PHE A 36 7.08 0.72 -16.21
C PHE A 36 7.95 1.69 -17.01
N ASP A 37 7.58 2.97 -16.97
CA ASP A 37 8.33 3.93 -17.76
C ASP A 37 9.73 4.08 -17.15
N GLN A 38 9.76 4.02 -15.83
CA GLN A 38 11.02 4.09 -15.07
C GLN A 38 11.91 2.92 -15.38
N LEU A 39 11.35 1.72 -15.25
CA LEU A 39 12.08 0.49 -15.46
C LEU A 39 12.62 0.43 -16.89
N ARG A 40 11.84 0.96 -17.81
CA ARG A 40 12.28 1.12 -19.18
C ARG A 40 13.53 1.98 -19.26
N ARG A 41 13.47 3.16 -18.66
CA ARG A 41 14.57 4.11 -18.70
C ARG A 41 15.63 3.82 -17.65
N ARG A 42 15.56 2.62 -17.07
CA ARG A 42 16.63 2.12 -16.20
C ARG A 42 17.23 0.81 -16.77
N PHE A 43 16.42 0.08 -17.55
CA PHE A 43 16.78 -1.27 -18.01
C PHE A 43 16.73 -1.47 -19.53
N GLY A 44 16.26 -0.44 -20.24
CA GLY A 44 15.97 -0.59 -21.67
C GLY A 44 14.55 -1.11 -21.89
N ASP A 45 14.27 -1.43 -23.16
CA ASP A 45 12.93 -1.67 -23.64
C ASP A 45 12.35 -3.00 -23.23
N VAL A 46 13.08 -4.07 -23.42
CA VAL A 46 12.69 -5.38 -22.89
C VAL A 46 13.28 -5.52 -21.50
N PHE A 47 12.43 -5.84 -20.54
CA PHE A 47 12.90 -6.13 -19.18
C PHE A 47 12.06 -7.19 -18.46
N SER A 48 12.57 -7.68 -17.34
CA SER A 48 11.94 -8.79 -16.61
C SER A 48 11.39 -8.43 -15.26
N LEU A 49 10.18 -8.90 -15.01
CA LEU A 49 9.62 -8.86 -13.67
C LEU A 49 9.76 -10.24 -13.06
N GLN A 50 9.99 -10.27 -11.75
CA GLN A 50 10.11 -11.52 -10.98
C GLN A 50 11.24 -12.42 -11.43
N LEU A 51 12.36 -11.82 -11.82
CA LEU A 51 13.47 -12.60 -12.34
C LEU A 51 13.72 -13.87 -11.56
N ALA A 52 13.70 -13.77 -10.23
CA ALA A 52 14.09 -14.90 -9.37
C ALA A 52 13.05 -16.02 -9.28
N TRP A 53 11.78 -15.69 -9.50
CA TRP A 53 10.70 -16.69 -9.39
C TRP A 53 10.35 -17.33 -10.76
N THR A 54 9.25 -16.94 -11.38
CA THR A 54 9.13 -17.09 -12.84
C THR A 54 9.12 -15.71 -13.47
N PRO A 55 10.01 -15.48 -14.42
CA PRO A 55 10.11 -14.20 -15.11
C PRO A 55 8.84 -13.86 -15.90
N VAL A 56 8.43 -12.59 -15.79
CA VAL A 56 7.38 -12.03 -16.60
C VAL A 56 8.05 -10.90 -17.37
N VAL A 57 7.93 -10.91 -18.70
CA VAL A 57 8.64 -9.94 -19.53
C VAL A 57 7.73 -8.84 -20.09
N VAL A 58 8.20 -7.61 -19.93
CA VAL A 58 7.49 -6.43 -20.40
C VAL A 58 8.12 -5.90 -21.67
N LEU A 59 7.36 -5.83 -22.76
CA LEU A 59 7.88 -5.35 -24.02
C LEU A 59 7.56 -3.88 -24.16
N ASN A 60 8.54 -3.07 -24.54
CA ASN A 60 8.34 -1.63 -24.51
C ASN A 60 8.46 -0.79 -25.80
N GLY A 61 9.50 -1.02 -26.62
CA GLY A 61 9.55 -0.28 -27.88
C GLY A 61 8.29 -0.47 -28.75
N LEU A 62 8.13 0.31 -29.81
CA LEU A 62 7.42 -0.20 -30.96
C LEU A 62 8.31 -1.36 -31.48
N ALA A 63 9.62 -1.10 -31.48
CA ALA A 63 10.62 -2.07 -31.88
C ALA A 63 10.50 -3.41 -31.14
N ALA A 64 10.38 -3.34 -29.81
CA ALA A 64 10.24 -4.53 -28.99
C ALA A 64 8.95 -5.31 -29.23
N VAL A 65 7.84 -4.57 -29.33
CA VAL A 65 6.53 -5.17 -29.58
C VAL A 65 6.45 -5.85 -30.96
N ARG A 66 6.96 -5.16 -31.98
CA ARG A 66 6.91 -5.69 -33.34
C ARG A 66 7.69 -6.98 -33.40
N GLU A 67 8.87 -6.95 -32.81
CA GLU A 67 9.71 -8.12 -32.82
C GLU A 67 9.10 -9.38 -32.15
N ALA A 68 8.31 -9.18 -31.09
CA ALA A 68 7.74 -10.30 -30.39
C ALA A 68 6.44 -10.80 -31.05
N LEU A 69 5.57 -9.88 -31.48
CA LEU A 69 4.21 -10.27 -31.84
C LEU A 69 4.09 -10.49 -33.32
N VAL A 70 4.88 -9.76 -34.10
CA VAL A 70 4.91 -9.97 -35.55
C VAL A 70 6.05 -10.97 -35.96
N THR A 71 7.31 -10.57 -35.82
CA THR A 71 8.40 -11.45 -36.17
C THR A 71 8.22 -12.87 -35.63
N HIS A 72 8.09 -13.01 -34.31
CA HIS A 72 7.87 -14.32 -33.68
C HIS A 72 6.38 -14.56 -33.32
N GLY A 73 5.48 -13.89 -34.02
CA GLY A 73 4.06 -13.99 -33.74
C GLY A 73 3.46 -15.38 -33.55
N GLU A 74 4.01 -16.37 -34.25
CA GLU A 74 3.50 -17.74 -34.19
C GLU A 74 3.93 -18.47 -32.92
N ASP A 75 4.82 -17.84 -32.18
CA ASP A 75 5.28 -18.44 -30.96
C ASP A 75 4.93 -17.64 -29.73
N THR A 76 4.26 -16.50 -29.91
CA THR A 76 3.88 -15.63 -28.79
C THR A 76 2.38 -15.37 -28.79
N ALA A 77 1.64 -16.18 -29.54
CA ALA A 77 0.18 -16.05 -29.63
C ALA A 77 -0.58 -16.92 -28.62
N ASP A 78 0.10 -17.35 -27.58
CA ASP A 78 -0.62 -18.11 -26.61
C ASP A 78 -1.04 -17.22 -25.46
N ARG A 79 -2.05 -17.67 -24.76
CA ARG A 79 -2.63 -16.94 -23.68
C ARG A 79 -2.20 -17.64 -22.35
N PRO A 80 -1.81 -16.86 -21.34
CA PRO A 80 -1.37 -17.43 -20.07
C PRO A 80 -2.58 -17.95 -19.33
N PRO A 81 -2.47 -19.10 -18.63
CA PRO A 81 -3.68 -19.60 -18.00
C PRO A 81 -4.33 -18.58 -17.05
N VAL A 82 -5.63 -18.68 -16.84
CA VAL A 82 -6.34 -17.87 -15.85
C VAL A 82 -7.43 -18.72 -15.21
N PRO A 83 -7.72 -18.49 -13.93
CA PRO A 83 -8.79 -19.26 -13.34
C PRO A 83 -10.16 -19.05 -14.02
N ILE A 84 -10.33 -17.96 -14.78
CA ILE A 84 -11.59 -17.72 -15.52
C ILE A 84 -12.04 -18.93 -16.37
N THR A 85 -11.17 -19.35 -17.29
CA THR A 85 -11.41 -20.55 -18.11
C THR A 85 -11.89 -21.76 -17.30
N GLN A 86 -11.17 -22.06 -16.22
CA GLN A 86 -11.47 -23.21 -15.42
C GLN A 86 -12.78 -23.01 -14.65
N ILE A 87 -12.99 -21.82 -14.11
CA ILE A 87 -14.18 -21.54 -13.29
C ILE A 87 -15.42 -21.65 -14.15
N LEU A 88 -15.36 -21.06 -15.34
CA LEU A 88 -16.47 -21.12 -16.31
C LEU A 88 -16.58 -22.48 -17.01
N GLY A 89 -15.82 -23.45 -16.53
CA GLY A 89 -15.81 -24.80 -17.05
C GLY A 89 -15.56 -24.87 -18.52
N PHE A 90 -14.49 -24.25 -18.99
CA PHE A 90 -14.21 -24.17 -20.44
C PHE A 90 -13.85 -25.52 -20.94
N GLY A 91 -12.56 -25.84 -20.98
CA GLY A 91 -12.14 -27.16 -21.43
C GLY A 91 -12.21 -27.36 -22.94
N PRO A 92 -12.53 -28.61 -23.36
CA PRO A 92 -11.83 -29.20 -24.53
C PRO A 92 -11.68 -28.18 -25.69
N ARG A 93 -12.69 -28.19 -26.56
CA ARG A 93 -12.84 -27.24 -27.63
C ARG A 93 -14.07 -26.37 -27.30
N SER A 94 -14.01 -25.73 -26.14
CA SER A 94 -15.13 -24.91 -25.66
C SER A 94 -14.57 -23.69 -24.94
N GLN A 95 -13.63 -23.04 -25.60
CA GLN A 95 -13.06 -21.78 -25.14
C GLN A 95 -13.43 -20.80 -26.22
N GLY A 96 -13.37 -19.51 -25.95
CA GLY A 96 -13.81 -18.60 -26.98
C GLY A 96 -12.71 -18.31 -27.97
N VAL A 97 -12.33 -17.04 -28.06
CA VAL A 97 -11.20 -16.62 -28.82
C VAL A 97 -10.28 -15.91 -27.84
N PHE A 98 -10.85 -14.98 -27.07
CA PHE A 98 -10.10 -14.07 -26.19
C PHE A 98 -9.11 -14.76 -25.25
N LEU A 99 -9.61 -15.75 -24.50
CA LEU A 99 -8.79 -16.46 -23.51
C LEU A 99 -8.44 -17.84 -23.99
N ALA A 100 -8.88 -18.20 -25.20
CA ALA A 100 -8.57 -19.51 -25.74
C ALA A 100 -7.08 -19.67 -25.84
N ARG A 101 -6.61 -20.88 -25.64
CA ARG A 101 -5.19 -21.11 -25.71
C ARG A 101 -4.82 -21.43 -27.13
N TYR A 102 -3.64 -20.94 -27.53
CA TYR A 102 -3.11 -21.22 -28.85
C TYR A 102 -3.16 -22.71 -29.05
N GLY A 103 -3.91 -23.10 -30.09
CA GLY A 103 -4.07 -24.50 -30.52
C GLY A 103 -5.07 -24.55 -31.66
N PRO A 104 -5.43 -25.76 -32.13
CA PRO A 104 -6.50 -25.95 -33.10
C PRO A 104 -7.73 -25.08 -32.81
N ALA A 105 -8.28 -25.19 -31.59
CA ALA A 105 -9.48 -24.47 -31.12
C ALA A 105 -9.52 -22.98 -31.45
N TRP A 106 -8.55 -22.23 -30.94
CA TRP A 106 -8.43 -20.80 -31.22
C TRP A 106 -8.22 -20.54 -32.73
N ARG A 107 -7.34 -21.31 -33.37
CA ARG A 107 -7.07 -21.17 -34.80
C ARG A 107 -8.33 -21.29 -35.66
N GLU A 108 -9.01 -22.43 -35.56
CA GLU A 108 -10.40 -22.60 -35.98
C GLU A 108 -11.29 -21.35 -35.90
N GLN A 109 -11.23 -20.66 -34.77
CA GLN A 109 -12.23 -19.67 -34.47
C GLN A 109 -11.81 -18.28 -34.87
N ARG A 110 -10.50 -18.04 -34.86
CA ARG A 110 -9.98 -16.78 -35.35
C ARG A 110 -10.32 -16.67 -36.82
N ARG A 111 -10.05 -17.74 -37.55
CA ARG A 111 -10.29 -17.78 -38.96
C ARG A 111 -11.78 -17.58 -39.28
N PHE A 112 -12.67 -18.29 -38.56
CA PHE A 112 -14.15 -18.17 -38.74
C PHE A 112 -14.63 -16.70 -38.59
N SER A 113 -14.16 -16.05 -37.53
CA SER A 113 -14.59 -14.68 -37.25
C SER A 113 -14.03 -13.67 -38.21
N VAL A 114 -12.75 -13.78 -38.56
CA VAL A 114 -12.24 -12.86 -39.60
C VAL A 114 -12.96 -13.10 -40.92
N SER A 115 -13.08 -14.37 -41.36
CA SER A 115 -13.91 -14.72 -42.52
C SER A 115 -15.26 -14.03 -42.46
N THR A 116 -15.92 -14.18 -41.31
CA THR A 116 -17.31 -13.76 -41.16
C THR A 116 -17.44 -12.26 -41.09
N LEU A 117 -16.45 -11.60 -40.50
CA LEU A 117 -16.52 -10.14 -40.42
C LEU A 117 -16.19 -9.47 -41.74
N ARG A 118 -15.36 -10.14 -42.57
CA ARG A 118 -15.05 -9.67 -43.91
C ARG A 118 -16.35 -9.77 -44.70
N ASN A 119 -16.88 -10.97 -44.90
CA ASN A 119 -18.06 -11.17 -45.76
C ASN A 119 -19.19 -10.23 -45.48
N LEU A 120 -19.49 -10.05 -44.20
CA LEU A 120 -20.57 -9.19 -43.78
C LEU A 120 -20.17 -7.73 -43.86
N GLY A 121 -18.88 -7.46 -43.67
CA GLY A 121 -18.35 -6.06 -43.67
C GLY A 121 -18.66 -5.32 -44.96
N LEU A 122 -18.02 -5.84 -46.00
CA LEU A 122 -18.21 -5.50 -47.39
C LEU A 122 -19.52 -6.14 -47.92
N GLY A 123 -19.37 -7.38 -48.44
CA GLY A 123 -20.44 -8.28 -48.98
C GLY A 123 -21.72 -7.71 -49.57
N LYS A 124 -22.69 -7.40 -48.69
CA LYS A 124 -23.91 -6.69 -49.10
C LYS A 124 -24.26 -5.60 -48.10
N LYS A 125 -23.24 -4.76 -47.81
CA LYS A 125 -23.39 -3.66 -46.85
C LYS A 125 -24.05 -4.06 -45.52
N SER A 126 -24.01 -5.37 -45.18
CA SER A 126 -24.67 -5.91 -43.98
C SER A 126 -24.22 -5.14 -42.76
N LEU A 127 -22.94 -5.28 -42.41
CA LEU A 127 -22.39 -4.60 -41.25
C LEU A 127 -22.59 -3.07 -41.30
N GLU A 128 -22.29 -2.48 -42.45
CA GLU A 128 -22.54 -1.06 -42.64
C GLU A 128 -24.02 -0.69 -42.33
N GLN A 129 -24.95 -1.47 -42.87
CA GLN A 129 -26.36 -1.19 -42.72
C GLN A 129 -26.71 -1.18 -41.22
N TRP A 130 -26.35 -2.26 -40.55
CA TRP A 130 -26.56 -2.38 -39.13
C TRP A 130 -25.94 -1.22 -38.35
N VAL A 131 -24.72 -0.80 -38.65
CA VAL A 131 -24.12 0.34 -37.94
C VAL A 131 -24.82 1.66 -38.26
N THR A 132 -24.95 1.99 -39.53
CA THR A 132 -25.61 3.27 -39.91
C THR A 132 -26.97 3.52 -39.20
N GLU A 133 -27.83 2.50 -39.23
CA GLU A 133 -29.11 2.63 -38.60
C GLU A 133 -29.00 2.73 -37.09
N GLU A 134 -28.05 2.01 -36.51
CA GLU A 134 -27.77 2.19 -35.09
C GLU A 134 -27.33 3.63 -34.76
N ALA A 135 -26.50 4.22 -35.62
CA ALA A 135 -26.13 5.63 -35.48
C ALA A 135 -27.38 6.53 -35.46
N ALA A 136 -28.35 6.16 -36.30
CA ALA A 136 -29.50 6.93 -36.53
C ALA A 136 -30.31 6.88 -35.26
N CYS A 137 -30.31 5.73 -34.60
CA CYS A 137 -31.01 5.66 -33.29
C CYS A 137 -30.25 6.41 -32.21
N LEU A 138 -28.94 6.18 -32.13
CA LEU A 138 -28.09 6.89 -31.20
C LEU A 138 -28.38 8.39 -31.34
N CYS A 139 -28.44 8.89 -32.56
CA CYS A 139 -28.71 10.30 -32.81
C CYS A 139 -30.06 10.70 -32.29
N ALA A 140 -31.04 9.82 -32.50
CA ALA A 140 -32.39 10.04 -31.98
C ALA A 140 -32.37 10.11 -30.46
N ALA A 141 -31.68 9.13 -29.86
CA ALA A 141 -31.56 9.09 -28.40
C ALA A 141 -30.95 10.39 -27.83
N PHE A 142 -29.89 10.86 -28.46
CA PHE A 142 -29.24 12.10 -28.08
C PHE A 142 -30.22 13.25 -28.12
N ALA A 143 -30.91 13.33 -29.26
CA ALA A 143 -31.81 14.42 -29.58
C ALA A 143 -32.95 14.46 -28.57
N ASN A 144 -33.33 13.30 -28.04
CA ASN A 144 -34.36 13.23 -26.99
C ASN A 144 -34.00 13.86 -25.64
N HIS A 145 -32.75 14.29 -25.42
CA HIS A 145 -32.38 14.96 -24.16
C HIS A 145 -32.56 16.47 -24.22
N SER A 146 -33.02 16.93 -25.36
CA SER A 146 -33.30 18.35 -25.59
C SER A 146 -32.23 19.34 -25.08
N GLY A 147 -30.97 19.09 -25.37
CA GLY A 147 -29.94 20.05 -25.01
C GLY A 147 -29.72 20.21 -23.51
N ARG A 148 -30.61 19.63 -22.70
CA ARG A 148 -30.39 19.49 -21.25
C ARG A 148 -29.27 18.45 -21.07
N PRO A 149 -28.28 18.74 -20.21
CA PRO A 149 -27.06 17.92 -20.17
C PRO A 149 -27.23 16.49 -19.61
N PHE A 150 -26.36 15.62 -20.07
CA PHE A 150 -26.37 14.24 -19.69
C PHE A 150 -24.99 13.64 -19.90
N ARG A 151 -24.73 12.47 -19.34
CA ARG A 151 -23.51 11.81 -19.73
C ARG A 151 -23.78 10.71 -20.73
N PRO A 152 -23.00 10.69 -21.81
CA PRO A 152 -23.29 9.86 -22.98
C PRO A 152 -22.94 8.39 -22.87
N ASN A 153 -22.32 7.99 -21.77
CA ASN A 153 -21.89 6.62 -21.54
C ASN A 153 -22.91 5.51 -21.76
N GLY A 154 -24.05 5.59 -21.11
CA GLY A 154 -25.02 4.53 -21.20
C GLY A 154 -25.60 4.44 -22.61
N LEU A 155 -25.80 5.57 -23.24
CA LEU A 155 -26.23 5.52 -24.65
C LEU A 155 -25.15 4.94 -25.58
N LEU A 156 -23.90 5.32 -25.33
CA LEU A 156 -22.84 4.81 -26.09
C LEU A 156 -22.67 3.29 -25.90
N ASP A 157 -22.97 2.76 -24.71
CA ASP A 157 -22.94 1.32 -24.53
C ASP A 157 -24.09 0.62 -25.24
N LYS A 158 -25.25 1.24 -25.30
CA LYS A 158 -26.37 0.54 -25.90
C LYS A 158 -26.17 0.40 -27.37
N ALA A 159 -25.71 1.49 -27.99
CA ALA A 159 -25.54 1.55 -29.46
C ALA A 159 -24.52 0.53 -29.97
N VAL A 160 -23.34 0.58 -29.36
CA VAL A 160 -22.26 -0.30 -29.69
C VAL A 160 -22.71 -1.74 -29.54
N SER A 161 -23.29 -2.04 -28.37
CA SER A 161 -23.90 -3.35 -28.02
C SER A 161 -24.86 -3.88 -29.04
N ASN A 162 -25.81 -3.06 -29.45
CA ASN A 162 -26.73 -3.39 -30.55
C ASN A 162 -26.08 -3.85 -31.86
N VAL A 163 -24.92 -3.29 -32.19
CA VAL A 163 -24.22 -3.66 -33.40
C VAL A 163 -23.79 -5.13 -33.26
N ILE A 164 -23.33 -5.48 -32.06
CA ILE A 164 -22.94 -6.84 -31.79
C ILE A 164 -24.19 -7.74 -31.73
N ALA A 165 -25.28 -7.25 -31.15
CA ALA A 165 -26.56 -7.96 -31.15
C ALA A 165 -27.04 -8.30 -32.55
N SER A 166 -26.76 -7.40 -33.51
CA SER A 166 -27.16 -7.56 -34.91
C SER A 166 -26.36 -8.70 -35.53
N LEU A 167 -25.08 -8.68 -35.18
CA LEU A 167 -24.11 -9.63 -35.67
C LEU A 167 -24.47 -11.04 -35.26
N THR A 168 -24.98 -11.15 -34.04
CA THR A 168 -25.10 -12.41 -33.34
C THR A 168 -26.51 -12.80 -32.94
N CYS A 169 -27.48 -11.93 -33.12
CA CYS A 169 -28.80 -12.28 -32.66
C CYS A 169 -29.81 -12.10 -33.77
N GLY A 170 -29.41 -11.45 -34.86
CA GLY A 170 -30.32 -11.09 -35.94
C GLY A 170 -30.94 -9.71 -35.79
N ARG A 171 -31.64 -9.47 -34.70
CA ARG A 171 -32.26 -8.15 -34.50
C ARG A 171 -31.42 -7.30 -33.55
N ARG A 172 -31.73 -6.00 -33.55
CA ARG A 172 -31.21 -5.05 -32.56
C ARG A 172 -32.22 -5.01 -31.40
N PHE A 173 -31.88 -4.28 -30.34
CA PHE A 173 -32.75 -4.08 -29.15
C PHE A 173 -33.21 -2.63 -28.89
N GLU A 174 -34.45 -2.53 -28.47
CA GLU A 174 -34.99 -1.29 -28.06
C GLU A 174 -34.15 -0.86 -26.87
N TYR A 175 -33.76 0.43 -26.82
CA TYR A 175 -32.96 0.97 -25.69
C TYR A 175 -33.61 0.85 -24.29
N ASP A 176 -34.92 0.66 -24.26
CA ASP A 176 -35.66 0.49 -23.01
C ASP A 176 -36.08 -0.96 -22.75
N ASP A 177 -35.76 -1.86 -23.68
CA ASP A 177 -36.04 -3.29 -23.55
C ASP A 177 -35.40 -3.91 -22.26
N PRO A 178 -36.23 -4.37 -21.31
CA PRO A 178 -35.72 -5.06 -20.07
C PRO A 178 -34.72 -6.19 -20.28
N ARG A 179 -34.88 -6.97 -21.35
CA ARG A 179 -33.93 -8.03 -21.70
C ARG A 179 -32.56 -7.48 -22.07
N PHE A 180 -32.59 -6.36 -22.77
CA PHE A 180 -31.40 -5.69 -23.24
C PHE A 180 -30.71 -5.13 -22.02
N LEU A 181 -31.47 -4.38 -21.23
CA LEU A 181 -30.95 -3.75 -20.04
C LEU A 181 -30.35 -4.79 -19.08
N ARG A 182 -30.98 -5.96 -18.94
CA ARG A 182 -30.36 -7.04 -18.18
C ARG A 182 -29.05 -7.55 -18.83
N LEU A 183 -29.06 -7.73 -20.15
CA LEU A 183 -27.85 -8.17 -20.88
C LEU A 183 -26.62 -7.25 -20.66
N LEU A 184 -26.83 -5.96 -20.84
CA LEU A 184 -25.77 -5.00 -20.63
C LEU A 184 -25.26 -5.08 -19.22
N ASP A 185 -26.19 -5.10 -18.25
CA ASP A 185 -25.90 -5.26 -16.83
C ASP A 185 -25.04 -6.51 -16.67
N LEU A 186 -25.50 -7.66 -17.16
CA LEU A 186 -24.75 -8.89 -17.07
C LEU A 186 -23.35 -8.82 -17.70
N ALA A 187 -23.21 -8.19 -18.86
CA ALA A 187 -21.90 -8.12 -19.50
C ALA A 187 -20.92 -7.19 -18.80
N GLN A 188 -21.46 -6.14 -18.14
CA GLN A 188 -20.67 -5.14 -17.39
C GLN A 188 -20.11 -5.70 -16.12
N GLU A 189 -20.99 -6.15 -15.26
CA GLU A 189 -20.58 -6.71 -14.00
C GLU A 189 -19.73 -7.97 -14.16
N GLY A 190 -20.02 -8.80 -15.17
CA GLY A 190 -19.25 -10.00 -15.44
C GLY A 190 -17.84 -9.65 -15.83
N LEU A 191 -17.70 -8.53 -16.53
CA LEU A 191 -16.41 -8.04 -17.00
C LEU A 191 -15.61 -7.42 -15.89
N LYS A 192 -16.34 -6.92 -14.90
CA LYS A 192 -15.77 -6.36 -13.71
C LYS A 192 -15.24 -7.53 -12.86
N GLU A 193 -15.97 -8.63 -12.84
CA GLU A 193 -15.54 -9.80 -12.11
C GLU A 193 -14.31 -10.44 -12.77
N GLU A 194 -14.21 -10.38 -14.10
CA GLU A 194 -13.04 -11.03 -14.69
C GLU A 194 -11.75 -10.23 -14.68
N SER A 195 -11.86 -8.90 -14.62
CA SER A 195 -10.65 -8.05 -14.57
C SER A 195 -9.87 -8.21 -13.25
N GLY A 196 -10.56 -8.55 -12.16
CA GLY A 196 -9.92 -9.01 -10.94
C GLY A 196 -8.86 -10.06 -11.20
N PHE A 197 -9.27 -11.14 -11.85
CA PHE A 197 -8.39 -12.27 -12.17
C PHE A 197 -7.32 -11.89 -13.16
N LEU A 198 -7.64 -10.92 -14.01
CA LEU A 198 -6.85 -10.62 -15.18
C LEU A 198 -5.67 -9.75 -14.86
N ARG A 199 -5.73 -9.05 -13.75
CA ARG A 199 -4.66 -8.13 -13.46
C ARG A 199 -3.63 -8.89 -12.65
N GLU A 200 -4.10 -9.87 -11.87
CA GLU A 200 -3.21 -10.75 -11.09
C GLU A 200 -2.42 -11.66 -11.97
N VAL A 201 -2.88 -11.78 -13.20
CA VAL A 201 -2.20 -12.61 -14.19
C VAL A 201 -0.90 -11.98 -14.68
N LEU A 202 -0.37 -11.05 -13.89
CA LEU A 202 0.98 -10.58 -14.09
C LEU A 202 1.91 -11.22 -13.05
N ASN A 203 1.59 -12.43 -12.59
CA ASN A 203 2.44 -13.20 -11.63
C ASN A 203 2.15 -14.71 -11.44
N ALA A 204 1.36 -15.06 -10.41
CA ALA A 204 1.24 -16.45 -9.84
C ALA A 204 0.77 -17.58 -10.75
N VAL A 205 1.01 -18.79 -10.30
CA VAL A 205 0.79 -20.03 -11.07
C VAL A 205 -0.67 -20.35 -11.47
N PRO A 206 -0.85 -21.00 -12.63
CA PRO A 206 -2.10 -21.43 -13.29
C PRO A 206 -3.39 -21.53 -12.45
N VAL A 207 -3.40 -22.51 -11.55
CA VAL A 207 -4.53 -22.94 -10.73
C VAL A 207 -4.28 -24.42 -10.47
N ASP A 208 -4.58 -24.88 -9.25
CA ASP A 208 -4.26 -26.24 -8.78
C ASP A 208 -4.80 -27.35 -9.70
N ARG A 209 -5.01 -26.99 -10.97
CA ARG A 209 -5.68 -27.81 -12.02
C ARG A 209 -7.20 -27.94 -11.77
N HIS A 210 -7.61 -27.94 -10.50
CA HIS A 210 -8.99 -28.12 -10.09
C HIS A 210 -9.40 -27.06 -9.06
N ILE A 211 -9.68 -25.83 -9.54
CA ILE A 211 -10.14 -24.74 -8.65
C ILE A 211 -11.25 -25.21 -7.67
N PRO A 212 -11.29 -24.62 -6.49
CA PRO A 212 -12.20 -25.07 -5.43
C PRO A 212 -13.72 -25.12 -5.74
N ALA A 213 -14.17 -24.49 -6.82
CA ALA A 213 -15.58 -24.57 -7.27
C ALA A 213 -16.56 -23.86 -6.33
N LEU A 214 -16.18 -23.74 -5.05
CA LEU A 214 -16.79 -22.72 -4.17
C LEU A 214 -16.45 -21.40 -4.88
N ALA A 215 -15.36 -21.47 -5.66
CA ALA A 215 -14.96 -20.46 -6.65
C ALA A 215 -16.09 -20.14 -7.67
N GLY A 216 -17.12 -21.00 -7.73
CA GLY A 216 -18.39 -20.73 -8.45
C GLY A 216 -18.88 -19.28 -8.26
N LYS A 217 -19.45 -19.03 -7.07
CA LYS A 217 -19.93 -17.71 -6.64
C LYS A 217 -19.10 -16.48 -7.06
N VAL A 218 -17.95 -16.67 -7.73
CA VAL A 218 -17.11 -15.51 -8.06
C VAL A 218 -17.40 -14.87 -9.43
N LEU A 219 -17.81 -15.70 -10.38
CA LEU A 219 -18.18 -15.18 -11.68
C LEU A 219 -19.71 -15.19 -11.92
N ARG A 220 -20.50 -15.19 -10.85
CA ARG A 220 -21.96 -15.24 -10.94
C ARG A 220 -22.48 -14.52 -12.15
N PHE A 221 -21.99 -13.32 -12.39
CA PHE A 221 -22.58 -12.46 -13.40
C PHE A 221 -22.08 -12.79 -14.80
N GLN A 222 -20.83 -13.22 -14.89
CA GLN A 222 -20.31 -13.74 -16.14
C GLN A 222 -21.05 -15.01 -16.51
N LYS A 223 -21.32 -15.87 -15.55
CA LYS A 223 -22.09 -17.08 -15.79
C LYS A 223 -23.54 -16.77 -16.16
N ALA A 224 -24.10 -15.77 -15.51
CA ALA A 224 -25.48 -15.43 -15.72
C ALA A 224 -25.60 -14.90 -17.15
N PHE A 225 -24.53 -14.26 -17.60
CA PHE A 225 -24.49 -13.59 -18.89
C PHE A 225 -24.41 -14.65 -19.98
N LEU A 226 -23.74 -15.75 -19.70
CA LEU A 226 -23.69 -16.81 -20.67
C LEU A 226 -25.09 -17.38 -20.81
N THR A 227 -25.72 -17.70 -19.69
CA THR A 227 -27.05 -18.29 -19.66
C THR A 227 -28.07 -17.48 -20.46
N GLN A 228 -27.93 -16.15 -20.47
CA GLN A 228 -28.91 -15.35 -21.15
C GLN A 228 -28.65 -15.35 -22.63
N LEU A 229 -27.39 -15.42 -23.01
CA LEU A 229 -27.05 -15.53 -24.43
C LEU A 229 -27.57 -16.87 -24.94
N ASP A 230 -27.06 -17.92 -24.29
CA ASP A 230 -27.50 -19.30 -24.48
C ASP A 230 -28.97 -19.38 -24.94
N GLU A 231 -29.77 -18.46 -24.44
CA GLU A 231 -31.18 -18.50 -24.60
C GLU A 231 -31.62 -17.55 -25.68
N LEU A 232 -30.91 -16.46 -25.84
CA LEU A 232 -31.18 -15.54 -26.95
C LEU A 232 -30.76 -16.18 -28.27
N LEU A 233 -29.65 -16.90 -28.25
CA LEU A 233 -29.25 -17.58 -29.44
C LEU A 233 -29.99 -18.91 -29.66
N THR A 234 -30.49 -19.56 -28.60
CA THR A 234 -31.34 -20.74 -28.77
C THR A 234 -32.57 -20.37 -29.59
N GLU A 235 -33.13 -19.18 -29.38
CA GLU A 235 -34.33 -18.78 -30.12
C GLU A 235 -34.01 -18.22 -31.50
N HIS A 236 -32.74 -17.87 -31.69
CA HIS A 236 -32.24 -17.55 -33.01
C HIS A 236 -32.16 -18.79 -33.87
N ARG A 237 -31.74 -19.90 -33.28
CA ARG A 237 -31.60 -21.15 -34.00
C ARG A 237 -32.94 -21.59 -34.60
N MET A 238 -34.02 -21.36 -33.86
CA MET A 238 -35.39 -21.60 -34.27
C MET A 238 -35.85 -20.76 -35.46
N THR A 239 -35.34 -19.52 -35.56
CA THR A 239 -35.57 -18.58 -36.66
C THR A 239 -34.79 -18.99 -37.93
N TRP A 240 -33.64 -19.63 -37.74
CA TRP A 240 -32.65 -19.81 -38.81
C TRP A 240 -33.00 -20.82 -39.88
N ASP A 241 -32.88 -20.38 -41.14
CA ASP A 241 -33.22 -21.22 -42.29
C ASP A 241 -31.99 -21.98 -42.77
N PRO A 242 -31.89 -23.27 -42.41
CA PRO A 242 -30.65 -24.04 -42.68
C PRO A 242 -30.32 -24.14 -44.16
N ALA A 243 -31.32 -23.96 -45.02
CA ALA A 243 -31.17 -24.15 -46.47
C ALA A 243 -31.04 -22.83 -47.24
N GLN A 244 -30.35 -21.86 -46.63
CA GLN A 244 -30.12 -20.55 -47.24
C GLN A 244 -28.82 -19.90 -46.76
N PRO A 245 -28.26 -18.96 -47.56
CA PRO A 245 -27.02 -18.32 -47.14
C PRO A 245 -27.21 -17.57 -45.80
N PRO A 246 -26.44 -17.96 -44.77
CA PRO A 246 -26.35 -17.28 -43.44
C PRO A 246 -26.39 -15.75 -43.50
N ARG A 247 -27.20 -15.19 -42.61
CA ARG A 247 -27.51 -13.77 -42.60
C ARG A 247 -26.70 -12.98 -41.55
N ASP A 248 -26.24 -13.67 -40.51
CA ASP A 248 -25.33 -13.10 -39.50
C ASP A 248 -24.31 -14.13 -38.99
N LEU A 249 -23.53 -13.73 -37.98
CA LEU A 249 -22.47 -14.59 -37.48
C LEU A 249 -22.98 -15.87 -36.81
N THR A 250 -24.06 -15.78 -36.08
CA THR A 250 -24.60 -16.97 -35.46
C THR A 250 -24.99 -17.98 -36.54
N GLU A 251 -25.70 -17.49 -37.56
CA GLU A 251 -26.15 -18.37 -38.64
C GLU A 251 -24.99 -19.08 -39.36
N ALA A 252 -23.96 -18.31 -39.68
CA ALA A 252 -22.75 -18.86 -40.28
C ALA A 252 -22.05 -19.84 -39.33
N PHE A 253 -22.21 -19.65 -38.01
CA PHE A 253 -21.69 -20.61 -37.04
C PHE A 253 -22.50 -21.91 -37.12
N LEU A 254 -23.82 -21.81 -37.02
CA LEU A 254 -24.70 -22.99 -37.07
C LEU A 254 -24.49 -23.86 -38.32
N ALA A 255 -24.28 -23.19 -39.45
CA ALA A 255 -24.05 -23.84 -40.73
C ALA A 255 -22.77 -24.66 -40.62
N GLU A 256 -21.74 -24.01 -40.07
CA GLU A 256 -20.44 -24.63 -39.95
C GLU A 256 -20.50 -25.81 -38.99
N MET A 257 -21.53 -25.82 -38.14
CA MET A 257 -21.74 -26.82 -37.09
C MET A 257 -22.25 -28.07 -37.72
N GLU A 258 -23.28 -27.95 -38.58
CA GLU A 258 -23.64 -29.06 -39.47
C GLU A 258 -22.34 -29.61 -40.09
N LYS A 259 -21.73 -28.82 -40.99
CA LYS A 259 -20.51 -29.19 -41.70
C LYS A 259 -19.58 -30.10 -40.91
N ALA A 260 -19.48 -29.89 -39.59
CA ALA A 260 -18.52 -30.60 -38.72
C ALA A 260 -19.14 -31.68 -37.83
N LYS A 261 -20.45 -31.88 -37.98
CA LYS A 261 -21.24 -32.84 -37.18
C LYS A 261 -20.63 -34.25 -37.12
N GLY A 262 -19.69 -34.55 -38.02
CA GLY A 262 -18.89 -35.78 -37.93
C GLY A 262 -17.81 -35.59 -36.87
N ASN A 263 -16.79 -34.82 -37.22
CA ASN A 263 -15.63 -34.51 -36.38
C ASN A 263 -15.93 -34.47 -34.89
N PRO A 264 -15.39 -35.43 -34.10
CA PRO A 264 -15.58 -35.45 -32.64
C PRO A 264 -14.90 -34.26 -32.02
N GLU A 265 -13.80 -33.82 -32.64
CA GLU A 265 -13.21 -32.52 -32.34
C GLU A 265 -13.82 -31.45 -33.26
N SER A 266 -13.13 -30.32 -33.43
CA SER A 266 -13.75 -29.19 -34.11
C SER A 266 -14.46 -28.39 -33.04
N SER A 267 -14.25 -27.08 -33.09
CA SER A 267 -14.72 -26.17 -32.08
C SER A 267 -16.07 -25.58 -32.40
N PHE A 268 -16.81 -26.20 -33.31
CA PHE A 268 -18.12 -25.73 -33.65
C PHE A 268 -19.20 -26.51 -32.88
N ASN A 269 -19.29 -26.28 -31.57
CA ASN A 269 -20.35 -26.84 -30.72
C ASN A 269 -21.31 -25.75 -30.36
N ASP A 270 -22.38 -26.12 -29.66
CA ASP A 270 -23.26 -25.17 -28.94
C ASP A 270 -22.47 -24.54 -27.81
N GLU A 271 -21.71 -25.39 -27.11
CA GLU A 271 -20.77 -25.00 -26.06
C GLU A 271 -19.95 -23.78 -26.41
N ASN A 272 -19.32 -23.84 -27.57
CA ASN A 272 -18.42 -22.82 -27.96
C ASN A 272 -19.11 -21.61 -28.59
N LEU A 273 -20.27 -21.84 -29.19
CA LEU A 273 -20.96 -20.73 -29.80
C LEU A 273 -21.09 -19.61 -28.79
N ARG A 274 -21.74 -19.88 -27.65
CA ARG A 274 -22.10 -18.85 -26.67
C ARG A 274 -20.91 -18.16 -26.03
N ILE A 275 -19.79 -18.89 -25.90
CA ILE A 275 -18.56 -18.24 -25.46
C ILE A 275 -18.03 -17.30 -26.54
N VAL A 276 -18.14 -17.70 -27.78
CA VAL A 276 -17.59 -16.89 -28.85
C VAL A 276 -18.35 -15.58 -28.89
N VAL A 277 -19.67 -15.66 -28.78
CA VAL A 277 -20.52 -14.48 -28.80
C VAL A 277 -20.22 -13.65 -27.55
N ALA A 278 -20.17 -14.31 -26.41
CA ALA A 278 -19.89 -13.66 -25.16
C ALA A 278 -18.62 -12.82 -25.29
N ASP A 279 -17.58 -13.39 -25.90
CA ASP A 279 -16.29 -12.72 -26.12
C ASP A 279 -16.49 -11.49 -26.96
N LEU A 280 -17.17 -11.66 -28.10
CA LEU A 280 -17.44 -10.57 -29.03
C LEU A 280 -18.17 -9.44 -28.32
N PHE A 281 -19.12 -9.79 -27.46
CA PHE A 281 -19.89 -8.80 -26.71
C PHE A 281 -19.06 -8.03 -25.71
N SER A 282 -18.27 -8.75 -24.92
CA SER A 282 -17.44 -8.06 -23.94
C SER A 282 -16.27 -7.32 -24.60
N ALA A 283 -15.41 -8.04 -25.33
CA ALA A 283 -14.30 -7.39 -26.06
C ALA A 283 -14.79 -6.24 -26.90
N GLY A 284 -15.92 -6.43 -27.55
CA GLY A 284 -16.41 -5.47 -28.51
C GLY A 284 -17.05 -4.23 -27.93
N MET A 285 -18.08 -4.41 -27.11
CA MET A 285 -18.81 -3.25 -26.60
C MET A 285 -17.96 -2.24 -25.82
N VAL A 286 -17.33 -2.67 -24.75
CA VAL A 286 -16.74 -1.71 -23.85
C VAL A 286 -15.64 -0.91 -24.54
N THR A 287 -14.85 -1.53 -25.42
CA THR A 287 -13.70 -0.85 -26.03
C THR A 287 -14.15 0.26 -26.94
N THR A 288 -15.06 -0.07 -27.87
CA THR A 288 -15.59 0.90 -28.83
C THR A 288 -16.34 2.03 -28.14
N SER A 289 -17.11 1.64 -27.12
CA SER A 289 -17.91 2.56 -26.35
C SER A 289 -17.02 3.57 -25.65
N THR A 290 -15.98 3.09 -24.97
CA THR A 290 -15.14 3.95 -24.17
C THR A 290 -14.43 4.96 -25.05
N THR A 291 -13.98 4.52 -26.22
CA THR A 291 -13.31 5.39 -27.17
C THR A 291 -14.26 6.56 -27.55
N LEU A 292 -15.48 6.23 -27.98
CA LEU A 292 -16.45 7.22 -28.33
C LEU A 292 -16.65 8.20 -27.15
N ALA A 293 -16.61 7.70 -25.93
CA ALA A 293 -16.65 8.58 -24.77
C ALA A 293 -15.46 9.52 -24.70
N TRP A 294 -14.26 9.02 -24.95
CA TRP A 294 -13.07 9.90 -25.10
C TRP A 294 -13.23 10.89 -26.25
N GLY A 295 -13.80 10.40 -27.37
CA GLY A 295 -14.07 11.23 -28.54
C GLY A 295 -14.90 12.46 -28.17
N LEU A 296 -16.08 12.24 -27.61
CA LEU A 296 -16.95 13.33 -27.23
C LEU A 296 -16.32 14.21 -26.17
N LEU A 297 -15.66 13.65 -25.14
CA LEU A 297 -15.02 14.47 -24.12
C LEU A 297 -14.01 15.45 -24.74
N LEU A 298 -13.10 14.93 -25.56
CA LEU A 298 -12.08 15.73 -26.24
C LEU A 298 -12.74 16.75 -27.19
N MET A 299 -13.89 16.38 -27.75
CA MET A 299 -14.58 17.26 -28.69
C MET A 299 -15.07 18.49 -27.98
N ILE A 300 -15.70 18.33 -26.82
CA ILE A 300 -16.14 19.48 -26.02
C ILE A 300 -14.94 20.18 -25.38
N LEU A 301 -13.87 19.43 -25.24
CA LEU A 301 -12.69 19.95 -24.60
C LEU A 301 -11.84 20.75 -25.60
N HIS A 302 -12.00 20.48 -26.89
CA HIS A 302 -11.29 21.28 -27.92
C HIS A 302 -12.23 21.72 -29.02
N PRO A 303 -13.06 22.73 -28.74
CA PRO A 303 -14.15 23.09 -29.68
C PRO A 303 -13.58 23.56 -31.03
N ASP A 304 -12.38 24.16 -30.97
CA ASP A 304 -11.50 24.38 -32.14
C ASP A 304 -11.57 23.20 -33.16
N VAL A 305 -11.12 22.02 -32.74
CA VAL A 305 -11.18 20.78 -33.54
C VAL A 305 -12.61 20.37 -33.95
N GLN A 306 -13.57 20.58 -33.05
CA GLN A 306 -14.91 20.12 -33.33
C GLN A 306 -15.48 20.79 -34.58
N ARG A 307 -15.33 22.11 -34.63
CA ARG A 307 -15.76 22.92 -35.78
C ARG A 307 -15.12 22.42 -37.07
N ARG A 308 -13.82 22.20 -37.04
CA ARG A 308 -13.10 21.75 -38.20
C ARG A 308 -13.62 20.40 -38.72
N VAL A 309 -13.92 19.48 -37.81
CA VAL A 309 -14.45 18.17 -38.18
C VAL A 309 -15.79 18.36 -38.87
N GLN A 310 -16.58 19.28 -38.34
CA GLN A 310 -17.90 19.58 -38.87
C GLN A 310 -17.81 20.34 -40.17
N GLN A 311 -16.87 21.28 -40.25
CA GLN A 311 -16.50 21.94 -41.51
C GLN A 311 -16.35 20.91 -42.60
N GLU A 312 -15.57 19.87 -42.32
CA GLU A 312 -15.27 18.83 -43.28
C GLU A 312 -16.53 18.04 -43.58
N ILE A 313 -17.27 17.75 -42.52
CA ILE A 313 -18.50 16.93 -42.63
C ILE A 313 -19.45 17.55 -43.64
N ASP A 314 -19.64 18.88 -43.53
CA ASP A 314 -20.58 19.62 -44.36
C ASP A 314 -20.08 19.65 -45.80
N ASP A 315 -18.75 19.66 -45.95
CA ASP A 315 -18.13 19.68 -47.27
C ASP A 315 -18.29 18.35 -47.95
N VAL A 316 -18.14 17.26 -47.20
CA VAL A 316 -18.05 15.96 -47.84
C VAL A 316 -19.37 15.22 -47.91
N ILE A 317 -20.05 15.09 -46.78
CA ILE A 317 -21.29 14.32 -46.69
C ILE A 317 -22.54 15.22 -46.90
N GLY A 318 -22.45 16.45 -46.39
CA GLY A 318 -23.57 17.36 -46.41
C GLY A 318 -24.53 17.18 -45.24
N GLN A 319 -25.69 17.81 -45.42
CA GLN A 319 -26.66 17.94 -44.35
C GLN A 319 -27.88 17.03 -44.60
N VAL A 320 -27.95 16.37 -45.76
CA VAL A 320 -29.07 15.44 -45.96
C VAL A 320 -28.84 13.95 -45.83
N ARG A 321 -27.86 13.40 -46.56
CA ARG A 321 -27.62 11.97 -46.49
C ARG A 321 -26.90 11.51 -45.23
N ARG A 322 -27.03 10.21 -44.97
CA ARG A 322 -26.27 9.51 -43.91
C ARG A 322 -24.81 9.27 -44.29
N PRO A 323 -23.87 9.68 -43.41
CA PRO A 323 -22.44 9.37 -43.60
C PRO A 323 -22.34 7.91 -43.91
N GLU A 324 -21.51 7.57 -44.90
CA GLU A 324 -21.21 6.16 -45.19
C GLU A 324 -19.72 5.96 -45.28
N MET A 325 -19.32 4.70 -45.14
CA MET A 325 -17.92 4.29 -45.14
C MET A 325 -17.11 4.92 -46.26
N GLY A 326 -17.66 4.98 -47.45
CA GLY A 326 -16.97 5.60 -48.55
C GLY A 326 -16.46 6.99 -48.26
N ASP A 327 -17.21 7.79 -47.51
CA ASP A 327 -16.79 9.17 -47.24
C ASP A 327 -15.45 9.27 -46.52
N GLN A 328 -15.11 8.22 -45.79
CA GLN A 328 -13.90 8.15 -44.97
C GLN A 328 -12.67 8.56 -45.77
N ALA A 329 -12.44 7.89 -46.90
CA ALA A 329 -11.33 8.20 -47.82
C ALA A 329 -11.16 9.68 -48.19
N HIS A 330 -12.27 10.44 -48.26
CA HIS A 330 -12.26 11.87 -48.62
C HIS A 330 -12.28 12.80 -47.40
N MET A 331 -12.13 12.23 -46.21
CA MET A 331 -12.19 13.01 -45.02
C MET A 331 -10.92 12.92 -44.15
N PRO A 332 -9.82 13.58 -44.61
CA PRO A 332 -8.51 13.49 -43.97
C PRO A 332 -8.59 13.90 -42.51
N TYR A 333 -9.21 15.04 -42.25
CA TYR A 333 -9.18 15.64 -40.93
C TYR A 333 -9.99 14.87 -39.91
N THR A 334 -11.12 14.34 -40.32
CA THR A 334 -11.90 13.54 -39.41
C THR A 334 -11.13 12.26 -39.05
N THR A 335 -10.68 11.52 -40.06
CA THR A 335 -9.81 10.37 -39.90
C THR A 335 -8.70 10.69 -38.89
N ALA A 336 -7.96 11.76 -39.15
CA ALA A 336 -6.88 12.17 -38.29
C ALA A 336 -7.34 12.19 -36.85
N VAL A 337 -8.42 12.92 -36.63
CA VAL A 337 -8.99 13.17 -35.31
C VAL A 337 -9.31 11.84 -34.69
N ILE A 338 -10.05 11.02 -35.40
CA ILE A 338 -10.51 9.76 -34.84
C ILE A 338 -9.30 8.94 -34.31
N HIS A 339 -8.23 8.93 -35.11
CA HIS A 339 -7.00 8.26 -34.80
C HIS A 339 -6.31 8.91 -33.61
N GLU A 340 -6.36 10.25 -33.51
CA GLU A 340 -5.75 10.90 -32.37
C GLU A 340 -6.57 10.64 -31.09
N VAL A 341 -7.86 10.44 -31.25
CA VAL A 341 -8.69 10.10 -30.09
C VAL A 341 -8.17 8.77 -29.52
N GLN A 342 -7.89 7.82 -30.41
CA GLN A 342 -7.53 6.48 -30.02
C GLN A 342 -6.15 6.49 -29.37
N ARG A 343 -5.27 7.35 -29.88
CA ARG A 343 -3.89 7.37 -29.39
C ARG A 343 -3.79 8.11 -28.06
N PHE A 344 -4.41 9.29 -27.95
CA PHE A 344 -4.39 10.01 -26.71
C PHE A 344 -5.23 9.26 -25.69
N GLY A 345 -6.41 8.78 -26.08
CA GLY A 345 -7.29 8.04 -25.20
C GLY A 345 -6.56 6.88 -24.56
N ASP A 346 -5.87 6.11 -25.40
CA ASP A 346 -5.01 5.00 -24.99
C ASP A 346 -5.68 4.09 -23.96
N ILE A 347 -6.73 3.42 -24.41
CA ILE A 347 -7.67 2.81 -23.49
C ILE A 347 -7.26 1.48 -22.91
N VAL A 348 -6.52 0.65 -23.67
CA VAL A 348 -6.08 -0.66 -23.20
C VAL A 348 -4.56 -0.63 -23.06
N PRO A 349 -4.03 -0.03 -21.99
CA PRO A 349 -2.62 0.41 -22.03
C PRO A 349 -1.64 -0.76 -22.13
N LEU A 350 -2.00 -1.87 -21.51
CA LEU A 350 -1.13 -3.03 -21.48
C LEU A 350 -1.64 -4.10 -22.46
N GLY A 351 -2.64 -3.76 -23.26
CA GLY A 351 -3.22 -4.69 -24.18
C GLY A 351 -3.73 -5.86 -23.39
N MET A 352 -3.72 -7.05 -24.00
CA MET A 352 -4.04 -8.27 -23.32
C MET A 352 -2.78 -9.08 -23.30
N THR A 353 -2.72 -9.97 -22.33
CA THR A 353 -1.49 -10.52 -21.85
C THR A 353 -1.18 -11.73 -22.72
N HIS A 354 0.09 -11.89 -23.12
CA HIS A 354 0.52 -13.01 -23.99
C HIS A 354 1.41 -14.03 -23.27
N MET A 355 1.73 -15.12 -23.97
CA MET A 355 2.61 -16.18 -23.42
C MET A 355 3.37 -16.94 -24.51
N THR A 356 4.64 -17.22 -24.28
CA THR A 356 5.41 -17.89 -25.34
C THR A 356 5.02 -19.36 -25.51
N SER A 357 5.06 -19.81 -26.76
CA SER A 357 4.72 -21.17 -27.13
C SER A 357 5.97 -22.01 -27.24
N ARG A 358 7.08 -21.31 -27.44
CA ARG A 358 8.45 -21.88 -27.38
C ARG A 358 9.45 -20.73 -27.28
N ASP A 359 10.68 -21.03 -26.87
CA ASP A 359 11.66 -19.97 -26.67
C ASP A 359 11.86 -19.13 -27.91
N ILE A 360 12.43 -17.95 -27.68
CA ILE A 360 12.31 -16.85 -28.59
C ILE A 360 13.35 -15.87 -28.17
N GLU A 361 13.89 -15.15 -29.12
CA GLU A 361 14.74 -14.09 -28.73
C GLU A 361 14.10 -12.76 -29.10
N VAL A 362 14.21 -11.79 -28.20
CA VAL A 362 13.87 -10.44 -28.60
C VAL A 362 14.93 -9.50 -28.05
N GLN A 363 15.36 -8.60 -28.93
CA GLN A 363 16.46 -7.69 -28.68
C GLN A 363 17.73 -8.36 -28.11
N GLY A 364 17.99 -9.58 -28.56
CA GLY A 364 19.13 -10.35 -28.10
C GLY A 364 18.83 -11.33 -26.97
N PHE A 365 17.70 -11.13 -26.27
CA PHE A 365 17.38 -11.89 -25.05
C PHE A 365 16.61 -13.19 -25.26
N ARG A 366 17.06 -14.25 -24.58
CA ARG A 366 16.34 -15.52 -24.57
C ARG A 366 15.07 -15.43 -23.73
N ILE A 367 13.96 -15.90 -24.29
CA ILE A 367 12.68 -15.89 -23.58
C ILE A 367 12.00 -17.25 -23.65
N PRO A 368 12.22 -18.07 -22.60
CA PRO A 368 11.84 -19.47 -22.43
C PRO A 368 10.39 -19.79 -22.76
N LYS A 369 10.16 -20.99 -23.30
CA LYS A 369 8.79 -21.52 -23.49
C LYS A 369 7.94 -21.29 -22.23
N GLY A 370 6.69 -20.88 -22.43
CA GLY A 370 5.77 -20.54 -21.34
C GLY A 370 6.29 -19.35 -20.58
N THR A 371 5.99 -18.14 -21.02
CA THR A 371 6.45 -16.90 -20.36
C THR A 371 5.42 -15.81 -20.58
N THR A 372 5.04 -15.15 -19.50
CA THR A 372 4.09 -14.08 -19.57
C THR A 372 4.76 -12.87 -20.26
N LEU A 373 4.21 -12.51 -21.44
CA LEU A 373 4.56 -11.30 -22.13
C LEU A 373 3.51 -10.24 -21.85
N ILE A 374 3.96 -9.10 -21.34
CA ILE A 374 3.11 -7.93 -21.22
C ILE A 374 3.53 -6.97 -22.30
N THR A 375 2.55 -6.49 -23.06
CA THR A 375 2.81 -5.64 -24.24
C THR A 375 2.40 -4.23 -23.96
N ASN A 376 3.36 -3.40 -23.62
CA ASN A 376 3.05 -2.06 -23.17
C ASN A 376 2.60 -1.17 -24.34
N LEU A 377 1.32 -1.28 -24.70
CA LEU A 377 0.80 -0.58 -25.89
C LEU A 377 0.87 0.90 -25.68
N SER A 378 0.69 1.32 -24.42
CA SER A 378 0.73 2.70 -24.07
C SER A 378 2.09 3.27 -24.44
N SER A 379 3.15 2.55 -24.04
CA SER A 379 4.54 2.99 -24.30
C SER A 379 4.88 3.16 -25.80
N VAL A 380 4.11 2.49 -26.67
CA VAL A 380 4.23 2.63 -28.11
C VAL A 380 3.40 3.83 -28.55
N LEU A 381 2.16 3.91 -28.07
CA LEU A 381 1.26 5.00 -28.42
C LEU A 381 1.78 6.34 -27.89
N LYS A 382 2.49 6.35 -26.77
CA LYS A 382 2.95 7.62 -26.18
C LYS A 382 4.46 7.74 -26.28
N ASP A 383 5.04 6.95 -27.18
CA ASP A 383 6.48 6.95 -27.42
C ASP A 383 7.05 8.38 -27.66
N GLU A 384 7.89 8.82 -26.72
CA GLU A 384 8.43 10.17 -26.70
C GLU A 384 9.32 10.38 -27.93
N ALA A 385 10.01 9.33 -28.35
CA ALA A 385 10.92 9.37 -29.50
C ALA A 385 10.20 9.28 -30.85
N VAL A 386 8.86 9.13 -30.84
CA VAL A 386 8.07 9.00 -32.07
C VAL A 386 7.12 10.18 -32.31
N TRP A 387 6.32 10.54 -31.32
CA TRP A 387 5.27 11.53 -31.52
C TRP A 387 5.71 12.94 -31.09
N GLU A 388 5.55 13.93 -31.99
CA GLU A 388 5.82 15.37 -31.66
C GLU A 388 5.40 15.77 -30.22
N LYS A 389 4.15 15.46 -29.85
CA LYS A 389 3.60 15.88 -28.57
C LYS A 389 2.81 14.75 -27.92
N PRO A 390 3.53 13.78 -27.32
CA PRO A 390 2.87 12.51 -26.98
C PRO A 390 1.78 12.69 -25.93
N PHE A 391 1.94 13.65 -25.05
CA PHE A 391 0.98 13.80 -23.96
C PHE A 391 -0.16 14.80 -24.26
N ARG A 392 -0.26 15.21 -25.52
CA ARG A 392 -1.24 16.21 -25.87
C ARG A 392 -2.19 15.75 -26.95
N PHE A 393 -3.39 16.30 -26.94
CA PHE A 393 -4.35 15.97 -27.96
C PHE A 393 -3.98 16.78 -29.21
N HIS A 394 -3.52 16.08 -30.24
CA HIS A 394 -2.84 16.69 -31.35
C HIS A 394 -3.04 15.92 -32.65
N PRO A 395 -4.15 16.19 -33.36
CA PRO A 395 -4.51 15.48 -34.58
C PRO A 395 -3.46 15.55 -35.69
N GLU A 396 -2.59 16.56 -35.62
CA GLU A 396 -1.45 16.74 -36.55
C GLU A 396 -0.61 15.51 -36.68
N HIS A 397 -0.45 14.81 -35.56
CA HIS A 397 0.23 13.51 -35.54
C HIS A 397 -0.09 12.70 -36.79
N PHE A 398 -1.35 12.80 -37.23
CA PHE A 398 -1.86 12.05 -38.37
C PHE A 398 -2.04 12.87 -39.65
N LEU A 399 -1.58 14.12 -39.67
CA LEU A 399 -1.69 14.94 -40.87
C LEU A 399 -0.34 15.35 -41.40
N ASP A 400 -0.09 15.07 -42.67
CA ASP A 400 1.12 15.57 -43.30
C ASP A 400 1.07 17.09 -43.63
N ALA A 401 2.18 17.62 -44.16
CA ALA A 401 2.34 19.05 -44.48
C ALA A 401 1.22 19.62 -45.35
N GLN A 402 0.67 18.77 -46.24
CA GLN A 402 -0.48 19.13 -47.08
C GLN A 402 -1.85 18.87 -46.41
N GLY A 403 -1.87 18.22 -45.25
CA GLY A 403 -3.12 17.84 -44.59
C GLY A 403 -3.78 16.61 -45.21
N HIS A 404 -2.95 15.69 -45.71
CA HIS A 404 -3.40 14.34 -46.01
C HIS A 404 -3.15 13.52 -44.77
N PHE A 405 -4.04 12.55 -44.57
CA PHE A 405 -3.95 11.64 -43.44
C PHE A 405 -2.76 10.69 -43.66
N VAL A 406 -1.96 10.50 -42.62
CA VAL A 406 -0.91 9.51 -42.59
C VAL A 406 -1.01 8.76 -41.27
N LYS A 407 -0.69 7.47 -41.26
CA LYS A 407 -0.61 6.76 -39.98
C LYS A 407 0.76 6.10 -39.72
N PRO A 408 1.53 6.70 -38.79
CA PRO A 408 2.74 6.14 -38.28
C PRO A 408 2.61 4.66 -37.95
N GLU A 409 3.72 3.95 -37.95
CA GLU A 409 3.73 2.55 -37.54
C GLU A 409 3.47 2.40 -36.06
N ALA A 410 3.84 3.42 -35.30
CA ALA A 410 3.54 3.46 -33.87
C ALA A 410 2.03 3.43 -33.52
N PHE A 411 1.16 3.59 -34.51
CA PHE A 411 -0.26 3.51 -34.23
C PHE A 411 -0.73 2.04 -34.02
N LEU A 412 -0.76 1.61 -32.75
CA LEU A 412 -1.13 0.24 -32.39
C LEU A 412 -2.21 0.11 -31.30
N PRO A 413 -3.35 0.78 -31.44
CA PRO A 413 -4.30 0.61 -30.33
C PRO A 413 -4.89 -0.83 -30.29
N PHE A 414 -4.94 -1.54 -31.43
CA PHE A 414 -5.54 -2.88 -31.53
C PHE A 414 -4.43 -3.93 -31.47
N SER A 415 -3.23 -3.45 -31.14
CA SER A 415 -2.06 -4.30 -31.04
C SER A 415 -1.62 -4.78 -32.44
N ALA A 416 -0.98 -5.94 -32.53
CA ALA A 416 -0.31 -6.38 -33.73
C ALA A 416 -0.07 -7.90 -33.73
N GLY A 417 0.11 -8.50 -34.91
CA GLY A 417 0.49 -9.92 -34.96
C GLY A 417 -0.66 -10.94 -35.00
N ARG A 418 -0.37 -12.23 -34.82
CA ARG A 418 -1.39 -13.25 -34.98
C ARG A 418 -2.56 -13.08 -34.00
N ARG A 419 -2.35 -12.34 -32.90
CA ARG A 419 -3.40 -12.20 -31.89
C ARG A 419 -3.95 -10.81 -31.75
N ALA A 420 -3.75 -9.97 -32.75
CA ALA A 420 -4.21 -8.59 -32.72
C ALA A 420 -5.73 -8.63 -32.74
N CYS A 421 -6.39 -7.50 -32.48
CA CYS A 421 -7.83 -7.44 -32.33
C CYS A 421 -8.62 -7.91 -33.57
N LEU A 422 -9.44 -8.95 -33.41
CA LEU A 422 -10.42 -9.43 -34.40
C LEU A 422 -11.38 -8.37 -34.91
N GLY A 423 -11.53 -7.28 -34.15
CA GLY A 423 -12.68 -6.39 -34.28
C GLY A 423 -12.28 -5.18 -35.08
N GLU A 424 -10.99 -5.09 -35.39
CA GLU A 424 -10.51 -3.85 -35.95
C GLU A 424 -11.36 -3.30 -37.13
N PRO A 425 -11.68 -4.13 -38.16
CA PRO A 425 -12.46 -3.59 -39.23
C PRO A 425 -13.81 -3.07 -38.76
N LEU A 426 -14.41 -3.74 -37.78
CA LEU A 426 -15.75 -3.35 -37.32
C LEU A 426 -15.72 -2.16 -36.43
N ALA A 427 -14.62 -2.01 -35.73
CA ALA A 427 -14.49 -0.92 -34.83
C ALA A 427 -14.11 0.35 -35.62
N ARG A 428 -13.22 0.22 -36.63
CA ARG A 428 -12.87 1.36 -37.48
C ARG A 428 -14.19 1.94 -38.00
N MET A 429 -15.08 1.03 -38.37
CA MET A 429 -16.39 1.36 -38.94
C MET A 429 -17.26 2.07 -37.92
N GLU A 430 -17.43 1.44 -36.75
CA GLU A 430 -18.21 2.05 -35.67
C GLU A 430 -17.71 3.48 -35.33
N LEU A 431 -16.39 3.63 -35.12
CA LEU A 431 -15.83 4.93 -34.73
C LEU A 431 -16.15 5.98 -35.76
N PHE A 432 -15.91 5.65 -37.04
CA PHE A 432 -16.14 6.61 -38.08
C PHE A 432 -17.64 6.96 -38.18
N LEU A 433 -18.47 5.93 -38.29
CA LEU A 433 -19.88 6.18 -38.53
C LEU A 433 -20.57 6.86 -37.33
N PHE A 434 -20.37 6.37 -36.11
CA PHE A 434 -21.01 6.97 -34.95
C PHE A 434 -20.47 8.39 -34.77
N PHE A 435 -19.17 8.54 -34.74
CA PHE A 435 -18.58 9.82 -34.45
C PHE A 435 -19.00 10.90 -35.46
N THR A 436 -19.00 10.60 -36.76
CA THR A 436 -19.43 11.56 -37.75
C THR A 436 -20.91 11.83 -37.61
N SER A 437 -21.73 10.79 -37.77
CA SER A 437 -23.16 10.91 -37.55
C SER A 437 -23.45 11.89 -36.43
N LEU A 438 -22.78 11.74 -35.29
CA LEU A 438 -23.03 12.62 -34.14
C LEU A 438 -22.55 14.05 -34.35
N LEU A 439 -21.43 14.25 -35.00
CA LEU A 439 -20.93 15.60 -35.18
C LEU A 439 -21.63 16.30 -36.34
N GLN A 440 -22.32 15.50 -37.15
CA GLN A 440 -23.15 16.04 -38.25
C GLN A 440 -24.43 16.67 -37.72
N HIS A 441 -25.13 15.93 -36.85
CA HIS A 441 -26.41 16.31 -36.27
C HIS A 441 -26.32 17.30 -35.11
N PHE A 442 -25.26 17.21 -34.28
CA PHE A 442 -25.17 18.01 -33.03
C PHE A 442 -23.90 18.83 -32.88
N SER A 443 -23.98 19.79 -31.98
CA SER A 443 -22.82 20.41 -31.40
C SER A 443 -22.73 20.10 -29.93
N PHE A 444 -21.57 19.65 -29.51
CA PHE A 444 -21.38 19.25 -28.14
C PHE A 444 -20.59 20.31 -27.42
N SER A 445 -20.92 20.54 -26.16
CA SER A 445 -20.21 21.50 -25.31
C SER A 445 -20.34 21.13 -23.80
N VAL A 446 -19.57 21.83 -22.97
CA VAL A 446 -19.70 21.64 -21.55
C VAL A 446 -20.89 22.45 -21.04
N PRO A 447 -21.71 21.84 -20.18
CA PRO A 447 -22.87 22.51 -19.62
C PRO A 447 -22.51 23.87 -19.03
N THR A 448 -23.39 24.86 -19.21
CA THR A 448 -23.01 26.26 -19.03
C THR A 448 -22.53 26.74 -17.63
N GLY A 449 -22.96 26.14 -16.54
CA GLY A 449 -22.34 26.51 -15.28
C GLY A 449 -20.97 25.86 -15.09
N GLN A 450 -20.80 24.63 -15.61
CA GLN A 450 -19.84 23.68 -15.09
C GLN A 450 -18.36 23.98 -15.39
N PRO A 451 -17.47 23.64 -14.44
CA PRO A 451 -16.05 23.98 -14.46
C PRO A 451 -15.15 23.34 -15.51
N ARG A 452 -15.65 22.40 -16.30
CA ARG A 452 -14.86 21.86 -17.43
C ARG A 452 -13.95 20.67 -17.06
N PRO A 453 -14.12 19.53 -17.77
CA PRO A 453 -13.74 18.24 -17.22
C PRO A 453 -12.27 17.89 -17.37
N SER A 454 -11.88 16.72 -16.90
CA SER A 454 -10.49 16.34 -16.97
C SER A 454 -10.09 15.64 -18.27
N HIS A 455 -8.85 15.90 -18.69
CA HIS A 455 -8.14 15.16 -19.72
C HIS A 455 -7.76 13.78 -19.18
N HIS A 456 -7.41 13.69 -17.91
CA HIS A 456 -6.88 12.45 -17.32
C HIS A 456 -7.95 11.41 -17.00
N GLY A 457 -7.58 10.13 -17.08
CA GLY A 457 -8.57 9.08 -16.92
C GLY A 457 -8.26 8.04 -15.88
N VAL A 458 -9.30 7.34 -15.41
CA VAL A 458 -9.18 6.38 -14.28
C VAL A 458 -8.64 5.04 -14.76
N PHE A 459 -7.51 4.60 -14.20
CA PHE A 459 -6.68 3.56 -14.84
C PHE A 459 -6.96 2.12 -14.44
N ALA A 460 -7.98 1.49 -15.02
CA ALA A 460 -8.09 0.00 -14.97
C ALA A 460 -7.29 -0.71 -16.09
N PHE A 461 -7.57 -1.99 -16.32
CA PHE A 461 -7.00 -2.68 -17.48
C PHE A 461 -7.69 -2.06 -18.71
N LEU A 462 -8.66 -1.17 -18.41
CA LEU A 462 -9.37 -0.31 -19.37
C LEU A 462 -9.50 1.12 -18.85
N VAL A 463 -8.95 2.09 -19.56
CA VAL A 463 -9.06 3.44 -19.04
C VAL A 463 -10.16 4.29 -19.72
N SER A 464 -11.13 4.67 -18.88
CA SER A 464 -12.19 5.62 -19.22
C SER A 464 -11.83 7.08 -18.94
N PRO A 465 -12.53 8.01 -19.56
CA PRO A 465 -12.49 9.39 -19.06
C PRO A 465 -13.21 9.51 -17.71
N SER A 466 -12.72 10.33 -16.81
CA SER A 466 -13.51 10.55 -15.60
C SER A 466 -14.89 11.08 -16.01
N PRO A 467 -15.92 10.75 -15.22
CA PRO A 467 -17.29 11.10 -15.60
C PRO A 467 -17.49 12.58 -15.93
N TYR A 468 -18.05 12.82 -17.10
CA TYR A 468 -18.37 14.17 -17.54
C TYR A 468 -19.78 14.14 -18.10
N GLU A 469 -20.49 15.24 -18.03
CA GLU A 469 -21.70 15.35 -18.81
C GLU A 469 -21.51 16.41 -19.88
N LEU A 470 -22.27 16.27 -20.95
CA LEU A 470 -22.17 17.15 -22.09
C LEU A 470 -23.57 17.53 -22.60
N CYS A 471 -23.66 18.67 -23.32
CA CYS A 471 -24.87 19.09 -24.01
C CYS A 471 -24.80 18.79 -25.49
N ALA A 472 -25.91 18.29 -26.05
CA ALA A 472 -25.98 18.04 -27.44
C ALA A 472 -27.05 18.96 -28.00
N VAL A 473 -26.63 19.99 -28.73
CA VAL A 473 -27.58 20.90 -29.43
C VAL A 473 -27.48 20.84 -30.97
N PRO A 474 -28.64 20.76 -31.69
CA PRO A 474 -28.66 20.69 -33.16
C PRO A 474 -28.04 21.95 -33.78
N ARG A 475 -27.78 21.95 -35.12
CA ARG A 475 -26.96 23.01 -35.73
C ARG A 475 -27.70 23.98 -36.66
N PRO B 12 -1.25 26.67 -9.74
CA PRO B 12 -0.01 25.90 -9.45
C PRO B 12 -0.14 24.34 -9.64
N PRO B 13 -0.17 23.80 -10.90
CA PRO B 13 -0.69 22.51 -11.41
C PRO B 13 -0.89 21.35 -10.42
N GLY B 14 -0.57 20.10 -10.82
CA GLY B 14 -0.74 18.91 -9.96
C GLY B 14 -2.07 18.14 -10.03
N PRO B 15 -2.07 16.83 -9.72
CA PRO B 15 -3.20 15.95 -10.00
C PRO B 15 -4.30 15.98 -8.93
N LEU B 16 -5.52 15.64 -9.33
CA LEU B 16 -6.69 15.68 -8.49
C LEU B 16 -7.23 14.25 -8.34
N PRO B 17 -7.96 13.96 -7.23
CA PRO B 17 -8.32 12.57 -6.87
C PRO B 17 -9.72 12.09 -7.28
N ASN B 31 7.33 4.83 -2.01
CA ASN B 31 8.48 5.20 -2.85
C ASN B 31 8.25 6.29 -3.91
N THR B 32 9.16 7.27 -3.95
CA THR B 32 8.76 8.62 -4.40
C THR B 32 9.53 9.39 -5.52
N PRO B 33 10.81 9.03 -5.83
CA PRO B 33 11.50 9.94 -6.80
C PRO B 33 11.27 9.50 -8.26
N TYR B 34 11.46 8.21 -8.56
CA TYR B 34 11.07 7.62 -9.86
C TYR B 34 9.59 7.95 -10.10
N CYS B 35 8.85 8.14 -9.00
CA CYS B 35 7.47 8.62 -9.09
C CYS B 35 7.33 10.11 -9.53
N PHE B 36 8.01 11.03 -8.84
CA PHE B 36 7.96 12.46 -9.16
C PHE B 36 8.40 12.73 -10.57
N ASP B 37 9.21 11.82 -11.12
CA ASP B 37 9.71 12.02 -12.47
C ASP B 37 8.56 12.02 -13.49
N GLN B 38 7.56 11.20 -13.20
CA GLN B 38 6.35 11.05 -14.02
C GLN B 38 5.53 12.29 -13.94
N LEU B 39 5.28 12.73 -12.70
CA LEU B 39 4.43 13.91 -12.49
C LEU B 39 5.05 15.12 -13.17
N ARG B 40 6.38 15.21 -13.10
CA ARG B 40 7.13 16.22 -13.83
C ARG B 40 6.83 16.19 -15.32
N ARG B 41 6.99 15.01 -15.92
CA ARG B 41 6.80 14.84 -17.38
C ARG B 41 5.32 14.71 -17.78
N ARG B 42 4.44 15.02 -16.84
CA ARG B 42 2.98 15.12 -17.08
C ARG B 42 2.46 16.52 -16.74
N PHE B 43 3.13 17.19 -15.79
CA PHE B 43 2.70 18.49 -15.25
C PHE B 43 3.73 19.64 -15.35
N GLY B 44 4.92 19.34 -15.87
CA GLY B 44 5.98 20.32 -15.91
C GLY B 44 6.78 20.28 -14.62
N ASP B 45 7.65 21.27 -14.47
CA ASP B 45 8.64 21.27 -13.41
C ASP B 45 8.09 21.59 -12.04
N VAL B 46 7.32 22.65 -11.93
CA VAL B 46 6.62 22.94 -10.69
C VAL B 46 5.26 22.28 -10.72
N PHE B 47 4.97 21.49 -9.68
CA PHE B 47 3.66 20.90 -9.54
C PHE B 47 3.21 20.74 -8.09
N SER B 48 1.92 20.49 -7.90
CA SER B 48 1.27 20.45 -6.59
C SER B 48 0.86 19.08 -6.14
N LEU B 49 1.18 18.75 -4.88
CA LEU B 49 0.57 17.60 -4.23
C LEU B 49 -0.52 18.08 -3.28
N GLN B 50 -1.57 17.26 -3.14
CA GLN B 50 -2.72 17.57 -2.28
C GLN B 50 -3.43 18.86 -2.61
N LEU B 51 -3.49 19.20 -3.90
CA LEU B 51 -4.20 20.41 -4.31
C LEU B 51 -5.44 20.71 -3.47
N ALA B 52 -6.36 19.74 -3.37
CA ALA B 52 -7.65 19.93 -2.68
C ALA B 52 -7.60 20.14 -1.14
N TRP B 53 -6.54 19.64 -0.49
CA TRP B 53 -6.36 19.77 0.99
C TRP B 53 -5.53 20.99 1.39
N THR B 54 -4.28 20.77 1.81
CA THR B 54 -3.26 21.85 1.71
C THR B 54 -2.20 21.46 0.70
N PRO B 55 -1.98 22.34 -0.31
CA PRO B 55 -1.03 22.08 -1.39
C PRO B 55 0.39 21.96 -0.87
N VAL B 56 1.10 20.95 -1.35
CA VAL B 56 2.53 20.79 -1.11
C VAL B 56 3.18 20.86 -2.49
N VAL B 57 4.22 21.67 -2.64
CA VAL B 57 4.73 21.97 -3.99
C VAL B 57 6.09 21.34 -4.17
N VAL B 58 6.25 20.66 -5.29
CA VAL B 58 7.49 19.99 -5.63
C VAL B 58 8.21 20.77 -6.74
N LEU B 59 9.43 21.23 -6.44
CA LEU B 59 10.24 22.01 -7.39
C LEU B 59 11.21 21.10 -8.13
N ASN B 60 11.26 21.23 -9.46
CA ASN B 60 11.93 20.20 -10.24
C ASN B 60 13.07 20.61 -11.16
N GLY B 61 12.92 21.69 -11.92
CA GLY B 61 14.10 22.19 -12.64
C GLY B 61 15.33 22.49 -11.76
N LEU B 62 16.49 22.66 -12.38
CA LEU B 62 17.49 23.49 -11.78
C LEU B 62 16.85 24.87 -11.79
N ALA B 63 16.24 25.20 -12.92
CA ALA B 63 15.52 26.47 -13.08
C ALA B 63 14.50 26.70 -11.95
N ALA B 64 13.66 25.69 -11.67
CA ALA B 64 12.64 25.80 -10.63
C ALA B 64 13.24 25.96 -9.24
N VAL B 65 14.30 25.22 -8.96
CA VAL B 65 14.96 25.23 -7.64
C VAL B 65 15.70 26.52 -7.35
N ARG B 66 16.41 27.03 -8.35
CA ARG B 66 17.12 28.30 -8.24
C ARG B 66 16.11 29.44 -8.00
N GLU B 67 15.04 29.45 -8.77
CA GLU B 67 14.04 30.49 -8.64
C GLU B 67 13.44 30.55 -7.22
N ALA B 68 13.30 29.40 -6.58
CA ALA B 68 12.60 29.39 -5.31
C ALA B 68 13.51 29.64 -4.13
N LEU B 69 14.73 29.11 -4.19
CA LEU B 69 15.60 29.08 -3.04
C LEU B 69 16.59 30.20 -3.06
N VAL B 70 17.02 30.61 -4.26
CA VAL B 70 17.89 31.79 -4.47
C VAL B 70 17.09 33.08 -4.71
N THR B 71 16.40 33.18 -5.86
CA THR B 71 15.66 34.38 -6.17
C THR B 71 14.76 34.78 -5.00
N HIS B 72 13.89 33.88 -4.54
CA HIS B 72 13.01 34.19 -3.41
C HIS B 72 13.50 33.57 -2.10
N GLY B 73 14.80 33.29 -2.03
CA GLY B 73 15.40 32.56 -0.93
C GLY B 73 15.11 33.03 0.48
N GLU B 74 14.86 34.32 0.65
CA GLU B 74 14.57 34.84 1.99
C GLU B 74 13.18 34.41 2.42
N ASP B 75 12.24 34.35 1.47
CA ASP B 75 10.85 33.96 1.74
C ASP B 75 10.51 32.47 1.69
N THR B 76 11.53 31.64 1.42
CA THR B 76 11.38 30.20 1.34
C THR B 76 12.40 29.52 2.24
N ALA B 77 12.95 30.27 3.19
CA ALA B 77 13.93 29.70 4.09
C ALA B 77 13.31 29.21 5.43
N ASP B 78 11.99 29.06 5.46
CA ASP B 78 11.35 28.56 6.66
C ASP B 78 11.23 27.05 6.61
N ARG B 79 11.03 26.48 7.78
CA ARG B 79 11.00 25.05 7.96
C ARG B 79 9.57 24.71 8.40
N PRO B 80 8.96 23.67 7.78
CA PRO B 80 7.60 23.33 8.08
C PRO B 80 7.58 22.69 9.45
N PRO B 81 6.56 22.93 10.26
CA PRO B 81 6.60 22.38 11.60
C PRO B 81 6.71 20.84 11.61
N VAL B 82 7.33 20.31 12.66
CA VAL B 82 7.39 18.85 12.87
C VAL B 82 7.25 18.58 14.34
N PRO B 83 6.62 17.45 14.70
CA PRO B 83 6.47 17.18 16.10
C PRO B 83 7.81 16.98 16.78
N ILE B 84 8.88 16.69 16.04
CA ILE B 84 10.22 16.57 16.67
C ILE B 84 10.50 17.77 17.58
N THR B 85 10.37 19.00 17.06
CA THR B 85 10.65 20.22 17.83
C THR B 85 9.87 20.20 19.12
N GLN B 86 8.57 19.97 19.02
CA GLN B 86 7.71 20.01 20.18
C GLN B 86 8.07 18.91 21.19
N ILE B 87 8.30 17.70 20.67
CA ILE B 87 8.56 16.51 21.49
C ILE B 87 9.83 16.68 22.31
N LEU B 88 10.86 17.20 21.66
CA LEU B 88 12.15 17.43 22.33
C LEU B 88 12.10 18.71 23.18
N GLY B 89 10.92 19.31 23.29
CA GLY B 89 10.73 20.55 24.05
C GLY B 89 11.64 21.69 23.62
N PHE B 90 11.53 22.09 22.35
CA PHE B 90 12.39 23.10 21.79
C PHE B 90 11.92 24.43 22.34
N GLY B 91 11.00 25.08 21.63
CA GLY B 91 10.54 26.39 22.08
C GLY B 91 11.55 27.55 21.95
N PRO B 92 11.43 28.54 22.85
CA PRO B 92 11.54 29.95 22.47
C PRO B 92 12.69 30.17 21.47
N ARG B 93 13.90 30.21 22.02
CA ARG B 93 15.13 30.48 21.32
C ARG B 93 16.06 29.32 21.69
N SER B 94 15.56 28.11 21.47
CA SER B 94 16.23 26.90 21.88
C SER B 94 15.86 25.84 20.85
N GLN B 95 16.00 26.21 19.58
CA GLN B 95 15.93 25.29 18.43
C GLN B 95 17.31 25.35 17.80
N GLY B 96 17.65 24.40 16.96
CA GLY B 96 19.05 24.39 16.48
C GLY B 96 19.24 25.31 15.28
N VAL B 97 19.66 24.70 14.19
CA VAL B 97 19.69 25.33 12.91
C VAL B 97 18.77 24.52 11.98
N PHE B 98 19.08 23.22 11.88
CA PHE B 98 18.36 22.30 10.99
C PHE B 98 16.82 22.41 10.95
N LEU B 99 16.18 22.28 12.11
CA LEU B 99 14.72 22.40 12.19
C LEU B 99 14.27 23.72 12.76
N ALA B 100 15.19 24.64 13.03
CA ALA B 100 14.78 25.92 13.57
C ALA B 100 13.88 26.61 12.57
N ARG B 101 12.94 27.42 13.06
CA ARG B 101 12.07 28.18 12.17
C ARG B 101 12.68 29.52 11.78
N TYR B 102 12.44 29.91 10.53
CA TYR B 102 12.86 31.22 10.05
C TYR B 102 12.45 32.28 11.04
N GLY B 103 13.44 32.98 11.58
CA GLY B 103 13.23 33.98 12.61
C GLY B 103 14.58 34.35 13.18
N PRO B 104 14.60 35.29 14.14
CA PRO B 104 15.83 35.72 14.83
C PRO B 104 16.72 34.54 15.20
N ALA B 105 16.15 33.60 15.95
CA ALA B 105 16.82 32.40 16.43
C ALA B 105 17.71 31.72 15.39
N TRP B 106 17.13 31.39 14.24
CA TRP B 106 17.88 30.68 13.17
C TRP B 106 18.96 31.57 12.48
N ARG B 107 18.58 32.82 12.25
CA ARG B 107 19.45 33.80 11.64
C ARG B 107 20.69 34.02 12.52
N GLU B 108 20.47 34.29 13.80
CA GLU B 108 21.51 34.32 14.82
C GLU B 108 22.54 33.21 14.64
N GLN B 109 22.05 32.02 14.32
CA GLN B 109 22.82 30.81 14.52
C GLN B 109 23.42 30.36 13.24
N ARG B 110 22.82 30.78 12.12
CA ARG B 110 23.39 30.50 10.81
C ARG B 110 24.62 31.36 10.62
N ARG B 111 24.43 32.65 10.89
CA ARG B 111 25.45 33.65 11.15
C ARG B 111 26.63 33.05 11.94
N PHE B 112 26.41 32.58 13.17
CA PHE B 112 27.48 32.14 14.09
C PHE B 112 28.33 31.00 13.58
N SER B 113 27.66 29.99 13.06
CA SER B 113 28.32 28.81 12.53
C SER B 113 29.10 29.08 11.25
N VAL B 114 28.59 29.92 10.33
CA VAL B 114 29.36 30.19 9.11
C VAL B 114 30.59 31.02 9.45
N SER B 115 30.42 32.03 10.32
CA SER B 115 31.54 32.78 10.88
C SER B 115 32.55 31.83 11.46
N THR B 116 32.07 30.90 12.30
CA THR B 116 32.95 30.01 13.04
C THR B 116 33.65 29.01 12.15
N LEU B 117 32.96 28.46 11.16
CA LEU B 117 33.62 27.53 10.24
C LEU B 117 34.60 28.19 9.27
N ARG B 118 34.43 29.47 8.95
CA ARG B 118 35.44 30.18 8.14
C ARG B 118 36.68 30.62 8.90
N ASN B 119 36.55 30.97 10.17
CA ASN B 119 37.72 31.34 10.97
C ASN B 119 38.59 30.16 11.25
N LEU B 120 37.94 29.03 11.54
CA LEU B 120 38.63 27.80 11.87
C LEU B 120 39.09 27.06 10.63
N GLY B 121 38.40 27.32 9.52
CA GLY B 121 38.65 26.61 8.26
C GLY B 121 40.04 26.96 7.82
N LEU B 122 40.23 28.26 7.61
CA LEU B 122 41.46 28.83 7.13
C LEU B 122 42.31 29.21 8.35
N GLY B 123 42.07 30.41 8.89
CA GLY B 123 42.63 30.93 10.15
C GLY B 123 44.04 30.54 10.58
N LYS B 124 44.15 29.41 11.28
CA LYS B 124 45.45 28.79 11.63
C LYS B 124 45.39 27.25 11.37
N LYS B 125 44.91 26.90 10.17
CA LYS B 125 44.79 25.51 9.72
C LYS B 125 44.01 24.63 10.70
N SER B 126 43.35 25.24 11.70
CA SER B 126 42.63 24.46 12.73
C SER B 126 41.84 23.29 12.12
N LEU B 127 40.75 23.59 11.42
CA LEU B 127 39.94 22.55 10.75
C LEU B 127 40.73 21.64 9.87
N GLU B 128 41.69 22.16 9.11
CA GLU B 128 42.54 21.31 8.29
C GLU B 128 43.34 20.34 9.16
N GLN B 129 43.88 20.84 10.27
CA GLN B 129 44.72 20.01 11.09
C GLN B 129 43.89 18.84 11.54
N TRP B 130 42.75 19.16 12.15
CA TRP B 130 41.88 18.17 12.74
C TRP B 130 41.49 17.13 11.72
N VAL B 131 41.22 17.54 10.48
CA VAL B 131 40.85 16.60 9.43
C VAL B 131 42.05 15.73 9.03
N THR B 132 43.16 16.36 8.64
CA THR B 132 44.34 15.61 8.19
C THR B 132 44.81 14.53 9.17
N GLU B 133 44.76 14.85 10.46
CA GLU B 133 45.13 13.84 11.45
C GLU B 133 44.10 12.79 11.59
N GLU B 134 42.85 13.17 11.41
CA GLU B 134 41.78 12.16 11.41
C GLU B 134 41.91 11.21 10.23
N ALA B 135 42.39 11.72 9.10
CA ALA B 135 42.66 10.91 7.93
C ALA B 135 43.77 9.90 8.24
N ALA B 136 44.75 10.34 9.01
CA ALA B 136 45.90 9.51 9.34
C ALA B 136 45.48 8.32 10.21
N CYS B 137 44.56 8.58 11.12
CA CYS B 137 43.93 7.57 11.93
C CYS B 137 43.05 6.63 11.12
N LEU B 138 42.16 7.19 10.31
CA LEU B 138 41.39 6.39 9.39
C LEU B 138 42.30 5.46 8.59
N CYS B 139 43.39 5.98 8.05
CA CYS B 139 44.32 5.16 7.32
C CYS B 139 44.89 4.03 8.17
N ALA B 140 45.23 4.36 9.41
CA ALA B 140 45.77 3.38 10.34
C ALA B 140 44.75 2.28 10.55
N ALA B 141 43.51 2.70 10.82
CA ALA B 141 42.39 1.76 11.06
C ALA B 141 42.15 0.81 9.87
N PHE B 142 42.17 1.34 8.64
CA PHE B 142 42.08 0.52 7.43
C PHE B 142 43.23 -0.45 7.37
N ALA B 143 44.45 0.08 7.60
CA ALA B 143 45.63 -0.72 7.48
C ALA B 143 45.56 -1.89 8.46
N ASN B 144 44.90 -1.67 9.61
CA ASN B 144 44.80 -2.70 10.64
C ASN B 144 44.00 -3.91 10.25
N HIS B 145 43.29 -3.85 9.13
CA HIS B 145 42.51 -4.99 8.64
C HIS B 145 43.31 -6.01 7.81
N SER B 146 44.58 -5.69 7.58
CA SER B 146 45.50 -6.55 6.82
C SER B 146 44.92 -7.15 5.53
N GLY B 147 44.34 -6.30 4.68
CA GLY B 147 43.83 -6.72 3.37
C GLY B 147 42.76 -7.78 3.42
N ARG B 148 42.52 -8.34 4.62
CA ARG B 148 41.32 -9.16 4.88
C ARG B 148 40.06 -8.25 4.76
N PRO B 149 39.01 -8.71 4.03
CA PRO B 149 37.91 -7.81 3.64
C PRO B 149 36.99 -7.35 4.78
N PHE B 150 36.49 -6.13 4.64
CA PHE B 150 35.62 -5.56 5.66
C PHE B 150 34.74 -4.50 5.03
N ARG B 151 33.71 -4.06 5.75
CA ARG B 151 32.94 -2.98 5.19
C ARG B 151 33.24 -1.70 5.89
N PRO B 152 33.54 -0.65 5.11
CA PRO B 152 34.16 0.57 5.59
C PRO B 152 33.23 1.56 6.33
N ASN B 153 31.95 1.24 6.39
CA ASN B 153 30.95 2.12 6.96
C ASN B 153 31.16 2.57 8.43
N GLY B 154 31.39 1.63 9.34
CA GLY B 154 31.59 1.95 10.74
C GLY B 154 32.80 2.83 10.91
N LEU B 155 33.88 2.50 10.22
CA LEU B 155 35.09 3.33 10.28
C LEU B 155 34.90 4.74 9.71
N LEU B 156 34.20 4.80 8.56
CA LEU B 156 33.86 6.09 7.97
C LEU B 156 33.01 6.97 8.88
N ASP B 157 32.10 6.37 9.64
CA ASP B 157 31.34 7.11 10.64
C ASP B 157 32.22 7.65 11.77
N LYS B 158 33.17 6.84 12.24
CA LYS B 158 33.96 7.27 13.40
C LYS B 158 34.82 8.47 13.02
N ALA B 159 35.44 8.39 11.84
CA ALA B 159 36.37 9.39 11.38
C ALA B 159 35.68 10.75 11.24
N VAL B 160 34.65 10.76 10.38
CA VAL B 160 33.81 11.95 10.13
C VAL B 160 33.29 12.54 11.45
N SER B 161 32.78 11.66 12.31
CA SER B 161 32.28 12.04 13.64
C SER B 161 33.32 12.78 14.45
N ASN B 162 34.53 12.23 14.50
CA ASN B 162 35.61 12.79 15.26
C ASN B 162 35.91 14.22 14.85
N VAL B 163 35.86 14.49 13.56
CA VAL B 163 36.05 15.83 13.05
C VAL B 163 35.05 16.81 13.71
N ILE B 164 33.79 16.39 13.84
CA ILE B 164 32.80 17.21 14.52
C ILE B 164 33.08 17.28 16.03
N ALA B 165 33.55 16.19 16.63
CA ALA B 165 33.92 16.18 18.04
C ALA B 165 35.07 17.18 18.30
N SER B 166 35.99 17.30 17.33
CA SER B 166 37.08 18.24 17.46
C SER B 166 36.52 19.66 17.47
N LEU B 167 35.59 19.90 16.55
CA LEU B 167 34.96 21.18 16.39
C LEU B 167 34.19 21.59 17.62
N THR B 168 33.63 20.61 18.32
CA THR B 168 32.65 20.86 19.41
C THR B 168 33.02 20.30 20.79
N CYS B 169 34.09 19.51 20.87
CA CYS B 169 34.47 18.99 22.16
C CYS B 169 35.89 19.34 22.58
N GLY B 170 36.67 19.89 21.64
CA GLY B 170 38.12 20.07 21.84
C GLY B 170 38.86 18.79 21.46
N ARG B 171 38.40 17.66 22.00
CA ARG B 171 38.99 16.32 21.80
C ARG B 171 38.59 15.65 20.51
N ARG B 172 39.39 14.66 20.10
CA ARG B 172 38.91 13.58 19.25
C ARG B 172 38.72 12.36 20.17
N PHE B 173 38.16 11.28 19.62
CA PHE B 173 37.91 10.07 20.38
C PHE B 173 38.66 8.87 19.84
N GLU B 174 39.16 8.06 20.76
CA GLU B 174 39.63 6.73 20.41
C GLU B 174 38.51 5.90 19.74
N TYR B 175 38.79 5.27 18.61
CA TYR B 175 37.79 4.47 17.90
C TYR B 175 37.15 3.36 18.76
N ASP B 176 37.86 2.92 19.80
CA ASP B 176 37.36 1.89 20.71
C ASP B 176 36.76 2.45 22.03
N ASP B 177 36.80 3.76 22.19
CA ASP B 177 36.25 4.43 23.37
C ASP B 177 34.73 4.14 23.54
N PRO B 178 34.34 3.43 24.62
CA PRO B 178 32.94 3.19 24.95
C PRO B 178 32.01 4.41 24.89
N ARG B 179 32.52 5.58 25.30
CA ARG B 179 31.74 6.82 25.32
C ARG B 179 31.40 7.23 23.93
N PHE B 180 32.39 7.04 23.05
CA PHE B 180 32.30 7.40 21.64
C PHE B 180 31.34 6.43 20.98
N LEU B 181 31.54 5.14 21.21
CA LEU B 181 30.66 4.12 20.68
C LEU B 181 29.20 4.33 21.11
N ARG B 182 28.97 4.72 22.36
CA ARG B 182 27.63 5.06 22.78
C ARG B 182 27.09 6.29 22.03
N LEU B 183 27.93 7.34 21.91
CA LEU B 183 27.55 8.57 21.22
C LEU B 183 27.07 8.25 19.81
N LEU B 184 27.87 7.48 19.06
CA LEU B 184 27.55 7.14 17.68
C LEU B 184 26.20 6.43 17.61
N ASP B 185 26.05 5.38 18.45
CA ASP B 185 24.79 4.62 18.61
C ASP B 185 23.71 5.65 18.79
N LEU B 186 23.85 6.50 19.80
CA LEU B 186 22.81 7.50 20.13
C LEU B 186 22.41 8.40 18.97
N ALA B 187 23.39 8.81 18.18
CA ALA B 187 23.16 9.71 17.07
C ALA B 187 22.57 8.99 15.86
N GLN B 188 22.81 7.67 15.74
CA GLN B 188 22.29 6.87 14.62
C GLN B 188 20.84 6.58 14.85
N GLU B 189 20.56 5.94 15.97
CA GLU B 189 19.22 5.55 16.27
C GLU B 189 18.28 6.75 16.45
N GLY B 190 18.83 7.85 16.98
CA GLY B 190 18.05 9.06 17.17
C GLY B 190 17.62 9.61 15.83
N LEU B 191 18.46 9.36 14.83
CA LEU B 191 18.26 9.83 13.48
C LEU B 191 17.27 8.95 12.67
N LYS B 192 17.30 7.62 12.88
CA LYS B 192 16.20 6.77 12.37
C LYS B 192 14.85 7.09 13.04
N GLU B 193 14.87 7.51 14.31
CA GLU B 193 13.65 7.91 14.97
C GLU B 193 13.12 9.18 14.32
N GLU B 194 13.97 10.14 13.99
CA GLU B 194 13.39 11.39 13.48
C GLU B 194 12.96 11.34 12.02
N SER B 195 13.57 10.45 11.25
CA SER B 195 13.21 10.34 9.84
C SER B 195 11.81 9.76 9.62
N GLY B 196 11.33 8.98 10.59
CA GLY B 196 9.94 8.66 10.67
C GLY B 196 9.04 9.88 10.52
N PHE B 197 9.24 10.86 11.40
CA PHE B 197 8.48 12.10 11.42
C PHE B 197 8.73 12.95 10.21
N LEU B 198 9.94 12.87 9.69
CA LEU B 198 10.43 13.76 8.66
C LEU B 198 9.94 13.44 7.27
N ARG B 199 9.58 12.19 7.02
CA ARG B 199 9.10 11.88 5.71
C ARG B 199 7.58 12.15 5.65
N GLU B 200 6.85 11.89 6.75
CA GLU B 200 5.41 12.25 6.86
C GLU B 200 5.15 13.75 6.70
N VAL B 201 6.21 14.54 6.84
CA VAL B 201 6.11 15.99 6.72
C VAL B 201 6.00 16.40 5.24
N LEU B 202 5.53 15.46 4.42
CA LEU B 202 5.09 15.80 3.09
C LEU B 202 3.58 15.71 3.08
N ASN B 203 2.95 16.03 4.22
CA ASN B 203 1.49 16.18 4.28
C ASN B 203 0.87 16.88 5.52
N ALA B 204 0.53 16.07 6.53
CA ALA B 204 -0.41 16.46 7.63
C ALA B 204 0.00 17.64 8.56
N VAL B 205 -1.02 18.19 9.24
CA VAL B 205 -0.91 19.43 10.06
C VAL B 205 0.08 19.37 11.23
N PRO B 206 0.70 20.55 11.52
CA PRO B 206 1.69 20.81 12.59
C PRO B 206 1.75 19.77 13.77
N VAL B 207 0.69 19.77 14.60
CA VAL B 207 0.60 19.05 15.89
C VAL B 207 -0.33 19.88 16.74
N ASP B 208 -1.19 19.20 17.53
CA ASP B 208 -2.32 19.81 18.29
C ASP B 208 -1.90 20.96 19.21
N ARG B 209 -0.79 21.62 18.84
CA ARG B 209 -0.03 22.59 19.63
C ARG B 209 0.67 21.92 20.85
N HIS B 210 0.01 20.90 21.40
CA HIS B 210 0.45 20.21 22.62
C HIS B 210 0.43 18.70 22.41
N ILE B 211 1.46 18.17 21.74
CA ILE B 211 1.62 16.72 21.54
C ILE B 211 1.41 15.93 22.85
N PRO B 212 0.93 14.70 22.73
CA PRO B 212 0.50 13.90 23.90
C PRO B 212 1.56 13.67 25.01
N ALA B 213 2.84 13.88 24.71
CA ALA B 213 3.94 13.71 25.70
C ALA B 213 4.22 12.25 26.14
N LEU B 214 3.17 11.40 26.09
CA LEU B 214 3.33 9.94 25.99
C LEU B 214 4.16 9.71 24.71
N ALA B 215 4.04 10.70 23.81
CA ALA B 215 4.90 10.88 22.66
C ALA B 215 6.38 10.94 23.06
N GLY B 216 6.63 11.09 24.36
CA GLY B 216 8.01 11.08 24.94
C GLY B 216 8.82 9.88 24.42
N LYS B 217 8.36 8.67 24.78
CA LYS B 217 8.98 7.39 24.44
C LYS B 217 9.32 7.23 22.97
N VAL B 218 9.04 8.20 22.11
CA VAL B 218 9.27 8.02 20.68
C VAL B 218 10.64 8.51 20.24
N LEU B 219 11.19 9.50 20.92
CA LEU B 219 12.50 10.00 20.57
C LEU B 219 13.57 9.63 21.59
N ARG B 220 13.32 8.58 22.38
CA ARG B 220 14.21 8.14 23.45
C ARG B 220 15.66 8.38 23.14
N PHE B 221 16.11 7.86 21.99
CA PHE B 221 17.53 7.90 21.62
C PHE B 221 18.01 9.29 21.22
N GLN B 222 17.14 10.05 20.60
CA GLN B 222 17.46 11.40 20.25
C GLN B 222 17.65 12.16 21.54
N LYS B 223 16.77 11.92 22.51
CA LYS B 223 16.83 12.61 23.79
C LYS B 223 18.03 12.13 24.60
N ALA B 224 18.38 10.85 24.48
CA ALA B 224 19.49 10.30 25.22
C ALA B 224 20.75 10.90 24.68
N PHE B 225 20.73 11.18 23.39
CA PHE B 225 21.88 11.70 22.67
C PHE B 225 22.11 13.12 23.08
N LEU B 226 21.05 13.87 23.38
CA LEU B 226 21.22 15.26 23.83
C LEU B 226 21.91 15.24 25.19
N THR B 227 21.44 14.31 26.02
CA THR B 227 21.88 14.18 27.40
C THR B 227 23.36 13.88 27.48
N GLN B 228 23.84 13.11 26.51
CA GLN B 228 25.22 12.77 26.56
C GLN B 228 26.10 13.92 26.10
N LEU B 229 25.64 14.69 25.11
CA LEU B 229 26.38 15.88 24.69
C LEU B 229 26.42 16.86 25.87
N ASP B 230 25.22 17.18 26.36
CA ASP B 230 24.98 18.06 27.49
C ASP B 230 26.12 17.93 28.50
N GLU B 231 26.54 16.69 28.77
CA GLU B 231 27.58 16.47 29.75
C GLU B 231 28.97 16.64 29.14
N LEU B 232 29.17 16.09 27.93
CA LEU B 232 30.45 16.18 27.21
C LEU B 232 30.86 17.64 27.02
N LEU B 233 29.87 18.46 26.71
CA LEU B 233 30.13 19.90 26.64
C LEU B 233 30.14 20.60 28.02
N THR B 234 29.41 20.07 29.01
CA THR B 234 29.55 20.59 30.37
C THR B 234 30.99 20.50 30.88
N GLU B 235 31.69 19.41 30.53
CA GLU B 235 33.07 19.25 30.99
C GLU B 235 34.06 20.01 30.10
N HIS B 236 33.60 20.39 28.92
CA HIS B 236 34.35 21.26 28.06
C HIS B 236 34.35 22.72 28.55
N ARG B 237 33.22 23.21 29.04
CA ARG B 237 33.18 24.55 29.66
C ARG B 237 34.17 24.67 30.85
N MET B 238 34.41 23.56 31.54
CA MET B 238 35.37 23.50 32.63
C MET B 238 36.80 23.71 32.12
N THR B 239 37.12 23.07 31.00
CA THR B 239 38.40 23.22 30.32
C THR B 239 38.65 24.64 29.80
N TRP B 240 37.60 25.27 29.32
CA TRP B 240 37.69 26.49 28.53
C TRP B 240 38.19 27.72 29.28
N ASP B 241 39.14 28.41 28.67
CA ASP B 241 39.75 29.59 29.26
C ASP B 241 39.03 30.85 28.77
N PRO B 242 38.17 31.45 29.62
CA PRO B 242 37.31 32.52 29.15
C PRO B 242 38.09 33.74 28.70
N ALA B 243 39.31 33.91 29.20
CA ALA B 243 40.15 35.09 28.91
C ALA B 243 41.17 34.86 27.78
N GLN B 244 40.77 34.12 26.74
CA GLN B 244 41.64 33.80 25.60
C GLN B 244 40.86 33.51 24.33
N PRO B 245 41.48 33.69 23.15
CA PRO B 245 40.76 33.48 21.90
C PRO B 245 40.30 32.02 21.75
N PRO B 246 38.97 31.80 21.61
CA PRO B 246 38.30 30.51 21.43
C PRO B 246 38.98 29.59 20.44
N ARG B 247 39.08 28.31 20.81
CA ARG B 247 39.87 27.30 20.11
C ARG B 247 39.01 26.48 19.16
N ASP B 248 37.74 26.27 19.55
CA ASP B 248 36.78 25.54 18.73
C ASP B 248 35.41 26.23 18.80
N LEU B 249 34.41 25.59 18.18
CA LEU B 249 33.06 26.15 18.07
C LEU B 249 32.31 26.28 19.42
N THR B 250 32.45 25.30 20.29
CA THR B 250 31.83 25.39 21.61
C THR B 250 32.34 26.66 22.33
N GLU B 251 33.66 26.85 22.32
CA GLU B 251 34.30 27.94 23.05
C GLU B 251 33.85 29.27 22.47
N ALA B 252 33.81 29.36 21.15
CA ALA B 252 33.30 30.55 20.52
C ALA B 252 31.84 30.79 20.86
N PHE B 253 31.09 29.72 21.11
CA PHE B 253 29.68 29.84 21.54
C PHE B 253 29.61 30.40 22.98
N LEU B 254 30.33 29.76 23.89
CA LEU B 254 30.35 30.16 25.28
C LEU B 254 30.69 31.64 25.41
N ALA B 255 31.70 32.07 24.65
CA ALA B 255 32.17 33.45 24.62
C ALA B 255 31.03 34.38 24.25
N GLU B 256 30.35 34.01 23.19
CA GLU B 256 29.23 34.77 22.68
C GLU B 256 28.05 34.77 23.67
N MET B 257 28.06 33.79 24.57
CA MET B 257 27.03 33.67 25.61
C MET B 257 27.22 34.83 26.59
N GLU B 258 28.47 35.24 26.76
CA GLU B 258 28.84 36.34 27.64
C GLU B 258 28.33 37.68 27.08
N LYS B 259 28.75 38.07 25.89
CA LYS B 259 28.22 39.29 25.28
C LYS B 259 26.73 39.42 25.57
N ALA B 260 26.01 38.30 25.46
CA ALA B 260 24.57 38.38 25.41
C ALA B 260 23.92 38.14 26.78
N LYS B 261 24.74 37.91 27.80
CA LYS B 261 24.26 37.75 29.20
C LYS B 261 23.12 38.70 29.58
N GLY B 262 23.15 39.90 29.02
CA GLY B 262 22.09 40.88 29.23
C GLY B 262 20.82 40.43 28.55
N ASN B 263 20.78 40.58 27.23
CA ASN B 263 19.65 40.19 26.35
C ASN B 263 18.81 38.97 26.83
N PRO B 264 17.55 39.21 27.26
CA PRO B 264 16.64 38.13 27.69
C PRO B 264 16.35 37.16 26.56
N GLU B 265 16.28 37.70 25.33
CA GLU B 265 16.33 36.88 24.11
C GLU B 265 17.76 36.67 23.66
N SER B 266 17.96 36.32 22.40
CA SER B 266 19.27 35.86 21.95
C SER B 266 19.27 34.39 22.16
N SER B 267 19.79 33.70 21.15
CA SER B 267 19.77 32.25 21.08
C SER B 267 21.05 31.62 21.64
N PHE B 268 21.85 32.40 22.37
CA PHE B 268 23.06 31.89 22.98
C PHE B 268 22.84 31.43 24.44
N ASN B 269 22.08 30.35 24.63
CA ASN B 269 21.90 29.71 25.94
C ASN B 269 22.68 28.42 26.00
N ASP B 270 22.60 27.78 27.16
CA ASP B 270 23.06 26.39 27.31
C ASP B 270 22.07 25.50 26.56
N GLU B 271 20.79 25.85 26.69
CA GLU B 271 19.70 25.21 25.98
C GLU B 271 20.00 25.00 24.52
N ASN B 272 20.39 26.08 23.85
CA ASN B 272 20.58 26.00 22.43
C ASN B 272 21.92 25.39 22.01
N LEU B 273 22.92 25.51 22.88
CA LEU B 273 24.26 25.06 22.56
C LEU B 273 24.16 23.62 22.13
N ARG B 274 23.57 22.79 22.98
CA ARG B 274 23.55 21.34 22.77
C ARG B 274 22.74 20.91 21.57
N ILE B 275 21.70 21.67 21.25
CA ILE B 275 20.93 21.35 20.05
C ILE B 275 21.78 21.68 18.85
N VAL B 276 22.47 22.81 18.90
CA VAL B 276 23.29 23.23 17.78
C VAL B 276 24.35 22.18 17.49
N VAL B 277 24.95 21.67 18.54
CA VAL B 277 26.00 20.68 18.41
C VAL B 277 25.38 19.38 17.89
N ALA B 278 24.26 19.00 18.51
CA ALA B 278 23.50 17.84 18.09
C ALA B 278 23.21 17.87 16.58
N ASP B 279 22.72 19.03 16.09
CA ASP B 279 22.46 19.24 14.66
C ASP B 279 23.69 19.02 13.83
N LEU B 280 24.80 19.63 14.23
CA LEU B 280 26.06 19.51 13.52
C LEU B 280 26.47 18.04 13.41
N PHE B 281 26.34 17.31 14.52
CA PHE B 281 26.68 15.91 14.57
C PHE B 281 25.85 15.07 13.62
N SER B 282 24.53 15.22 13.67
CA SER B 282 23.67 14.39 12.84
C SER B 282 23.77 14.81 11.38
N ALA B 283 23.50 16.09 11.10
CA ALA B 283 23.59 16.63 9.76
C ALA B 283 24.96 16.33 9.19
N GLY B 284 25.99 16.50 10.00
CA GLY B 284 27.36 16.37 9.52
C GLY B 284 27.87 14.96 9.30
N MET B 285 27.88 14.16 10.33
CA MET B 285 28.40 12.82 10.21
C MET B 285 27.85 12.06 8.98
N VAL B 286 26.54 11.75 9.00
CA VAL B 286 25.98 10.72 8.15
C VAL B 286 26.10 11.06 6.68
N THR B 287 25.93 12.34 6.34
CA THR B 287 26.04 12.80 4.94
C THR B 287 27.46 12.61 4.38
N THR B 288 28.45 13.13 5.08
CA THR B 288 29.85 12.95 4.68
C THR B 288 30.29 11.49 4.64
N SER B 289 29.89 10.75 5.66
CA SER B 289 30.24 9.37 5.81
C SER B 289 29.67 8.56 4.67
N THR B 290 28.39 8.76 4.38
CA THR B 290 27.69 7.99 3.33
C THR B 290 28.29 8.25 1.95
N THR B 291 28.67 9.50 1.68
CA THR B 291 29.33 9.87 0.44
C THR B 291 30.64 9.12 0.25
N LEU B 292 31.51 9.18 1.25
CA LEU B 292 32.76 8.43 1.22
C LEU B 292 32.50 6.93 0.97
N ALA B 293 31.35 6.43 1.45
CA ALA B 293 30.97 5.05 1.23
C ALA B 293 30.62 4.82 -0.22
N TRP B 294 29.90 5.74 -0.84
CA TRP B 294 29.70 5.70 -2.30
C TRP B 294 31.05 5.82 -3.03
N GLY B 295 31.93 6.70 -2.55
CA GLY B 295 33.24 6.91 -3.12
C GLY B 295 34.00 5.62 -3.26
N LEU B 296 34.16 4.92 -2.13
CA LEU B 296 34.91 3.67 -2.10
C LEU B 296 34.26 2.62 -2.97
N LEU B 297 32.94 2.50 -2.89
CA LEU B 297 32.21 1.53 -3.71
C LEU B 297 32.44 1.75 -5.19
N LEU B 298 32.30 2.99 -5.63
CA LEU B 298 32.54 3.35 -7.01
C LEU B 298 34.01 3.16 -7.42
N MET B 299 34.91 3.31 -6.45
CA MET B 299 36.33 3.10 -6.72
C MET B 299 36.69 1.64 -7.04
N ILE B 300 36.17 0.69 -6.26
CA ILE B 300 36.34 -0.73 -6.52
C ILE B 300 35.47 -1.18 -7.69
N LEU B 301 34.45 -0.38 -7.99
CA LEU B 301 33.56 -0.70 -9.07
C LEU B 301 34.06 -0.15 -10.40
N HIS B 302 34.91 0.88 -10.35
CA HIS B 302 35.59 1.32 -11.57
C HIS B 302 37.08 1.47 -11.36
N PRO B 303 37.80 0.32 -11.33
CA PRO B 303 39.23 0.36 -11.01
C PRO B 303 40.01 1.21 -12.03
N ASP B 304 39.52 1.24 -13.28
CA ASP B 304 39.95 2.21 -14.30
C ASP B 304 40.18 3.62 -13.69
N VAL B 305 39.13 4.18 -13.09
CA VAL B 305 39.17 5.51 -12.48
C VAL B 305 40.13 5.57 -11.27
N GLN B 306 40.08 4.52 -10.43
CA GLN B 306 40.91 4.49 -9.25
C GLN B 306 42.40 4.72 -9.52
N ARG B 307 42.96 3.95 -10.48
CA ARG B 307 44.33 4.11 -10.94
C ARG B 307 44.63 5.55 -11.35
N ARG B 308 43.73 6.15 -12.13
CA ARG B 308 43.95 7.48 -12.67
C ARG B 308 43.96 8.48 -11.56
N VAL B 309 43.13 8.30 -10.54
CA VAL B 309 43.14 9.20 -9.37
C VAL B 309 44.51 9.06 -8.68
N GLN B 310 44.97 7.82 -8.57
CA GLN B 310 46.25 7.55 -7.93
C GLN B 310 47.46 8.03 -8.76
N GLN B 311 47.39 7.84 -10.07
CA GLN B 311 48.32 8.47 -11.00
C GLN B 311 48.52 9.95 -10.67
N GLU B 312 47.42 10.68 -10.59
CA GLU B 312 47.43 12.10 -10.26
C GLU B 312 47.97 12.33 -8.85
N ILE B 313 47.56 11.48 -7.88
CA ILE B 313 48.04 11.58 -6.48
C ILE B 313 49.58 11.58 -6.38
N ASP B 314 50.18 10.59 -7.05
CA ASP B 314 51.63 10.40 -7.07
C ASP B 314 52.34 11.55 -7.77
N ASP B 315 51.67 12.17 -8.75
CA ASP B 315 52.25 13.31 -9.48
C ASP B 315 52.23 14.58 -8.68
N VAL B 316 51.16 14.83 -7.95
CA VAL B 316 50.98 16.09 -7.24
C VAL B 316 51.42 16.07 -5.77
N ILE B 317 51.05 15.04 -5.01
CA ILE B 317 51.35 15.03 -3.58
C ILE B 317 52.60 14.20 -3.30
N GLY B 318 52.73 13.12 -4.05
CA GLY B 318 53.73 12.12 -3.78
C GLY B 318 53.32 11.07 -2.73
N GLN B 319 54.33 10.35 -2.26
CA GLN B 319 54.12 9.21 -1.38
C GLN B 319 54.63 9.48 0.05
N VAL B 320 55.28 10.61 0.29
CA VAL B 320 55.81 10.92 1.61
C VAL B 320 54.85 11.84 2.33
N ARG B 321 54.55 13.02 1.79
CA ARG B 321 53.75 13.99 2.55
C ARG B 321 52.25 13.70 2.60
N ARG B 322 51.61 14.27 3.62
CA ARG B 322 50.17 14.23 3.78
C ARG B 322 49.51 15.20 2.82
N PRO B 323 48.57 14.68 2.01
CA PRO B 323 47.74 15.52 1.17
C PRO B 323 47.22 16.71 1.98
N GLU B 324 47.24 17.89 1.39
CA GLU B 324 46.68 19.06 2.05
C GLU B 324 45.82 19.80 1.07
N MET B 325 45.02 20.71 1.60
CA MET B 325 43.99 21.44 0.86
C MET B 325 44.55 22.14 -0.39
N GLY B 326 45.67 22.81 -0.24
CA GLY B 326 46.40 23.37 -1.36
C GLY B 326 46.55 22.47 -2.57
N ASP B 327 46.67 21.16 -2.38
CA ASP B 327 46.83 20.26 -3.52
C ASP B 327 45.60 20.23 -4.43
N GLN B 328 44.45 20.57 -3.86
CA GLN B 328 43.16 20.43 -4.52
C GLN B 328 43.19 21.14 -5.84
N ALA B 329 43.61 22.41 -5.81
CA ALA B 329 43.69 23.23 -7.01
C ALA B 329 44.48 22.58 -8.15
N HIS B 330 45.48 21.76 -7.84
CA HIS B 330 46.36 21.14 -8.85
C HIS B 330 45.93 19.74 -9.27
N MET B 331 44.72 19.37 -8.87
CA MET B 331 44.28 18.00 -9.01
C MET B 331 42.92 17.92 -9.69
N PRO B 332 42.88 18.23 -10.99
CA PRO B 332 41.66 18.30 -11.81
C PRO B 332 40.87 17.00 -11.75
N TYR B 333 41.54 15.88 -12.00
CA TYR B 333 40.85 14.62 -12.12
C TYR B 333 40.25 14.16 -10.79
N THR B 334 41.01 14.34 -9.71
CA THR B 334 40.52 13.88 -8.43
C THR B 334 39.29 14.68 -8.11
N THR B 335 39.41 16.02 -8.20
CA THR B 335 38.29 16.95 -7.98
C THR B 335 37.03 16.52 -8.76
N ALA B 336 37.24 16.29 -10.06
CA ALA B 336 36.20 15.81 -10.94
C ALA B 336 35.52 14.57 -10.35
N VAL B 337 36.33 13.55 -10.07
CA VAL B 337 35.89 12.29 -9.49
C VAL B 337 35.07 12.54 -8.23
N ILE B 338 35.63 13.28 -7.29
CA ILE B 338 34.91 13.51 -6.02
C ILE B 338 33.48 14.08 -6.29
N HIS B 339 33.40 15.07 -7.18
CA HIS B 339 32.16 15.67 -7.60
C HIS B 339 31.25 14.63 -8.26
N GLU B 340 31.78 13.79 -9.14
CA GLU B 340 30.94 12.76 -9.76
C GLU B 340 30.40 11.73 -8.73
N VAL B 341 31.17 11.48 -7.69
CA VAL B 341 30.70 10.63 -6.62
C VAL B 341 29.46 11.26 -5.98
N GLN B 342 29.57 12.55 -5.66
CA GLN B 342 28.46 13.32 -5.11
C GLN B 342 27.20 13.31 -6.02
N ARG B 343 27.40 13.52 -7.32
CA ARG B 343 26.29 13.60 -8.22
C ARG B 343 25.65 12.27 -8.54
N PHE B 344 26.44 11.25 -8.81
CA PHE B 344 25.90 9.89 -9.00
C PHE B 344 25.36 9.33 -7.71
N GLY B 345 26.10 9.44 -6.62
CA GLY B 345 25.62 8.98 -5.31
C GLY B 345 24.25 9.54 -4.99
N ASP B 346 24.11 10.86 -5.13
CA ASP B 346 22.86 11.57 -4.96
C ASP B 346 22.14 11.19 -3.65
N ILE B 347 22.79 11.47 -2.53
CA ILE B 347 22.42 10.89 -1.25
C ILE B 347 21.20 11.49 -0.57
N VAL B 348 20.95 12.79 -0.70
CA VAL B 348 19.80 13.44 -0.10
C VAL B 348 18.86 13.87 -1.22
N PRO B 349 18.03 12.93 -1.74
CA PRO B 349 17.39 13.18 -3.04
C PRO B 349 16.44 14.32 -3.03
N LEU B 350 15.74 14.48 -1.91
CA LEU B 350 14.71 15.50 -1.81
C LEU B 350 15.19 16.63 -0.93
N GLY B 351 16.47 16.58 -0.59
CA GLY B 351 17.08 17.56 0.30
C GLY B 351 16.32 17.60 1.59
N MET B 352 16.23 18.77 2.21
CA MET B 352 15.39 18.94 3.39
C MET B 352 14.28 19.91 3.02
N THR B 353 13.16 19.77 3.70
CA THR B 353 11.88 20.29 3.27
C THR B 353 11.79 21.75 3.68
N HIS B 354 11.27 22.60 2.80
CA HIS B 354 11.15 24.05 3.07
C HIS B 354 9.70 24.47 3.23
N MET B 355 9.49 25.73 3.58
CA MET B 355 8.15 26.32 3.73
C MET B 355 8.16 27.84 3.46
N THR B 356 7.12 28.32 2.78
CA THR B 356 7.13 29.73 2.41
C THR B 356 6.83 30.60 3.64
N SER B 357 7.43 31.80 3.63
CA SER B 357 7.29 32.77 4.70
C SER B 357 6.31 33.85 4.28
N ARG B 358 6.14 33.97 2.97
CA ARG B 358 5.06 34.76 2.35
C ARG B 358 4.91 34.39 0.87
N ASP B 359 3.79 34.77 0.26
CA ASP B 359 3.51 34.34 -1.12
C ASP B 359 4.59 34.75 -2.09
N ILE B 360 4.62 34.07 -3.23
CA ILE B 360 5.80 33.88 -4.05
C ILE B 360 5.38 33.35 -5.43
N GLU B 361 6.01 33.87 -6.49
CA GLU B 361 5.83 33.38 -7.85
C GLU B 361 6.96 32.39 -8.06
N VAL B 362 6.66 31.25 -8.64
CA VAL B 362 7.71 30.51 -9.33
C VAL B 362 7.13 29.96 -10.62
N GLN B 363 7.88 30.18 -11.70
CA GLN B 363 7.46 29.85 -13.06
C GLN B 363 6.05 30.29 -13.38
N GLY B 364 5.68 31.44 -12.83
CA GLY B 364 4.36 32.03 -13.05
C GLY B 364 3.33 31.71 -11.98
N PHE B 365 3.61 30.71 -11.14
CA PHE B 365 2.60 30.21 -10.20
C PHE B 365 2.60 30.91 -8.85
N ARG B 366 1.40 31.24 -8.33
CA ARG B 366 1.26 31.82 -6.98
C ARG B 366 1.45 30.74 -5.91
N ILE B 367 2.34 31.00 -4.95
CA ILE B 367 2.61 30.03 -3.87
C ILE B 367 2.43 30.65 -2.48
N PRO B 368 1.23 30.48 -1.91
CA PRO B 368 0.73 31.12 -0.69
C PRO B 368 1.68 30.98 0.47
N LYS B 369 1.67 31.99 1.36
CA LYS B 369 2.37 31.94 2.65
C LYS B 369 2.07 30.61 3.38
N GLY B 370 3.10 30.05 4.04
CA GLY B 370 3.04 28.72 4.67
C GLY B 370 2.69 27.66 3.64
N THR B 371 3.69 27.08 3.01
CA THR B 371 3.47 26.04 1.99
C THR B 371 4.70 25.15 2.00
N THR B 372 4.48 23.85 2.01
CA THR B 372 5.58 22.92 1.96
C THR B 372 6.19 22.88 0.56
N LEU B 373 7.46 23.28 0.48
CA LEU B 373 8.28 23.17 -0.73
C LEU B 373 9.15 21.96 -0.62
N ILE B 374 9.02 21.06 -1.58
CA ILE B 374 9.89 19.90 -1.69
C ILE B 374 10.83 20.19 -2.83
N THR B 375 12.12 20.04 -2.56
CA THR B 375 13.16 20.47 -3.49
C THR B 375 13.79 19.22 -4.07
N ASN B 376 13.30 18.80 -5.24
CA ASN B 376 13.82 17.58 -5.83
C ASN B 376 15.29 17.72 -6.32
N LEU B 377 16.22 17.57 -5.40
CA LEU B 377 17.63 17.77 -5.71
C LEU B 377 18.16 16.73 -6.70
N SER B 378 17.62 15.53 -6.55
CA SER B 378 17.94 14.46 -7.45
C SER B 378 17.60 14.84 -8.91
N SER B 379 16.41 15.40 -9.13
CA SER B 379 16.00 15.82 -10.48
C SER B 379 16.94 16.82 -11.13
N VAL B 380 17.60 17.64 -10.31
CA VAL B 380 18.61 18.58 -10.77
C VAL B 380 19.91 17.83 -11.05
N LEU B 381 20.32 16.96 -10.10
CA LEU B 381 21.55 16.20 -10.20
C LEU B 381 21.51 15.23 -11.35
N LYS B 382 20.33 14.70 -11.64
CA LYS B 382 20.20 13.69 -12.67
C LYS B 382 19.46 14.23 -13.87
N ASP B 383 19.34 15.55 -13.95
CA ASP B 383 18.67 16.19 -15.07
C ASP B 383 19.16 15.65 -16.42
N GLU B 384 18.23 15.06 -17.17
CA GLU B 384 18.49 14.45 -18.48
C GLU B 384 18.98 15.49 -19.49
N ALA B 385 18.38 16.69 -19.43
CA ALA B 385 18.66 17.79 -20.36
C ALA B 385 19.92 18.58 -19.99
N VAL B 386 20.60 18.16 -18.91
CA VAL B 386 21.86 18.80 -18.49
C VAL B 386 23.13 17.94 -18.62
N TRP B 387 23.07 16.69 -18.12
CA TRP B 387 24.25 15.84 -18.01
C TRP B 387 24.36 14.82 -19.16
N GLU B 388 25.53 14.74 -19.79
CA GLU B 388 25.81 13.80 -20.88
C GLU B 388 25.25 12.40 -20.64
N LYS B 389 25.46 11.85 -19.45
CA LYS B 389 25.05 10.48 -19.06
C LYS B 389 24.55 10.43 -17.59
N PRO B 390 23.32 10.85 -17.37
CA PRO B 390 22.94 11.18 -16.01
C PRO B 390 22.92 9.96 -15.14
N PHE B 391 22.63 8.81 -15.71
CA PHE B 391 22.51 7.62 -14.90
C PHE B 391 23.78 6.77 -14.85
N ARG B 392 24.90 7.36 -15.26
CA ARG B 392 26.15 6.65 -15.26
C ARG B 392 27.27 7.35 -14.46
N PHE B 393 28.21 6.56 -13.95
CA PHE B 393 29.29 7.16 -13.22
C PHE B 393 30.31 7.63 -14.24
N HIS B 394 30.50 8.94 -14.30
CA HIS B 394 31.10 9.57 -15.47
C HIS B 394 31.79 10.89 -15.10
N PRO B 395 33.03 10.79 -14.58
CA PRO B 395 33.79 11.94 -14.12
C PRO B 395 33.98 13.06 -15.15
N GLU B 396 33.87 12.72 -16.45
CA GLU B 396 33.88 13.67 -17.57
C GLU B 396 32.94 14.83 -17.38
N HIS B 397 31.76 14.54 -16.86
CA HIS B 397 30.82 15.58 -16.50
C HIS B 397 31.51 16.83 -15.99
N PHE B 398 32.58 16.63 -15.22
CA PHE B 398 33.30 17.71 -14.58
C PHE B 398 34.62 18.13 -15.28
N LEU B 399 34.96 17.45 -16.37
CA LEU B 399 36.20 17.74 -17.07
C LEU B 399 35.95 18.32 -18.42
N ASP B 400 36.64 19.42 -18.73
CA ASP B 400 36.53 20.02 -20.05
C ASP B 400 37.42 19.31 -21.07
N ALA B 401 37.34 19.74 -22.31
CA ALA B 401 38.11 19.17 -23.42
C ALA B 401 39.60 19.04 -23.14
N GLN B 402 40.15 19.95 -22.33
CA GLN B 402 41.57 19.91 -21.91
C GLN B 402 41.80 19.13 -20.60
N GLY B 403 40.74 18.67 -19.96
CA GLY B 403 40.88 17.97 -18.69
C GLY B 403 41.05 18.93 -17.52
N HIS B 404 40.53 20.15 -17.67
CA HIS B 404 40.38 21.05 -16.53
C HIS B 404 39.05 20.74 -15.87
N PHE B 405 39.02 20.87 -14.56
CA PHE B 405 37.81 20.66 -13.80
C PHE B 405 36.89 21.83 -14.11
N VAL B 406 35.61 21.54 -14.37
CA VAL B 406 34.57 22.57 -14.44
C VAL B 406 33.40 22.10 -13.58
N LYS B 407 32.66 23.05 -13.00
CA LYS B 407 31.45 22.61 -12.30
C LYS B 407 30.16 23.25 -12.78
N PRO B 408 29.32 22.49 -13.55
CA PRO B 408 28.03 22.94 -13.99
C PRO B 408 27.22 23.58 -12.85
N GLU B 409 26.34 24.52 -13.18
CA GLU B 409 25.43 25.06 -12.18
C GLU B 409 24.47 24.00 -11.62
N ALA B 410 24.20 22.95 -12.40
CA ALA B 410 23.36 21.85 -11.95
C ALA B 410 23.97 21.03 -10.79
N PHE B 411 25.23 21.30 -10.43
CA PHE B 411 25.83 20.62 -9.31
C PHE B 411 25.34 21.21 -7.98
N LEU B 412 24.33 20.56 -7.40
CA LEU B 412 23.69 21.06 -6.18
C LEU B 412 23.48 20.00 -5.08
N PRO B 413 24.52 19.28 -4.68
CA PRO B 413 24.25 18.29 -3.65
C PRO B 413 23.96 18.91 -2.28
N PHE B 414 24.44 20.12 -2.04
CA PHE B 414 24.30 20.80 -0.75
C PHE B 414 23.20 21.80 -0.86
N SER B 415 22.37 21.63 -1.88
CA SER B 415 21.25 22.55 -2.20
C SER B 415 21.70 23.98 -2.58
N ALA B 416 20.96 25.02 -2.17
CA ALA B 416 21.20 26.35 -2.68
C ALA B 416 20.41 27.40 -1.92
N GLY B 417 20.90 28.64 -1.88
CA GLY B 417 20.12 29.71 -1.28
C GLY B 417 20.37 29.98 0.19
N ARG B 418 19.49 30.75 0.83
CA ARG B 418 19.60 31.08 2.25
C ARG B 418 19.85 29.86 3.16
N ARG B 419 19.14 28.77 2.88
CA ARG B 419 19.20 27.58 3.72
C ARG B 419 20.03 26.43 3.19
N ALA B 420 20.93 26.72 2.25
CA ALA B 420 21.80 25.66 1.77
C ALA B 420 22.66 25.09 2.93
N CYS B 421 23.31 23.95 2.73
CA CYS B 421 24.09 23.33 3.77
C CYS B 421 25.21 24.21 4.43
N LEU B 422 25.09 24.48 5.72
CA LEU B 422 26.16 25.03 6.57
C LEU B 422 27.53 24.39 6.45
N GLY B 423 27.56 23.11 6.14
CA GLY B 423 28.79 22.39 6.27
C GLY B 423 29.63 22.43 5.02
N GLU B 424 29.06 22.96 3.95
CA GLU B 424 29.73 22.76 2.66
C GLU B 424 31.28 22.92 2.68
N PRO B 425 31.80 24.03 3.26
CA PRO B 425 33.26 24.16 3.25
C PRO B 425 33.97 23.02 3.97
N LEU B 426 33.40 22.56 5.08
CA LEU B 426 34.02 21.50 5.89
C LEU B 426 33.85 20.13 5.23
N ALA B 427 32.80 19.99 4.45
CA ALA B 427 32.54 18.74 3.77
C ALA B 427 33.44 18.64 2.52
N ARG B 428 33.55 19.73 1.76
CA ARG B 428 34.44 19.75 0.63
C ARG B 428 35.81 19.32 1.11
N MET B 429 36.19 19.80 2.28
CA MET B 429 37.48 19.48 2.90
C MET B 429 37.59 17.99 3.27
N GLU B 430 36.60 17.51 3.99
CA GLU B 430 36.58 16.13 4.41
C GLU B 430 36.68 15.18 3.19
N LEU B 431 35.91 15.45 2.14
CA LEU B 431 35.82 14.52 1.00
C LEU B 431 37.14 14.47 0.27
N PHE B 432 37.79 15.64 0.16
CA PHE B 432 39.06 15.70 -0.54
C PHE B 432 40.16 15.07 0.29
N LEU B 433 40.24 15.44 1.57
CA LEU B 433 41.32 14.92 2.43
C LEU B 433 41.24 13.41 2.74
N PHE B 434 40.04 12.95 3.14
CA PHE B 434 39.84 11.53 3.43
C PHE B 434 40.00 10.71 2.18
N PHE B 435 39.38 11.13 1.09
CA PHE B 435 39.36 10.34 -0.13
C PHE B 435 40.78 10.17 -0.72
N THR B 436 41.50 11.28 -0.84
CA THR B 436 42.88 11.21 -1.31
C THR B 436 43.74 10.39 -0.35
N SER B 437 43.76 10.78 0.94
CA SER B 437 44.57 10.06 1.93
C SER B 437 44.44 8.57 1.74
N LEU B 438 43.20 8.14 1.52
CA LEU B 438 42.94 6.73 1.40
C LEU B 438 43.47 6.16 0.11
N LEU B 439 43.26 6.86 -1.00
CA LEU B 439 43.70 6.34 -2.30
C LEU B 439 45.20 6.47 -2.48
N GLN B 440 45.82 7.31 -1.66
CA GLN B 440 47.28 7.41 -1.59
C GLN B 440 47.94 6.19 -0.93
N HIS B 441 47.38 5.80 0.21
CA HIS B 441 47.86 4.68 1.03
C HIS B 441 47.45 3.28 0.55
N PHE B 442 46.22 3.15 0.04
CA PHE B 442 45.67 1.83 -0.31
C PHE B 442 45.16 1.66 -1.73
N SER B 443 45.10 0.40 -2.15
CA SER B 443 44.34 0.01 -3.32
C SER B 443 43.15 -0.84 -2.91
N PHE B 444 41.98 -0.37 -3.32
CA PHE B 444 40.75 -1.00 -2.93
C PHE B 444 40.26 -1.89 -4.06
N SER B 445 39.75 -3.06 -3.69
CA SER B 445 39.07 -3.93 -4.65
C SER B 445 37.92 -4.76 -4.04
N VAL B 446 37.19 -5.48 -4.87
CA VAL B 446 36.19 -6.39 -4.39
C VAL B 446 36.88 -7.70 -4.00
N PRO B 447 36.49 -8.26 -2.83
CA PRO B 447 37.09 -9.49 -2.29
C PRO B 447 37.14 -10.59 -3.37
N THR B 448 38.19 -11.41 -3.36
CA THR B 448 38.48 -12.24 -4.55
C THR B 448 37.46 -13.35 -4.91
N GLY B 449 36.69 -13.82 -3.95
CA GLY B 449 35.57 -14.69 -4.35
C GLY B 449 34.37 -13.92 -4.95
N GLN B 450 34.14 -12.72 -4.43
CA GLN B 450 32.80 -12.16 -4.38
C GLN B 450 32.27 -11.63 -5.72
N PRO B 451 30.95 -11.80 -5.94
CA PRO B 451 30.32 -11.50 -7.23
C PRO B 451 30.19 -10.03 -7.63
N ARG B 452 30.62 -9.08 -6.78
CA ARG B 452 30.71 -7.66 -7.23
C ARG B 452 29.40 -6.88 -7.05
N PRO B 453 29.48 -5.74 -6.34
CA PRO B 453 28.35 -5.18 -5.66
C PRO B 453 27.48 -4.33 -6.56
N SER B 454 26.40 -3.78 -6.00
CA SER B 454 25.47 -3.02 -6.80
C SER B 454 25.76 -1.53 -6.87
N HIS B 455 25.52 -0.97 -8.05
CA HIS B 455 25.49 0.48 -8.30
C HIS B 455 24.31 1.12 -7.55
N HIS B 456 23.16 0.43 -7.46
CA HIS B 456 21.93 1.00 -6.90
C HIS B 456 21.84 1.05 -5.38
N GLY B 457 21.14 2.03 -4.85
CA GLY B 457 21.13 2.19 -3.40
C GLY B 457 19.76 2.10 -2.74
N VAL B 458 19.75 1.87 -1.43
CA VAL B 458 18.48 1.76 -0.67
C VAL B 458 17.93 3.14 -0.29
N PHE B 459 16.70 3.44 -0.72
CA PHE B 459 16.22 4.84 -0.77
C PHE B 459 15.47 5.38 0.46
N ALA B 460 16.17 5.85 1.49
CA ALA B 460 15.46 6.60 2.55
C ALA B 460 15.52 8.10 2.19
N PHE B 461 15.31 8.97 3.18
CA PHE B 461 15.55 10.42 3.06
C PHE B 461 17.06 10.62 2.93
N LEU B 462 17.79 9.51 3.07
CA LEU B 462 19.20 9.41 2.83
C LEU B 462 19.50 8.11 2.12
N VAL B 463 20.10 8.16 0.93
CA VAL B 463 20.42 6.95 0.22
C VAL B 463 21.88 6.48 0.36
N SER B 464 22.04 5.31 0.98
CA SER B 464 23.31 4.58 1.08
C SER B 464 23.53 3.59 -0.07
N PRO B 465 24.79 3.21 -0.32
CA PRO B 465 24.99 2.07 -1.17
C PRO B 465 24.55 0.77 -0.46
N SER B 466 23.96 -0.19 -1.17
CA SER B 466 23.71 -1.46 -0.50
C SER B 466 25.02 -2.00 0.04
N PRO B 467 24.97 -2.70 1.18
CA PRO B 467 26.16 -3.16 1.88
C PRO B 467 27.13 -3.91 0.98
N TYR B 468 28.39 -3.48 1.01
CA TYR B 468 29.47 -4.14 0.30
C TYR B 468 30.64 -4.25 1.26
N GLU B 469 31.50 -5.24 1.09
CA GLU B 469 32.80 -5.17 1.73
C GLU B 469 33.90 -5.01 0.69
N LEU B 470 35.02 -4.44 1.10
CA LEU B 470 36.12 -4.17 0.20
C LEU B 470 37.42 -4.60 0.85
N CYS B 471 38.47 -4.76 0.05
CA CYS B 471 39.80 -5.03 0.56
C CYS B 471 40.62 -3.78 0.41
N ALA B 472 41.41 -3.46 1.42
CA ALA B 472 42.39 -2.38 1.30
C ALA B 472 43.79 -2.97 1.38
N VAL B 473 44.53 -2.90 0.27
CA VAL B 473 45.94 -3.34 0.26
C VAL B 473 46.90 -2.19 -0.10
N PRO B 474 48.03 -2.08 0.63
CA PRO B 474 49.04 -1.03 0.36
C PRO B 474 49.57 -1.10 -1.08
N ARG B 475 50.37 -0.13 -1.51
CA ARG B 475 50.76 -0.08 -2.93
C ARG B 475 52.26 -0.36 -3.22
N PRO C 12 -4.86 9.03 27.10
CA PRO C 12 -5.90 8.47 26.16
C PRO C 12 -5.35 7.41 25.12
N PRO C 13 -5.06 6.15 25.56
CA PRO C 13 -4.14 5.10 25.03
C PRO C 13 -3.71 5.18 23.55
N GLY C 14 -3.58 4.03 22.88
CA GLY C 14 -3.26 3.97 21.43
C GLY C 14 -1.79 3.81 21.05
N PRO C 15 -1.50 3.20 19.86
CA PRO C 15 -0.14 2.75 19.52
C PRO C 15 0.79 3.86 19.01
N LEU C 16 2.09 3.63 19.18
CA LEU C 16 3.17 4.58 18.84
C LEU C 16 4.10 3.97 17.77
N PRO C 17 4.73 4.83 16.95
CA PRO C 17 5.33 4.34 15.73
C PRO C 17 6.84 4.12 15.67
N LEU C 18 7.31 4.35 14.44
CA LEU C 18 8.66 4.21 13.86
C LEU C 18 8.58 3.84 12.32
N PRO C 19 7.34 3.69 11.72
CA PRO C 19 7.13 2.81 10.53
C PRO C 19 8.19 2.93 9.44
N GLN C 30 -7.17 1.32 4.41
CA GLN C 30 -8.35 1.23 3.55
C GLN C 30 -9.49 0.38 4.14
N ASN C 31 -9.14 -0.86 4.50
CA ASN C 31 -10.03 -1.86 5.17
C ASN C 31 -9.80 -1.91 6.72
N THR C 32 -10.56 -1.05 7.40
CA THR C 32 -10.29 -0.53 8.74
C THR C 32 -11.12 -1.07 9.94
N PRO C 33 -12.20 -1.86 9.71
CA PRO C 33 -12.99 -2.17 10.92
C PRO C 33 -12.51 -3.45 11.58
N TYR C 34 -12.29 -4.51 10.78
CA TYR C 34 -11.67 -5.75 11.29
C TYR C 34 -10.30 -5.37 11.87
N CYS C 35 -9.77 -4.25 11.41
CA CYS C 35 -8.56 -3.69 11.98
C CYS C 35 -8.75 -3.12 13.40
N PHE C 36 -9.69 -2.18 13.56
CA PHE C 36 -9.97 -1.52 14.85
C PHE C 36 -10.31 -2.55 15.92
N ASP C 37 -10.80 -3.70 15.49
CA ASP C 37 -11.21 -4.72 16.44
C ASP C 37 -10.01 -5.19 17.24
N GLN C 38 -8.86 -5.26 16.56
CA GLN C 38 -7.57 -5.62 17.17
C GLN C 38 -7.10 -4.63 18.20
N LEU C 39 -7.05 -3.38 17.77
CA LEU C 39 -6.60 -2.31 18.65
C LEU C 39 -7.48 -2.21 19.89
N ARG C 40 -8.78 -2.44 19.68
CA ARG C 40 -9.74 -2.54 20.78
C ARG C 40 -9.26 -3.58 21.79
N ARG C 41 -9.03 -4.79 21.30
CA ARG C 41 -8.67 -5.92 22.13
C ARG C 41 -7.17 -5.95 22.48
N ARG C 42 -6.49 -4.84 22.19
CA ARG C 42 -5.11 -4.63 22.65
C ARG C 42 -5.02 -3.37 23.54
N PHE C 43 -5.95 -2.42 23.37
CA PHE C 43 -5.92 -1.14 24.07
C PHE C 43 -7.19 -0.77 24.87
N GLY C 44 -8.22 -1.61 24.82
CA GLY C 44 -9.50 -1.24 25.39
C GLY C 44 -10.39 -0.56 24.37
N ASP C 45 -11.54 -0.12 24.87
CA ASP C 45 -12.57 0.48 24.05
C ASP C 45 -12.24 1.85 23.50
N VAL C 46 -11.76 2.77 24.33
CA VAL C 46 -11.32 4.07 23.86
C VAL C 46 -9.84 4.01 23.57
N PHE C 47 -9.48 4.33 22.33
CA PHE C 47 -8.07 4.42 21.97
C PHE C 47 -7.73 5.51 20.93
N SER C 48 -6.43 5.80 20.83
CA SER C 48 -5.95 6.93 20.03
C SER C 48 -5.22 6.54 18.76
N LEU C 49 -5.57 7.23 17.67
CA LEU C 49 -4.78 7.16 16.47
C LEU C 49 -3.96 8.45 16.38
N GLN C 50 -2.77 8.32 15.82
CA GLN C 50 -1.84 9.44 15.63
C GLN C 50 -1.45 10.16 16.89
N LEU C 51 -1.32 9.42 18.00
CA LEU C 51 -0.94 10.04 19.27
C LEU C 51 0.10 11.15 19.10
N ALA C 52 1.19 10.87 18.40
CA ALA C 52 2.31 11.82 18.29
C ALA C 52 2.03 13.10 17.47
N TRP C 53 1.07 13.03 16.53
CA TRP C 53 0.75 14.17 15.64
C TRP C 53 -0.42 15.01 16.18
N THR C 54 -1.61 14.87 15.61
CA THR C 54 -2.86 15.20 16.32
C THR C 54 -3.64 13.92 16.56
N PRO C 55 -3.96 13.65 17.83
CA PRO C 55 -4.72 12.44 18.18
C PRO C 55 -6.09 12.42 17.53
N VAL C 56 -6.44 11.27 16.97
CA VAL C 56 -7.81 10.97 16.51
C VAL C 56 -8.35 9.80 17.34
N VAL C 57 -9.51 9.96 17.97
CA VAL C 57 -9.94 8.98 18.99
C VAL C 57 -11.04 8.11 18.45
N VAL C 58 -10.92 6.81 18.69
CA VAL C 58 -11.90 5.82 18.21
C VAL C 58 -12.71 5.31 19.39
N LEU C 59 -14.02 5.52 19.35
CA LEU C 59 -14.91 5.09 20.43
C LEU C 59 -15.44 3.69 20.12
N ASN C 60 -15.39 2.78 21.09
CA ASN C 60 -15.73 1.39 20.79
C ASN C 60 -16.87 0.65 21.52
N GLY C 61 -16.96 0.77 22.85
CA GLY C 61 -18.14 0.21 23.53
C GLY C 61 -19.47 0.69 22.94
N LEU C 62 -20.57 0.05 23.30
CA LEU C 62 -21.79 0.80 23.45
C LEU C 62 -21.51 1.85 24.53
N ALA C 63 -20.86 1.40 25.61
CA ALA C 63 -20.53 2.19 26.77
C ALA C 63 -19.77 3.46 26.37
N ALA C 64 -18.75 3.28 25.51
CA ALA C 64 -17.87 4.37 25.09
C ALA C 64 -18.59 5.37 24.20
N VAL C 65 -19.48 4.87 23.35
CA VAL C 65 -20.25 5.70 22.43
C VAL C 65 -21.29 6.54 23.14
N ARG C 66 -22.02 5.93 24.07
CA ARG C 66 -23.05 6.62 24.86
C ARG C 66 -22.41 7.75 25.65
N GLU C 67 -21.31 7.46 26.31
CA GLU C 67 -20.65 8.44 27.15
C GLU C 67 -20.23 9.68 26.38
N ALA C 68 -19.81 9.49 25.15
CA ALA C 68 -19.29 10.57 24.34
C ALA C 68 -20.39 11.40 23.67
N LEU C 69 -21.40 10.71 23.15
CA LEU C 69 -22.37 11.30 22.24
C LEU C 69 -23.62 11.74 22.98
N VAL C 70 -23.95 11.01 24.03
CA VAL C 70 -25.09 11.34 24.89
C VAL C 70 -24.64 12.20 26.08
N THR C 71 -23.91 11.57 27.00
CA THR C 71 -23.45 12.25 28.21
C THR C 71 -22.83 13.62 27.90
N HIS C 72 -21.82 13.64 27.02
CA HIS C 72 -21.16 14.89 26.63
C HIS C 72 -21.62 15.36 25.25
N GLY C 73 -22.80 14.87 24.83
CA GLY C 73 -23.36 15.11 23.50
C GLY C 73 -23.29 16.53 23.02
N GLU C 74 -23.48 17.43 23.96
CA GLU C 74 -23.24 18.84 23.76
C GLU C 74 -21.93 18.98 23.02
N ASP C 75 -20.88 18.68 23.78
CA ASP C 75 -19.55 19.03 23.43
C ASP C 75 -18.82 18.18 22.39
N THR C 76 -19.56 17.23 21.80
CA THR C 76 -19.02 16.34 20.78
C THR C 76 -19.89 16.39 19.55
N ALA C 77 -20.70 17.43 19.44
CA ALA C 77 -21.61 17.54 18.31
C ALA C 77 -21.03 18.37 17.14
N ASP C 78 -19.73 18.59 17.17
CA ASP C 78 -19.13 19.35 16.13
C ASP C 78 -18.63 18.41 15.05
N ARG C 79 -18.46 18.98 13.86
CA ARG C 79 -18.04 18.25 12.71
C ARG C 79 -16.62 18.73 12.45
N PRO C 80 -15.71 17.80 12.12
CA PRO C 80 -14.34 18.16 11.79
C PRO C 80 -14.29 18.84 10.42
N PRO C 81 -13.42 19.83 10.23
CA PRO C 81 -13.42 20.48 8.92
C PRO C 81 -13.14 19.55 7.73
N VAL C 82 -13.77 19.81 6.59
CA VAL C 82 -13.48 19.05 5.37
C VAL C 82 -13.40 20.01 4.21
N PRO C 83 -12.55 19.72 3.22
CA PRO C 83 -12.45 20.63 2.12
C PRO C 83 -13.78 20.75 1.42
N ILE C 84 -14.65 19.76 1.57
CA ILE C 84 -15.94 19.82 0.86
C ILE C 84 -16.64 21.15 1.04
N THR C 85 -16.83 21.54 2.30
CA THR C 85 -17.48 22.81 2.65
C THR C 85 -16.85 24.03 1.95
N GLN C 86 -15.54 24.13 2.03
CA GLN C 86 -14.84 25.24 1.41
C GLN C 86 -15.00 25.18 -0.11
N ILE C 87 -14.77 24.00 -0.69
CA ILE C 87 -14.82 23.81 -2.14
C ILE C 87 -16.17 24.19 -2.68
N LEU C 88 -17.23 23.78 -1.99
CA LEU C 88 -18.60 24.08 -2.41
C LEU C 88 -19.01 25.49 -2.07
N GLY C 89 -18.04 26.30 -1.65
CA GLY C 89 -18.27 27.68 -1.23
C GLY C 89 -19.37 27.79 -0.19
N PHE C 90 -19.24 27.06 0.92
CA PHE C 90 -20.22 27.09 1.99
C PHE C 90 -20.15 28.43 2.71
N GLY C 91 -19.53 28.47 3.87
CA GLY C 91 -19.41 29.77 4.53
C GLY C 91 -20.63 30.13 5.34
N PRO C 92 -20.92 31.45 5.48
CA PRO C 92 -21.34 32.01 6.76
C PRO C 92 -22.30 31.07 7.54
N ARG C 93 -23.56 31.11 7.17
CA ARG C 93 -24.55 30.23 7.70
C ARG C 93 -25.32 29.82 6.45
N SER C 94 -24.57 29.15 5.55
CA SER C 94 -25.02 28.58 4.32
C SER C 94 -24.29 27.24 4.26
N GLN C 95 -24.42 26.50 5.35
CA GLN C 95 -23.94 25.12 5.40
C GLN C 95 -25.19 24.31 5.66
N GLY C 96 -25.17 23.03 5.40
CA GLY C 96 -26.41 22.30 5.49
C GLY C 96 -26.66 21.93 6.93
N VAL C 97 -26.81 20.63 7.15
CA VAL C 97 -26.95 20.10 8.48
C VAL C 97 -25.80 19.11 8.64
N PHE C 98 -25.67 18.16 7.68
CA PHE C 98 -24.69 17.06 7.71
C PHE C 98 -23.26 17.50 8.06
N LEU C 99 -22.71 18.45 7.30
CA LEU C 99 -21.32 18.87 7.47
C LEU C 99 -21.26 20.16 8.26
N ALA C 100 -22.42 20.70 8.58
CA ALA C 100 -22.46 22.01 9.18
C ALA C 100 -21.71 21.94 10.51
N ARG C 101 -21.08 23.03 10.92
CA ARG C 101 -20.34 23.00 12.16
C ARG C 101 -21.29 23.39 13.24
N TYR C 102 -21.16 22.68 14.35
CA TYR C 102 -21.87 22.96 15.62
C TYR C 102 -21.77 24.44 15.88
N GLY C 103 -22.93 25.12 15.85
CA GLY C 103 -23.04 26.58 15.99
C GLY C 103 -24.51 26.94 15.76
N PRO C 104 -24.86 28.26 15.82
CA PRO C 104 -26.21 28.76 15.47
C PRO C 104 -26.81 28.13 14.21
N ALA C 105 -26.05 28.22 13.10
CA ALA C 105 -26.42 27.68 11.78
C ALA C 105 -27.00 26.27 11.81
N TRP C 106 -26.26 25.33 12.40
CA TRP C 106 -26.67 23.91 12.46
C TRP C 106 -27.87 23.68 13.43
N ARG C 107 -27.81 24.35 14.61
CA ARG C 107 -28.89 24.33 15.63
C ARG C 107 -30.24 24.78 15.02
N GLU C 108 -30.24 25.98 14.44
CA GLU C 108 -31.32 26.49 13.59
C GLU C 108 -31.95 25.45 12.69
N GLN C 109 -31.13 24.63 12.06
CA GLN C 109 -31.58 23.81 10.97
C GLN C 109 -31.92 22.38 11.35
N ARG C 110 -31.23 21.85 12.37
CA ARG C 110 -31.64 20.60 12.97
C ARG C 110 -33.08 20.78 13.45
N ARG C 111 -33.36 21.98 14.00
CA ARG C 111 -34.60 22.26 14.74
C ARG C 111 -35.71 22.39 13.73
N PHE C 112 -35.37 22.96 12.61
CA PHE C 112 -36.35 23.14 11.55
C PHE C 112 -36.74 21.82 10.91
N SER C 113 -35.78 20.96 10.70
CA SER C 113 -36.09 19.70 10.07
C SER C 113 -36.81 18.72 10.97
N VAL C 114 -36.39 18.58 12.24
CA VAL C 114 -37.14 17.69 13.18
C VAL C 114 -38.55 18.20 13.36
N SER C 115 -38.73 19.52 13.52
CA SER C 115 -40.06 20.13 13.59
C SER C 115 -40.93 19.72 12.41
N THR C 116 -40.35 19.88 11.22
CA THR C 116 -41.04 19.69 9.97
C THR C 116 -41.31 18.25 9.71
N LEU C 117 -40.36 17.37 10.00
CA LEU C 117 -40.59 15.94 9.78
C LEU C 117 -41.71 15.35 10.64
N ARG C 118 -41.97 15.94 11.80
CA ARG C 118 -42.98 15.41 12.69
C ARG C 118 -44.35 15.90 12.26
N ASN C 119 -44.47 17.21 12.14
CA ASN C 119 -45.70 17.81 11.64
C ASN C 119 -46.24 17.07 10.43
N LEU C 120 -45.35 16.76 9.49
CA LEU C 120 -45.69 16.04 8.28
C LEU C 120 -45.76 14.53 8.53
N GLY C 121 -44.98 14.04 9.52
CA GLY C 121 -44.98 12.62 9.87
C GLY C 121 -46.41 12.12 10.03
N LEU C 122 -47.13 12.69 11.00
CA LEU C 122 -48.48 12.16 11.27
C LEU C 122 -49.59 13.23 11.60
N GLY C 123 -49.22 14.51 11.51
CA GLY C 123 -50.16 15.65 11.40
C GLY C 123 -51.38 15.38 10.51
N LYS C 124 -51.18 15.22 9.19
CA LYS C 124 -52.29 14.77 8.29
C LYS C 124 -51.86 13.64 7.33
N LYS C 125 -51.21 12.62 7.89
CA LYS C 125 -50.75 11.44 7.15
C LYS C 125 -49.95 11.83 5.89
N SER C 126 -49.53 13.10 5.77
CA SER C 126 -48.70 13.57 4.65
C SER C 126 -47.57 12.57 4.37
N LEU C 127 -46.58 12.50 5.26
CA LEU C 127 -45.45 11.63 4.99
C LEU C 127 -45.94 10.21 4.67
N GLU C 128 -46.90 9.71 5.46
CA GLU C 128 -47.41 8.35 5.26
C GLU C 128 -48.02 8.16 3.86
N GLN C 129 -48.98 9.02 3.50
CA GLN C 129 -49.55 9.09 2.15
C GLN C 129 -48.44 9.02 1.11
N TRP C 130 -47.42 9.90 1.20
CA TRP C 130 -46.40 9.94 0.15
C TRP C 130 -45.60 8.64 0.10
N VAL C 131 -45.29 8.03 1.26
CA VAL C 131 -44.53 6.76 1.28
C VAL C 131 -45.38 5.62 0.72
N THR C 132 -46.58 5.45 1.26
CA THR C 132 -47.48 4.34 0.86
C THR C 132 -47.76 4.27 -0.65
N GLU C 133 -48.01 5.42 -1.27
CA GLU C 133 -48.19 5.45 -2.70
C GLU C 133 -46.87 5.12 -3.45
N GLU C 134 -45.77 5.62 -2.92
CA GLU C 134 -44.49 5.29 -3.49
C GLU C 134 -44.26 3.77 -3.43
N ALA C 135 -44.67 3.14 -2.32
CA ALA C 135 -44.60 1.69 -2.21
C ALA C 135 -45.43 1.02 -3.28
N ALA C 136 -46.56 1.66 -3.60
CA ALA C 136 -47.47 1.08 -4.56
C ALA C 136 -46.88 1.19 -5.96
N CYS C 137 -46.15 2.27 -6.25
CA CYS C 137 -45.36 2.34 -7.50
C CYS C 137 -44.24 1.36 -7.53
N LEU C 138 -43.42 1.37 -6.48
CA LEU C 138 -42.35 0.38 -6.36
C LEU C 138 -42.89 -1.05 -6.66
N CYS C 139 -44.02 -1.41 -6.04
CA CYS C 139 -44.60 -2.71 -6.26
C CYS C 139 -44.97 -2.96 -7.73
N ALA C 140 -45.45 -1.90 -8.40
CA ALA C 140 -45.82 -1.94 -9.82
C ALA C 140 -44.58 -2.18 -10.67
N ALA C 141 -43.54 -1.39 -10.38
CA ALA C 141 -42.23 -1.47 -11.05
C ALA C 141 -41.63 -2.87 -10.95
N PHE C 142 -41.56 -3.42 -9.73
CA PHE C 142 -41.18 -4.83 -9.56
C PHE C 142 -42.01 -5.76 -10.44
N ALA C 143 -43.34 -5.60 -10.36
CA ALA C 143 -44.27 -6.50 -11.02
C ALA C 143 -44.04 -6.46 -12.52
N ASN C 144 -43.59 -5.29 -13.02
CA ASN C 144 -43.31 -5.13 -14.42
C ASN C 144 -42.13 -5.95 -14.97
N HIS C 145 -41.36 -6.60 -14.11
CA HIS C 145 -40.26 -7.48 -14.56
C HIS C 145 -40.69 -8.92 -14.81
N SER C 146 -41.98 -9.19 -14.60
CA SER C 146 -42.58 -10.52 -14.86
C SER C 146 -41.79 -11.73 -14.39
N GLY C 147 -41.24 -11.66 -13.19
CA GLY C 147 -40.59 -12.80 -12.58
C GLY C 147 -39.27 -13.14 -13.23
N ARG C 148 -38.99 -12.54 -14.38
CA ARG C 148 -37.67 -12.57 -14.96
C ARG C 148 -36.71 -11.79 -14.00
N PRO C 149 -35.51 -12.35 -13.73
CA PRO C 149 -34.64 -11.80 -12.69
C PRO C 149 -34.03 -10.43 -12.98
N PHE C 150 -33.79 -9.68 -11.91
CA PHE C 150 -33.23 -8.34 -12.01
C PHE C 150 -32.58 -7.93 -10.67
N ARG C 151 -31.81 -6.86 -10.67
CA ARG C 151 -31.30 -6.44 -9.41
C ARG C 151 -32.03 -5.22 -8.98
N PRO C 152 -32.50 -5.21 -7.72
CA PRO C 152 -33.49 -4.23 -7.25
C PRO C 152 -32.92 -2.85 -6.92
N ASN C 153 -31.61 -2.70 -7.01
CA ASN C 153 -30.94 -1.47 -6.58
C ASN C 153 -31.41 -0.16 -7.25
N GLY C 154 -31.45 -0.13 -8.58
CA GLY C 154 -31.91 1.04 -9.24
C GLY C 154 -33.33 1.36 -8.84
N LEU C 155 -34.20 0.37 -8.79
CA LEU C 155 -35.57 0.68 -8.40
C LEU C 155 -35.74 1.15 -6.93
N LEU C 156 -34.93 0.54 -6.05
CA LEU C 156 -34.87 0.95 -4.66
C LEU C 156 -34.42 2.42 -4.49
N ASP C 157 -33.47 2.88 -5.33
CA ASP C 157 -33.02 4.27 -5.31
C ASP C 157 -34.10 5.22 -5.77
N LYS C 158 -34.81 4.85 -6.81
CA LYS C 158 -35.85 5.73 -7.31
C LYS C 158 -36.95 6.00 -6.27
N ALA C 159 -37.41 4.92 -5.64
CA ALA C 159 -38.53 4.99 -4.74
C ALA C 159 -38.20 5.83 -3.50
N VAL C 160 -37.10 5.47 -2.86
CA VAL C 160 -36.63 6.18 -1.70
C VAL C 160 -36.45 7.63 -2.06
N SER C 161 -35.73 7.90 -3.16
CA SER C 161 -35.55 9.24 -3.70
C SER C 161 -36.83 10.02 -3.85
N ASN C 162 -37.84 9.40 -4.43
CA ASN C 162 -39.14 10.06 -4.61
C ASN C 162 -39.74 10.53 -3.33
N VAL C 163 -39.53 9.78 -2.25
CA VAL C 163 -40.10 10.18 -0.96
C VAL C 163 -39.48 11.51 -0.58
N ILE C 164 -38.17 11.65 -0.85
CA ILE C 164 -37.51 12.89 -0.53
C ILE C 164 -37.98 14.00 -1.48
N ALA C 165 -38.10 13.68 -2.78
CA ALA C 165 -38.68 14.61 -3.75
C ALA C 165 -40.02 15.18 -3.25
N SER C 166 -40.83 14.33 -2.63
CA SER C 166 -42.18 14.70 -2.19
C SER C 166 -42.05 15.74 -1.09
N LEU C 167 -41.10 15.47 -0.20
CA LEU C 167 -40.86 16.28 0.96
C LEU C 167 -40.40 17.68 0.52
N THR C 168 -39.67 17.70 -0.58
CA THR C 168 -38.87 18.87 -0.95
C THR C 168 -39.22 19.51 -2.32
N CYS C 169 -40.05 18.85 -3.11
CA CYS C 169 -40.39 19.37 -4.42
C CYS C 169 -41.89 19.47 -4.60
N GLY C 170 -42.65 18.92 -3.66
CA GLY C 170 -44.10 18.79 -3.85
C GLY C 170 -44.48 17.58 -4.72
N ARG C 171 -43.84 17.49 -5.90
CA ARG C 171 -43.92 16.35 -6.87
C ARG C 171 -43.26 15.04 -6.42
N ARG C 172 -43.74 13.94 -6.99
CA ARG C 172 -42.90 12.74 -7.15
C ARG C 172 -42.48 12.70 -8.61
N PHE C 173 -41.61 11.77 -8.97
CA PHE C 173 -41.09 11.69 -10.34
C PHE C 173 -41.40 10.36 -10.97
N GLU C 174 -41.75 10.42 -12.24
CA GLU C 174 -41.88 9.25 -13.04
C GLU C 174 -40.53 8.54 -13.06
N TYR C 175 -40.53 7.22 -12.97
CA TYR C 175 -39.27 6.47 -12.90
C TYR C 175 -38.46 6.57 -14.16
N ASP C 176 -39.13 6.85 -15.28
CA ASP C 176 -38.46 7.12 -16.57
C ASP C 176 -38.19 8.61 -16.94
N ASP C 177 -38.59 9.54 -16.09
CA ASP C 177 -38.32 10.96 -16.26
C ASP C 177 -36.81 11.28 -16.35
N PRO C 178 -36.35 11.78 -17.53
CA PRO C 178 -34.98 12.22 -17.75
C PRO C 178 -34.40 13.17 -16.68
N ARG C 179 -35.22 14.07 -16.16
CA ARG C 179 -34.79 15.00 -15.14
C ARG C 179 -34.44 14.25 -13.87
N PHE C 180 -35.28 13.25 -13.55
CA PHE C 180 -35.16 12.47 -12.33
C PHE C 180 -33.94 11.62 -12.50
N LEU C 181 -33.85 10.91 -13.63
CA LEU C 181 -32.66 10.13 -13.94
C LEU C 181 -31.38 10.98 -13.84
N ARG C 182 -31.35 12.18 -14.40
CA ARG C 182 -30.22 13.09 -14.16
C ARG C 182 -29.93 13.37 -12.66
N LEU C 183 -30.98 13.72 -11.93
CA LEU C 183 -30.85 14.03 -10.53
C LEU C 183 -30.20 12.89 -9.74
N LEU C 184 -30.68 11.67 -9.91
CA LEU C 184 -30.13 10.52 -9.19
C LEU C 184 -28.69 10.34 -9.55
N ASP C 185 -28.40 10.56 -10.82
CA ASP C 185 -27.07 10.37 -11.36
C ASP C 185 -26.16 11.36 -10.67
N LEU C 186 -26.64 12.59 -10.54
CA LEU C 186 -25.90 13.70 -9.95
C LEU C 186 -25.69 13.44 -8.50
N ALA C 187 -26.68 12.89 -7.83
CA ALA C 187 -26.59 12.69 -6.37
C ALA C 187 -25.68 11.50 -5.98
N GLN C 188 -25.54 10.53 -6.88
CA GLN C 188 -24.74 9.35 -6.67
C GLN C 188 -23.28 9.75 -6.83
N GLU C 189 -22.93 10.26 -8.02
CA GLU C 189 -21.55 10.52 -8.37
C GLU C 189 -21.06 11.62 -7.43
N GLY C 190 -21.95 12.52 -7.04
CA GLY C 190 -21.53 13.63 -6.22
C GLY C 190 -21.12 13.10 -4.86
N LEU C 191 -21.79 12.02 -4.47
CA LEU C 191 -21.57 11.41 -3.19
C LEU C 191 -20.35 10.50 -3.24
N LYS C 192 -20.11 9.93 -4.41
CA LYS C 192 -18.87 9.22 -4.70
C LYS C 192 -17.77 10.24 -4.43
N GLU C 193 -17.78 11.36 -5.16
CA GLU C 193 -16.72 12.39 -5.04
C GLU C 193 -16.48 12.87 -3.60
N GLU C 194 -17.52 12.94 -2.79
CA GLU C 194 -17.30 13.43 -1.44
C GLU C 194 -16.73 12.44 -0.44
N SER C 195 -16.94 11.16 -0.70
CA SER C 195 -16.42 10.12 0.20
C SER C 195 -14.89 9.97 0.04
N GLY C 196 -14.36 10.39 -1.10
CA GLY C 196 -12.90 10.58 -1.19
C GLY C 196 -12.34 11.45 -0.06
N PHE C 197 -12.94 12.64 0.09
CA PHE C 197 -12.55 13.59 1.12
C PHE C 197 -12.87 13.11 2.51
N LEU C 198 -13.96 12.37 2.61
CA LEU C 198 -14.54 12.03 3.91
C LEU C 198 -13.76 10.96 4.63
N ARG C 199 -13.04 10.15 3.87
CA ARG C 199 -12.41 9.02 4.49
C ARG C 199 -10.95 9.41 4.86
N GLU C 200 -10.41 10.43 4.19
CA GLU C 200 -9.13 11.03 4.60
C GLU C 200 -9.31 11.84 5.87
N VAL C 201 -10.56 12.17 6.19
CA VAL C 201 -10.82 12.99 7.36
C VAL C 201 -10.66 12.16 8.63
N LEU C 202 -9.91 11.08 8.53
CA LEU C 202 -9.43 10.40 9.70
C LEU C 202 -7.96 10.74 9.95
N ASN C 203 -7.52 11.94 9.52
CA ASN C 203 -6.15 12.48 9.79
C ASN C 203 -5.88 13.98 9.57
N ALA C 204 -5.41 14.33 8.35
CA ALA C 204 -4.75 15.65 8.03
C ALA C 204 -5.55 16.97 8.19
N VAL C 205 -4.77 18.07 8.28
CA VAL C 205 -5.29 19.39 8.67
C VAL C 205 -6.39 19.96 7.77
N PRO C 206 -7.31 20.75 8.39
CA PRO C 206 -8.44 21.49 7.76
C PRO C 206 -8.38 21.75 6.24
N VAL C 207 -7.44 22.63 5.84
CA VAL C 207 -7.27 23.19 4.46
C VAL C 207 -6.68 24.57 4.64
N ASP C 208 -5.76 24.95 3.73
CA ASP C 208 -4.92 26.16 3.86
C ASP C 208 -5.74 27.44 4.04
N ARG C 209 -6.96 27.26 4.59
CA ARG C 209 -8.05 28.26 4.71
C ARG C 209 -8.63 28.61 3.31
N HIS C 210 -7.76 28.63 2.28
CA HIS C 210 -8.12 28.97 0.89
C HIS C 210 -7.69 27.88 -0.11
N ILE C 211 -8.45 26.78 -0.19
CA ILE C 211 -8.20 25.67 -1.15
C ILE C 211 -7.94 26.18 -2.57
N PRO C 212 -7.13 25.47 -3.33
CA PRO C 212 -6.64 26.00 -4.62
C PRO C 212 -7.70 26.43 -5.67
N ALA C 213 -8.98 26.08 -5.45
CA ALA C 213 -10.10 26.42 -6.40
C ALA C 213 -10.01 25.80 -7.82
N LEU C 214 -8.79 25.47 -8.27
CA LEU C 214 -8.56 24.46 -9.33
C LEU C 214 -9.13 23.18 -8.75
N ALA C 215 -9.16 23.14 -7.42
CA ALA C 215 -9.92 22.16 -6.64
C ALA C 215 -11.43 22.12 -7.01
N GLY C 216 -11.87 23.14 -7.76
CA GLY C 216 -13.21 23.23 -8.43
C GLY C 216 -13.61 21.89 -9.09
N LYS C 217 -12.90 21.58 -10.20
CA LYS C 217 -13.07 20.36 -11.01
C LYS C 217 -13.21 19.05 -10.19
N VAL C 218 -13.19 19.10 -8.86
CA VAL C 218 -13.20 17.87 -8.06
C VAL C 218 -14.59 17.49 -7.59
N LEU C 219 -15.45 18.49 -7.39
CA LEU C 219 -16.80 18.16 -6.99
C LEU C 219 -17.84 18.42 -8.08
N ARG C 220 -17.38 18.44 -9.34
CA ARG C 220 -18.21 18.82 -10.48
C ARG C 220 -19.63 18.33 -10.27
N PHE C 221 -19.79 17.06 -9.89
CA PHE C 221 -21.11 16.44 -9.92
C PHE C 221 -21.91 16.81 -8.71
N GLN C 222 -21.22 17.12 -7.62
CA GLN C 222 -21.88 17.58 -6.43
C GLN C 222 -22.40 18.98 -6.72
N LYS C 223 -21.57 19.80 -7.37
CA LYS C 223 -21.95 21.15 -7.72
C LYS C 223 -23.03 21.17 -8.80
N ALA C 224 -22.97 20.22 -9.74
CA ALA C 224 -23.98 20.09 -10.77
C ALA C 224 -25.32 19.73 -10.14
N PHE C 225 -25.25 18.95 -9.06
CA PHE C 225 -26.40 18.44 -8.38
C PHE C 225 -27.05 19.56 -7.62
N LEU C 226 -26.26 20.49 -7.09
CA LEU C 226 -26.86 21.61 -6.40
C LEU C 226 -27.61 22.44 -7.42
N THR C 227 -26.97 22.72 -8.54
CA THR C 227 -27.54 23.56 -9.55
C THR C 227 -28.87 23.05 -10.04
N GLN C 228 -29.05 21.76 -10.11
CA GLN C 228 -30.30 21.23 -10.61
C GLN C 228 -31.40 21.34 -9.58
N LEU C 229 -31.06 21.19 -8.29
CA LEU C 229 -32.02 21.41 -7.22
C LEU C 229 -32.41 22.91 -7.23
N ASP C 230 -31.39 23.76 -7.16
CA ASP C 230 -31.51 25.19 -7.21
C ASP C 230 -32.63 25.61 -8.12
N GLU C 231 -32.75 24.88 -9.21
CA GLU C 231 -33.74 25.21 -10.17
C GLU C 231 -34.96 24.30 -10.21
N LEU C 232 -34.96 23.18 -9.49
CA LEU C 232 -36.20 22.46 -9.24
C LEU C 232 -36.96 23.17 -8.17
N LEU C 233 -36.22 23.76 -7.23
CA LEU C 233 -36.86 24.42 -6.08
C LEU C 233 -37.15 25.87 -6.40
N THR C 234 -36.49 26.42 -7.41
CA THR C 234 -36.90 27.74 -7.89
C THR C 234 -38.30 27.75 -8.51
N GLU C 235 -38.65 26.66 -9.18
CA GLU C 235 -39.98 26.55 -9.77
C GLU C 235 -41.01 26.07 -8.77
N HIS C 236 -40.55 25.53 -7.65
CA HIS C 236 -41.44 25.27 -6.53
C HIS C 236 -41.96 26.58 -5.84
N ARG C 237 -41.15 27.62 -5.83
CA ARG C 237 -41.51 28.87 -5.19
C ARG C 237 -42.57 29.62 -6.00
N MET C 238 -42.57 29.39 -7.31
CA MET C 238 -43.61 29.91 -8.19
C MET C 238 -44.93 29.27 -7.75
N THR C 239 -44.94 27.95 -7.59
CA THR C 239 -46.11 27.17 -7.14
C THR C 239 -46.66 27.62 -5.78
N TRP C 240 -45.75 28.00 -4.88
CA TRP C 240 -46.03 28.07 -3.44
C TRP C 240 -46.90 29.24 -3.08
N ASP C 241 -47.93 28.95 -2.26
CA ASP C 241 -48.91 29.94 -1.87
C ASP C 241 -48.52 30.52 -0.52
N PRO C 242 -47.95 31.74 -0.51
CA PRO C 242 -47.38 32.29 0.73
C PRO C 242 -48.41 32.49 1.84
N ALA C 243 -49.69 32.58 1.48
CA ALA C 243 -50.75 32.90 2.44
C ALA C 243 -51.57 31.65 2.83
N GLN C 244 -50.87 30.52 2.98
CA GLN C 244 -51.49 29.27 3.38
C GLN C 244 -50.54 28.35 4.14
N PRO C 245 -51.07 27.40 4.95
CA PRO C 245 -50.17 26.51 5.68
C PRO C 245 -49.30 25.63 4.74
N PRO C 246 -47.96 25.77 4.81
CA PRO C 246 -46.99 24.99 4.06
C PRO C 246 -47.31 23.49 3.99
N ARG C 247 -47.07 22.88 2.82
CA ARG C 247 -47.56 21.55 2.49
C ARG C 247 -46.41 20.57 2.37
N ASP C 248 -45.18 21.10 2.29
CA ASP C 248 -43.94 20.28 2.39
C ASP C 248 -42.77 21.10 2.96
N LEU C 249 -41.62 20.46 3.06
CA LEU C 249 -40.45 21.05 3.74
C LEU C 249 -39.92 22.35 3.10
N THR C 250 -39.89 22.39 1.77
CA THR C 250 -39.45 23.61 1.05
C THR C 250 -40.35 24.79 1.41
N GLU C 251 -41.65 24.54 1.39
CA GLU C 251 -42.64 25.58 1.67
C GLU C 251 -42.50 26.12 3.09
N ALA C 252 -42.38 25.19 4.04
CA ALA C 252 -42.12 25.55 5.43
C ALA C 252 -40.84 26.36 5.55
N PHE C 253 -39.80 26.01 4.76
CA PHE C 253 -38.54 26.76 4.72
C PHE C 253 -38.77 28.18 4.24
N LEU C 254 -39.40 28.31 3.08
CA LEU C 254 -39.71 29.63 2.47
C LEU C 254 -40.50 30.58 3.38
N ALA C 255 -41.48 30.02 4.09
CA ALA C 255 -42.24 30.78 5.07
C ALA C 255 -41.31 31.31 6.15
N GLU C 256 -40.48 30.42 6.68
CA GLU C 256 -39.54 30.76 7.74
C GLU C 256 -38.54 31.84 7.27
N MET C 257 -38.36 31.92 5.96
CA MET C 257 -37.42 32.84 5.31
C MET C 257 -37.95 34.24 5.28
N GLU C 258 -39.19 34.36 4.82
CA GLU C 258 -40.01 35.54 5.03
C GLU C 258 -39.80 36.09 6.45
N LYS C 259 -40.20 35.37 7.52
CA LYS C 259 -40.11 35.88 8.93
C LYS C 259 -38.71 36.36 9.35
N ALA C 260 -37.67 35.78 8.77
CA ALA C 260 -36.31 36.13 9.16
C ALA C 260 -35.67 37.18 8.22
N LYS C 261 -36.44 37.70 7.27
CA LYS C 261 -35.93 38.72 6.35
C LYS C 261 -35.71 40.09 7.03
N GLY C 262 -35.70 40.11 8.34
CA GLY C 262 -35.04 41.19 9.05
C GLY C 262 -33.59 40.75 9.26
N ASN C 263 -33.44 39.86 10.26
CA ASN C 263 -32.18 39.24 10.71
C ASN C 263 -31.15 39.05 9.60
N PRO C 264 -30.02 39.78 9.67
CA PRO C 264 -28.93 39.69 8.71
C PRO C 264 -28.26 38.34 8.81
N GLU C 265 -28.26 37.76 10.01
CA GLU C 265 -27.94 36.34 10.20
C GLU C 265 -29.20 35.52 10.10
N SER C 266 -29.16 34.31 10.63
CA SER C 266 -30.26 33.39 10.41
C SER C 266 -29.89 32.61 9.20
N SER C 267 -30.09 31.30 9.28
CA SER C 267 -29.68 30.37 8.23
C SER C 267 -30.77 30.12 7.19
N PHE C 268 -31.84 30.92 7.21
CA PHE C 268 -32.91 30.74 6.27
C PHE C 268 -32.69 31.62 5.04
N ASN C 269 -31.73 31.23 4.19
CA ASN C 269 -31.47 31.89 2.89
C ASN C 269 -31.87 30.95 1.78
N ASP C 270 -31.80 31.47 0.55
CA ASP C 270 -31.85 30.64 -0.70
C ASP C 270 -30.62 29.76 -0.78
N GLU C 271 -29.48 30.37 -0.47
CA GLU C 271 -28.20 29.70 -0.24
C GLU C 271 -28.26 28.42 0.57
N ASN C 272 -28.89 28.50 1.73
CA ASN C 272 -28.96 27.35 2.60
C ASN C 272 -30.04 26.38 2.21
N LEU C 273 -31.11 26.85 1.58
CA LEU C 273 -32.21 25.97 1.25
C LEU C 273 -31.71 24.78 0.50
N ARG C 274 -31.05 25.03 -0.63
CA ARG C 274 -30.61 23.98 -1.52
C ARG C 274 -29.58 23.05 -0.92
N ILE C 275 -28.74 23.54 -0.02
CA ILE C 275 -27.80 22.64 0.66
C ILE C 275 -28.58 21.73 1.61
N VAL C 276 -29.57 22.28 2.28
CA VAL C 276 -30.32 21.49 3.20
C VAL C 276 -30.98 20.32 2.46
N VAL C 277 -31.58 20.64 1.31
CA VAL C 277 -32.30 19.65 0.50
C VAL C 277 -31.27 18.61 -0.02
N ALA C 278 -30.16 19.15 -0.53
CA ALA C 278 -29.07 18.37 -1.02
C ALA C 278 -28.64 17.32 0.01
N ASP C 279 -28.49 17.77 1.27
CA ASP C 279 -28.16 16.92 2.44
C ASP C 279 -29.20 15.86 2.62
N LEU C 280 -30.46 16.27 2.65
CA LEU C 280 -31.59 15.36 2.83
C LEU C 280 -31.64 14.30 1.77
N PHE C 281 -31.41 14.72 0.52
CA PHE C 281 -31.33 13.76 -0.60
C PHE C 281 -30.21 12.74 -0.49
N SER C 282 -28.97 13.22 -0.27
CA SER C 282 -27.83 12.32 -0.20
C SER C 282 -27.88 11.45 1.03
N ALA C 283 -27.86 12.06 2.22
CA ALA C 283 -28.01 11.31 3.49
C ALA C 283 -29.17 10.33 3.43
N GLY C 284 -30.25 10.73 2.81
CA GLY C 284 -31.51 10.04 2.91
C GLY C 284 -31.66 8.89 1.96
N MET C 285 -31.50 9.16 0.67
CA MET C 285 -31.68 8.12 -0.33
C MET C 285 -30.78 6.92 -0.10
N VAL C 286 -29.47 7.12 -0.10
CA VAL C 286 -28.58 5.96 -0.18
C VAL C 286 -28.70 5.00 1.01
N THR C 287 -28.79 5.56 2.19
CA THR C 287 -28.90 4.76 3.40
C THR C 287 -30.14 3.87 3.41
N THR C 288 -31.30 4.46 3.14
CA THR C 288 -32.56 3.73 3.15
C THR C 288 -32.61 2.71 2.04
N SER C 289 -32.15 3.14 0.87
CA SER C 289 -32.09 2.27 -0.28
C SER C 289 -31.19 1.05 -0.07
N THR C 290 -29.98 1.26 0.46
CA THR C 290 -29.02 0.18 0.67
C THR C 290 -29.51 -0.84 1.70
N THR C 291 -30.10 -0.37 2.79
CA THR C 291 -30.81 -1.21 3.75
C THR C 291 -31.86 -2.15 3.08
N LEU C 292 -32.79 -1.57 2.31
CA LEU C 292 -33.77 -2.37 1.59
C LEU C 292 -33.10 -3.43 0.71
N ALA C 293 -32.03 -3.05 0.02
CA ALA C 293 -31.21 -4.00 -0.70
C ALA C 293 -30.66 -5.13 0.20
N TRP C 294 -30.16 -4.79 1.38
CA TRP C 294 -29.80 -5.81 2.38
C TRP C 294 -30.99 -6.69 2.73
N GLY C 295 -32.15 -6.03 2.90
CA GLY C 295 -33.41 -6.68 3.29
C GLY C 295 -33.84 -7.75 2.32
N LEU C 296 -33.93 -7.36 1.06
CA LEU C 296 -34.27 -8.31 0.01
C LEU C 296 -33.23 -9.39 -0.08
N LEU C 297 -31.93 -9.08 0.04
CA LEU C 297 -30.92 -10.11 -0.15
C LEU C 297 -31.05 -11.16 0.93
N LEU C 298 -31.25 -10.71 2.15
CA LEU C 298 -31.37 -11.61 3.29
C LEU C 298 -32.66 -12.39 3.21
N MET C 299 -33.69 -11.81 2.60
CA MET C 299 -34.97 -12.52 2.43
C MET C 299 -34.85 -13.71 1.51
N ILE C 300 -34.23 -13.54 0.34
CA ILE C 300 -33.97 -14.66 -0.56
C ILE C 300 -32.89 -15.59 0.00
N LEU C 301 -32.10 -15.08 0.91
CA LEU C 301 -31.04 -15.87 1.47
C LEU C 301 -31.53 -16.68 2.64
N HIS C 302 -32.66 -16.29 3.23
CA HIS C 302 -33.27 -17.05 4.33
C HIS C 302 -34.78 -17.21 4.15
N PRO C 303 -35.19 -18.04 3.16
CA PRO C 303 -36.59 -18.10 2.77
C PRO C 303 -37.46 -18.54 3.96
N ASP C 304 -36.86 -19.35 4.86
CA ASP C 304 -37.42 -19.64 6.19
C ASP C 304 -38.07 -18.39 6.82
N VAL C 305 -37.29 -17.32 6.96
CA VAL C 305 -37.76 -16.05 7.56
C VAL C 305 -38.77 -15.32 6.68
N GLN C 306 -38.57 -15.39 5.37
CA GLN C 306 -39.46 -14.70 4.46
C GLN C 306 -40.89 -15.16 4.69
N ARG C 307 -41.12 -16.48 4.68
CA ARG C 307 -42.46 -17.05 4.87
C ARG C 307 -43.10 -16.54 6.16
N ARG C 308 -42.33 -16.57 7.24
CA ARG C 308 -42.80 -16.15 8.55
C ARG C 308 -43.24 -14.69 8.59
N VAL C 309 -42.48 -13.82 7.91
CA VAL C 309 -42.88 -12.43 7.79
C VAL C 309 -44.21 -12.36 7.03
N GLN C 310 -44.38 -13.23 6.03
CA GLN C 310 -45.53 -13.19 5.16
C GLN C 310 -46.74 -13.77 5.89
N GLN C 311 -46.48 -14.86 6.62
CA GLN C 311 -47.45 -15.39 7.58
C GLN C 311 -48.05 -14.29 8.46
N GLU C 312 -47.19 -13.48 9.07
CA GLU C 312 -47.63 -12.37 9.89
C GLU C 312 -48.39 -11.32 9.07
N ILE C 313 -47.92 -11.06 7.84
CA ILE C 313 -48.52 -10.05 6.95
C ILE C 313 -49.99 -10.40 6.70
N ASP C 314 -50.23 -11.66 6.35
CA ASP C 314 -51.56 -12.11 5.99
C ASP C 314 -52.46 -12.11 7.21
N ASP C 315 -51.88 -12.29 8.38
CA ASP C 315 -52.63 -12.28 9.63
C ASP C 315 -53.05 -10.91 10.03
N VAL C 316 -52.17 -9.93 9.85
CA VAL C 316 -52.43 -8.61 10.39
C VAL C 316 -53.03 -7.66 9.34
N ILE C 317 -52.43 -7.60 8.17
CA ILE C 317 -52.83 -6.60 7.16
C ILE C 317 -53.84 -7.20 6.17
N GLY C 318 -53.60 -8.45 5.81
CA GLY C 318 -54.40 -9.12 4.81
C GLY C 318 -53.82 -8.94 3.44
N GLN C 319 -54.63 -9.20 2.44
CA GLN C 319 -54.21 -9.18 1.03
C GLN C 319 -54.93 -8.09 0.24
N VAL C 320 -55.81 -7.33 0.89
CA VAL C 320 -56.59 -6.31 0.22
C VAL C 320 -56.04 -4.93 0.52
N ARG C 321 -55.96 -4.55 1.79
CA ARG C 321 -55.59 -3.17 2.10
C ARG C 321 -54.11 -2.96 2.05
N ARG C 322 -53.72 -1.69 1.91
CA ARG C 322 -52.30 -1.27 1.94
C ARG C 322 -51.82 -1.26 3.40
N PRO C 323 -50.65 -1.91 3.67
CA PRO C 323 -49.96 -1.80 4.93
C PRO C 323 -49.90 -0.34 5.34
N GLU C 324 -50.22 -0.06 6.60
CA GLU C 324 -50.04 1.26 7.15
C GLU C 324 -49.27 1.20 8.47
N MET C 325 -48.72 2.35 8.84
CA MET C 325 -47.91 2.49 10.03
C MET C 325 -48.54 1.82 11.27
N GLY C 326 -49.83 2.07 11.51
CA GLY C 326 -50.51 1.45 12.63
C GLY C 326 -50.28 -0.07 12.77
N ASP C 327 -50.07 -0.75 11.65
CA ASP C 327 -49.92 -2.23 11.68
C ASP C 327 -48.67 -2.64 12.41
N GLN C 328 -47.70 -1.70 12.45
CA GLN C 328 -46.34 -1.95 12.95
C GLN C 328 -46.38 -2.49 14.38
N ALA C 329 -47.13 -1.80 15.23
CA ALA C 329 -47.36 -2.21 16.61
C ALA C 329 -47.85 -3.66 16.77
N HIS C 330 -48.61 -4.17 15.80
CA HIS C 330 -49.16 -5.53 15.90
C HIS C 330 -48.33 -6.58 15.16
N MET C 331 -47.14 -6.18 14.77
CA MET C 331 -46.32 -7.03 13.91
C MET C 331 -44.92 -7.23 14.49
N PRO C 332 -44.83 -8.01 15.58
CA PRO C 332 -43.60 -8.26 16.30
C PRO C 332 -42.49 -8.80 15.39
N TYR C 333 -42.78 -9.87 14.65
CA TYR C 333 -41.79 -10.58 13.88
C TYR C 333 -41.23 -9.77 12.73
N THR C 334 -42.10 -9.09 12.00
CA THR C 334 -41.65 -8.24 10.91
C THR C 334 -40.75 -7.15 11.47
N THR C 335 -41.20 -6.42 12.50
CA THR C 335 -40.39 -5.45 13.21
C THR C 335 -39.00 -6.00 13.58
N ALA C 336 -39.01 -7.17 14.22
CA ALA C 336 -37.79 -7.85 14.62
C ALA C 336 -36.90 -7.94 13.40
N VAL C 337 -37.44 -8.55 12.35
CA VAL C 337 -36.70 -8.81 11.11
C VAL C 337 -36.09 -7.52 10.59
N ILE C 338 -36.91 -6.51 10.35
CA ILE C 338 -36.43 -5.28 9.78
C ILE C 338 -35.24 -4.79 10.60
N HIS C 339 -35.36 -4.82 11.95
CA HIS C 339 -34.27 -4.39 12.85
C HIS C 339 -33.04 -5.27 12.69
N GLU C 340 -33.22 -6.59 12.57
CA GLU C 340 -32.07 -7.44 12.35
C GLU C 340 -31.41 -7.13 10.99
N VAL C 341 -32.19 -6.68 10.01
CA VAL C 341 -31.63 -6.38 8.70
C VAL C 341 -30.65 -5.20 8.87
N GLN C 342 -31.11 -4.19 9.59
CA GLN C 342 -30.30 -3.05 9.96
C GLN C 342 -29.00 -3.40 10.72
N ARG C 343 -29.10 -4.28 11.73
CA ARG C 343 -27.97 -4.65 12.58
C ARG C 343 -26.98 -5.54 11.86
N PHE C 344 -27.48 -6.53 11.14
CA PHE C 344 -26.59 -7.40 10.41
C PHE C 344 -25.99 -6.63 9.24
N GLY C 345 -26.85 -5.92 8.49
CA GLY C 345 -26.43 -5.16 7.33
C GLY C 345 -25.34 -4.20 7.71
N ASP C 346 -25.54 -3.45 8.80
CA ASP C 346 -24.52 -2.58 9.40
C ASP C 346 -23.86 -1.70 8.37
N ILE C 347 -24.64 -0.79 7.81
CA ILE C 347 -24.29 -0.13 6.54
C ILE C 347 -23.36 1.07 6.65
N VAL C 348 -23.45 1.84 7.75
CA VAL C 348 -22.56 2.96 8.03
C VAL C 348 -21.66 2.59 9.22
N PRO C 349 -20.60 1.80 9.00
CA PRO C 349 -19.93 1.15 10.12
C PRO C 349 -19.27 2.12 11.10
N LEU C 350 -18.74 3.22 10.55
CA LEU C 350 -18.03 4.19 11.36
C LEU C 350 -18.88 5.42 11.63
N GLY C 351 -20.15 5.34 11.23
CA GLY C 351 -21.07 6.48 11.28
C GLY C 351 -20.52 7.67 10.55
N MET C 352 -20.82 8.86 11.03
CA MET C 352 -20.15 10.03 10.54
C MET C 352 -19.25 10.54 11.63
N THR C 353 -18.28 11.33 11.24
CA THR C 353 -17.14 11.59 12.07
C THR C 353 -17.46 12.80 12.93
N HIS C 354 -17.01 12.82 14.18
CA HIS C 354 -17.34 13.91 15.08
C HIS C 354 -16.08 14.66 15.53
N MET C 355 -16.27 15.77 16.24
CA MET C 355 -15.16 16.56 16.76
C MET C 355 -15.54 17.30 18.05
N THR C 356 -14.64 17.36 19.01
CA THR C 356 -14.99 17.92 20.32
C THR C 356 -15.06 19.46 20.24
N SER C 357 -16.00 20.01 21.02
CA SER C 357 -16.24 21.44 21.08
C SER C 357 -15.50 22.05 22.28
N ARG C 358 -15.22 21.19 23.26
CA ARG C 358 -14.33 21.49 24.36
C ARG C 358 -13.91 20.18 25.02
N ASP C 359 -12.86 20.20 25.83
CA ASP C 359 -12.35 18.99 26.48
C ASP C 359 -13.42 18.27 27.29
N ILE C 360 -13.15 16.99 27.52
CA ILE C 360 -14.16 15.97 27.79
C ILE C 360 -13.44 14.73 28.31
N GLU C 361 -14.02 14.05 29.28
CA GLU C 361 -13.32 12.95 29.92
C GLU C 361 -14.03 11.59 29.71
N VAL C 362 -13.77 10.83 28.66
CA VAL C 362 -14.48 9.53 28.45
C VAL C 362 -13.70 8.31 28.90
N GLN C 363 -14.37 7.44 29.65
CA GLN C 363 -13.75 6.33 30.38
C GLN C 363 -12.45 6.70 31.14
N GLY C 364 -12.45 7.91 31.73
CA GLY C 364 -11.32 8.44 32.49
C GLY C 364 -10.38 9.34 31.69
N PHE C 365 -10.41 9.22 30.37
CA PHE C 365 -9.42 9.90 29.49
C PHE C 365 -9.77 11.34 29.07
N ARG C 366 -8.77 12.23 29.18
CA ARG C 366 -8.94 13.62 28.75
C ARG C 366 -8.94 13.68 27.23
N ILE C 367 -9.94 14.36 26.66
CA ILE C 367 -10.02 14.52 25.19
C ILE C 367 -10.18 16.00 24.79
N PRO C 368 -9.04 16.64 24.47
CA PRO C 368 -8.87 18.06 24.21
C PRO C 368 -9.90 18.65 23.25
N LYS C 369 -10.23 19.92 23.46
CA LYS C 369 -10.99 20.71 22.49
C LYS C 369 -10.45 20.50 21.04
N GLY C 370 -11.35 20.34 20.08
CA GLY C 370 -10.99 20.01 18.70
C GLY C 370 -10.30 18.67 18.62
N THR C 371 -11.05 17.60 18.46
CA THR C 371 -10.49 16.26 18.34
C THR C 371 -11.42 15.41 17.48
N THR C 372 -10.84 14.67 16.56
CA THR C 372 -11.63 13.79 15.73
C THR C 372 -12.05 12.58 16.54
N LEU C 373 -13.35 12.47 16.76
CA LEU C 373 -13.96 11.24 17.28
C LEU C 373 -14.48 10.37 16.12
N ILE C 374 -14.02 9.13 16.11
CA ILE C 374 -14.59 8.12 15.25
C ILE C 374 -15.44 7.21 16.08
N THR C 375 -16.71 7.09 15.70
CA THR C 375 -17.69 6.32 16.45
C THR C 375 -17.90 4.97 15.77
N ASN C 376 -17.24 3.95 16.27
CA ASN C 376 -17.33 2.69 15.61
C ASN C 376 -18.69 2.05 15.85
N LEU C 377 -19.67 2.40 15.02
CA LEU C 377 -21.05 1.94 15.21
C LEU C 377 -21.17 0.44 15.00
N SER C 378 -20.37 -0.08 14.07
CA SER C 378 -20.28 -1.49 13.84
C SER C 378 -19.92 -2.26 15.12
N SER C 379 -18.91 -1.79 15.85
CA SER C 379 -18.49 -2.42 17.12
C SER C 379 -19.62 -2.48 18.15
N VAL C 380 -20.57 -1.56 18.07
CA VAL C 380 -21.76 -1.56 18.93
C VAL C 380 -22.81 -2.53 18.44
N LEU C 381 -23.09 -2.49 17.16
CA LEU C 381 -24.04 -3.38 16.53
C LEU C 381 -23.61 -4.85 16.52
N LYS C 382 -22.30 -5.12 16.49
CA LYS C 382 -21.79 -6.51 16.42
C LYS C 382 -21.02 -6.84 17.68
N ASP C 383 -21.24 -6.06 18.72
CA ASP C 383 -20.68 -6.31 20.03
C ASP C 383 -20.86 -7.77 20.43
N GLU C 384 -19.73 -8.42 20.69
CA GLU C 384 -19.65 -9.84 20.98
C GLU C 384 -20.26 -10.13 22.35
N ALA C 385 -20.06 -9.19 23.28
CA ALA C 385 -20.52 -9.28 24.67
C ALA C 385 -22.00 -8.86 24.83
N VAL C 386 -22.65 -8.49 23.73
CA VAL C 386 -24.07 -8.10 23.78
C VAL C 386 -25.03 -9.05 23.04
N TRP C 387 -24.72 -9.37 21.79
CA TRP C 387 -25.65 -10.11 20.92
C TRP C 387 -25.38 -11.60 20.93
N GLU C 388 -26.43 -12.36 21.18
CA GLU C 388 -26.39 -13.80 21.14
C GLU C 388 -25.52 -14.39 19.99
N LYS C 389 -25.73 -13.93 18.75
CA LYS C 389 -24.99 -14.36 17.54
C LYS C 389 -24.63 -13.17 16.64
N PRO C 390 -23.56 -12.42 16.98
CA PRO C 390 -23.37 -11.12 16.36
C PRO C 390 -23.12 -11.21 14.87
N PHE C 391 -22.48 -12.27 14.41
CA PHE C 391 -22.15 -12.35 13.00
C PHE C 391 -23.18 -13.13 12.17
N ARG C 392 -24.32 -13.42 12.77
CA ARG C 392 -25.35 -14.17 12.08
C ARG C 392 -26.69 -13.44 11.94
N PHE C 393 -27.37 -13.70 10.82
CA PHE C 393 -28.66 -13.09 10.62
C PHE C 393 -29.67 -13.82 11.49
N HIS C 394 -30.15 -13.12 12.51
CA HIS C 394 -30.76 -13.76 13.64
C HIS C 394 -31.81 -12.86 14.25
N PRO C 395 -33.04 -12.85 13.69
CA PRO C 395 -34.12 -11.99 14.14
C PRO C 395 -34.53 -12.13 15.62
N GLU C 396 -34.16 -13.26 16.24
CA GLU C 396 -34.39 -13.52 17.67
C GLU C 396 -33.80 -12.42 18.49
N HIS C 397 -32.69 -11.84 18.04
CA HIS C 397 -32.02 -10.76 18.78
C HIS C 397 -33.06 -9.77 19.31
N PHE C 398 -34.15 -9.67 18.57
CA PHE C 398 -35.15 -8.66 18.83
C PHE C 398 -36.43 -9.21 19.34
N LEU C 399 -36.48 -10.54 19.58
CA LEU C 399 -37.67 -11.23 20.08
C LEU C 399 -37.42 -11.79 21.45
N ASP C 400 -38.27 -11.44 22.41
CA ASP C 400 -38.26 -12.11 23.73
C ASP C 400 -38.84 -13.53 23.72
N ALA C 401 -38.80 -14.18 24.88
CA ALA C 401 -39.25 -15.56 25.06
C ALA C 401 -40.69 -15.84 24.58
N GLN C 402 -41.55 -14.83 24.70
CA GLN C 402 -42.91 -14.89 24.16
C GLN C 402 -43.05 -14.44 22.71
N GLY C 403 -41.97 -13.95 22.11
CA GLY C 403 -42.05 -13.46 20.73
C GLY C 403 -42.68 -12.08 20.67
N HIS C 404 -42.48 -11.30 21.72
CA HIS C 404 -42.64 -9.83 21.65
C HIS C 404 -41.35 -9.16 21.17
N PHE C 405 -41.53 -8.07 20.45
CA PHE C 405 -40.38 -7.32 19.95
C PHE C 405 -39.74 -6.59 21.09
N VAL C 406 -38.42 -6.72 21.24
CA VAL C 406 -37.64 -5.89 22.17
C VAL C 406 -36.46 -5.27 21.42
N LYS C 407 -36.08 -4.06 21.79
CA LYS C 407 -34.86 -3.52 21.22
C LYS C 407 -33.80 -3.16 22.23
N PRO C 408 -32.71 -3.94 22.25
CA PRO C 408 -31.52 -3.67 23.01
C PRO C 408 -31.02 -2.25 22.86
N GLU C 409 -30.42 -1.71 23.90
CA GLU C 409 -29.75 -0.41 23.80
C GLU C 409 -28.62 -0.39 22.78
N ALA C 410 -27.99 -1.54 22.57
CA ALA C 410 -26.95 -1.73 21.54
C ALA C 410 -27.45 -1.51 20.09
N PHE C 411 -28.75 -1.37 19.91
CA PHE C 411 -29.26 -1.08 18.58
C PHE C 411 -29.05 0.40 18.26
N LEU C 412 -27.95 0.67 17.56
CA LEU C 412 -27.58 2.04 17.18
C LEU C 412 -27.25 2.30 15.69
N PRO C 413 -28.11 1.87 14.74
CA PRO C 413 -27.69 2.13 13.38
C PRO C 413 -27.73 3.62 13.02
N PHE C 414 -28.63 4.42 13.61
CA PHE C 414 -28.74 5.82 13.31
C PHE C 414 -27.86 6.64 14.26
N SER C 415 -27.02 5.94 14.99
CA SER C 415 -26.18 6.53 16.03
C SER C 415 -27.00 7.07 17.25
N ALA C 416 -26.54 8.16 17.85
CA ALA C 416 -27.02 8.58 19.16
C ALA C 416 -26.58 10.01 19.56
N GLY C 417 -27.36 10.70 20.38
CA GLY C 417 -26.94 12.02 20.85
C GLY C 417 -27.51 13.22 20.11
N ARG C 418 -26.98 14.42 20.38
CA ARG C 418 -27.37 15.65 19.69
C ARG C 418 -27.16 15.61 18.12
N ARG C 419 -26.30 14.73 17.62
CA ARG C 419 -26.11 14.65 16.18
C ARG C 419 -26.55 13.34 15.53
N ALA C 420 -27.40 12.58 16.22
CA ALA C 420 -27.95 11.35 15.65
C ALA C 420 -28.80 11.61 14.37
N CYS C 421 -29.10 10.59 13.59
CA CYS C 421 -29.77 10.83 12.31
C CYS C 421 -31.09 11.60 12.41
N LEU C 422 -31.19 12.71 11.71
CA LEU C 422 -32.45 13.45 11.49
C LEU C 422 -33.58 12.63 10.92
N GLY C 423 -33.22 11.63 10.14
CA GLY C 423 -34.20 10.97 9.29
C GLY C 423 -34.83 9.78 9.98
N GLU C 424 -34.34 9.42 11.15
CA GLU C 424 -34.80 8.20 11.77
C GLU C 424 -36.33 7.95 11.68
N PRO C 425 -37.19 8.91 12.11
CA PRO C 425 -38.62 8.61 11.96
C PRO C 425 -39.03 8.27 10.51
N LEU C 426 -38.58 9.04 9.56
CA LEU C 426 -38.95 8.81 8.18
C LEU C 426 -38.33 7.54 7.61
N ALA C 427 -37.16 7.18 8.13
CA ALA C 427 -36.50 6.00 7.72
C ALA C 427 -37.23 4.79 8.28
N ARG C 428 -37.52 4.75 9.59
CA ARG C 428 -38.29 3.67 10.21
C ARG C 428 -39.52 3.37 9.39
N MET C 429 -40.19 4.45 8.97
CA MET C 429 -41.40 4.43 8.16
C MET C 429 -41.17 3.78 6.81
N GLU C 430 -40.19 4.31 6.07
CA GLU C 430 -39.79 3.81 4.76
C GLU C 430 -39.51 2.29 4.80
N LEU C 431 -38.80 1.85 5.83
CA LEU C 431 -38.36 0.45 5.92
C LEU C 431 -39.56 -0.46 6.15
N PHE C 432 -40.43 -0.06 7.06
CA PHE C 432 -41.59 -0.88 7.34
C PHE C 432 -42.52 -0.93 6.11
N LEU C 433 -42.90 0.23 5.59
CA LEU C 433 -43.87 0.31 4.53
C LEU C 433 -43.38 -0.33 3.24
N PHE C 434 -42.16 -0.01 2.79
CA PHE C 434 -41.60 -0.58 1.57
C PHE C 434 -41.41 -2.07 1.72
N PHE C 435 -40.84 -2.47 2.85
CA PHE C 435 -40.47 -3.86 3.05
C PHE C 435 -41.71 -4.77 3.11
N THR C 436 -42.72 -4.38 3.88
CA THR C 436 -43.98 -5.15 4.00
C THR C 436 -44.72 -5.13 2.67
N SER C 437 -44.99 -3.93 2.16
CA SER C 437 -45.62 -3.80 0.87
C SER C 437 -45.05 -4.83 -0.10
N LEU C 438 -43.73 -4.92 -0.14
CA LEU C 438 -43.09 -5.81 -1.07
C LEU C 438 -43.33 -7.28 -0.75
N LEU C 439 -43.25 -7.63 0.52
CA LEU C 439 -43.39 -9.03 0.89
C LEU C 439 -44.84 -9.47 0.89
N GLN C 440 -45.75 -8.51 0.90
CA GLN C 440 -47.18 -8.78 0.82
C GLN C 440 -47.56 -9.18 -0.62
N HIS C 441 -47.06 -8.41 -1.60
CA HIS C 441 -47.31 -8.63 -3.04
C HIS C 441 -46.46 -9.76 -3.68
N PHE C 442 -45.20 -9.92 -3.28
CA PHE C 442 -44.30 -10.83 -3.99
C PHE C 442 -43.62 -11.83 -3.11
N SER C 443 -43.08 -12.85 -3.78
CA SER C 443 -42.17 -13.77 -3.17
C SER C 443 -40.83 -13.73 -3.88
N PHE C 444 -39.80 -13.50 -3.08
CA PHE C 444 -38.48 -13.25 -3.63
C PHE C 444 -37.62 -14.48 -3.52
N SER C 445 -36.87 -14.76 -4.56
CA SER C 445 -35.96 -15.91 -4.58
C SER C 445 -34.74 -15.68 -5.47
N VAL C 446 -33.78 -16.61 -5.37
CA VAL C 446 -32.61 -16.58 -6.20
C VAL C 446 -32.93 -17.22 -7.53
N PRO C 447 -32.51 -16.55 -8.64
CA PRO C 447 -32.76 -17.04 -9.98
C PRO C 447 -32.40 -18.54 -10.12
N THR C 448 -33.25 -19.29 -10.82
CA THR C 448 -33.18 -20.76 -10.74
C THR C 448 -31.87 -21.41 -11.20
N GLY C 449 -31.08 -20.77 -12.04
CA GLY C 449 -29.78 -21.35 -12.32
C GLY C 449 -28.77 -21.06 -11.25
N GLN C 450 -28.89 -19.89 -10.65
CA GLN C 450 -27.76 -19.18 -10.05
C GLN C 450 -27.27 -19.70 -8.71
N PRO C 451 -25.94 -19.65 -8.48
CA PRO C 451 -25.28 -20.27 -7.33
C PRO C 451 -25.55 -19.66 -5.95
N ARG C 452 -26.31 -18.57 -5.84
CA ARG C 452 -26.69 -18.08 -4.52
C ARG C 452 -25.67 -17.12 -3.89
N PRO C 453 -26.14 -15.92 -3.49
CA PRO C 453 -25.26 -14.76 -3.33
C PRO C 453 -24.48 -14.70 -2.00
N SER C 454 -23.67 -13.67 -1.81
CA SER C 454 -22.89 -13.54 -0.60
C SER C 454 -23.63 -12.80 0.53
N HIS C 455 -23.42 -13.26 1.75
CA HIS C 455 -23.78 -12.54 2.95
C HIS C 455 -22.87 -11.30 3.12
N HIS C 456 -21.61 -11.41 2.68
CA HIS C 456 -20.59 -10.36 2.89
C HIS C 456 -20.70 -9.16 1.93
N GLY C 457 -20.26 -7.99 2.39
CA GLY C 457 -20.48 -6.79 1.61
C GLY C 457 -19.26 -5.91 1.37
N VAL C 458 -19.31 -5.11 0.30
CA VAL C 458 -18.15 -4.28 -0.12
C VAL C 458 -18.01 -3.02 0.74
N PHE C 459 -16.84 -2.84 1.36
CA PHE C 459 -16.73 -1.93 2.52
C PHE C 459 -16.28 -0.49 2.25
N ALA C 460 -17.18 0.38 1.75
CA ALA C 460 -16.89 1.83 1.75
C ALA C 460 -17.34 2.51 3.08
N PHE C 461 -17.43 3.84 3.08
CA PHE C 461 -18.00 4.53 4.25
C PHE C 461 -19.49 4.10 4.31
N LEU C 462 -19.90 3.40 3.24
CA LEU C 462 -21.21 2.81 3.10
C LEU C 462 -21.10 1.37 2.59
N VAL C 463 -21.65 0.41 3.33
CA VAL C 463 -21.49 -0.96 2.90
C VAL C 463 -22.75 -1.53 2.27
N SER C 464 -22.63 -1.81 0.97
CA SER C 464 -23.64 -2.48 0.14
C SER C 464 -23.49 -4.00 0.09
N PRO C 465 -24.60 -4.74 -0.20
CA PRO C 465 -24.43 -6.15 -0.49
C PRO C 465 -23.75 -6.27 -1.83
N SER C 466 -22.88 -7.25 -2.00
CA SER C 466 -22.32 -7.42 -3.33
C SER C 466 -23.48 -7.71 -4.28
N PRO C 467 -23.36 -7.23 -5.53
CA PRO C 467 -24.45 -7.28 -6.50
C PRO C 467 -25.09 -8.65 -6.58
N TYR C 468 -26.40 -8.69 -6.39
CA TYR C 468 -27.20 -9.92 -6.57
C TYR C 468 -28.40 -9.56 -7.43
N GLU C 469 -28.96 -10.55 -8.11
CA GLU C 469 -30.24 -10.34 -8.74
C GLU C 469 -31.22 -11.26 -8.10
N LEU C 470 -32.48 -10.86 -8.11
CA LEU C 470 -33.53 -11.65 -7.49
C LEU C 470 -34.76 -11.77 -8.40
N CYS C 471 -35.60 -12.76 -8.14
CA CYS C 471 -36.87 -12.86 -8.82
C CYS C 471 -37.98 -12.42 -7.88
N ALA C 472 -38.93 -11.68 -8.43
CA ALA C 472 -40.16 -11.34 -7.71
C ALA C 472 -41.34 -12.03 -8.39
N VAL C 473 -41.99 -12.94 -7.70
CA VAL C 473 -43.21 -13.59 -8.22
C VAL C 473 -44.39 -13.39 -7.26
N PRO C 474 -45.58 -13.03 -7.80
CA PRO C 474 -46.77 -12.82 -6.96
C PRO C 474 -47.15 -14.11 -6.23
N ARG C 475 -48.15 -14.06 -5.36
CA ARG C 475 -48.41 -15.19 -4.44
C ARG C 475 -49.77 -15.97 -4.65
N PRO D 12 -11.52 -26.47 1.20
CA PRO D 12 -10.56 -25.79 2.11
C PRO D 12 -10.65 -24.20 2.13
N PRO D 13 -11.67 -23.59 2.82
CA PRO D 13 -12.25 -22.19 2.71
C PRO D 13 -11.37 -21.06 2.12
N GLY D 14 -11.47 -19.84 2.67
CA GLY D 14 -10.64 -18.71 2.19
C GLY D 14 -11.28 -17.78 1.16
N PRO D 15 -10.84 -16.50 1.10
CA PRO D 15 -11.54 -15.46 0.33
C PRO D 15 -11.24 -15.44 -1.18
N LEU D 16 -12.17 -14.90 -1.95
CA LEU D 16 -12.09 -14.84 -3.42
C LEU D 16 -12.07 -13.37 -3.85
N PRO D 17 -11.46 -13.05 -5.02
CA PRO D 17 -11.17 -11.66 -5.41
C PRO D 17 -12.18 -11.00 -6.38
N ASN D 31 -0.62 -5.11 7.84
CA ASN D 31 0.40 -6.10 8.13
C ASN D 31 -0.18 -7.53 8.22
N THR D 32 0.66 -8.59 8.44
CA THR D 32 0.09 -9.93 8.20
C THR D 32 -0.53 -10.71 9.36
N PRO D 33 -0.11 -10.51 10.64
CA PRO D 33 -0.69 -11.42 11.67
C PRO D 33 -2.02 -10.90 12.23
N TYR D 34 -2.03 -9.62 12.64
CA TYR D 34 -3.28 -8.92 13.03
C TYR D 34 -4.26 -9.08 11.86
N CYS D 35 -3.71 -9.25 10.65
CA CYS D 35 -4.53 -9.57 9.48
C CYS D 35 -5.19 -10.95 9.52
N PHE D 36 -4.39 -12.02 9.56
CA PHE D 36 -4.87 -13.43 9.60
C PHE D 36 -5.88 -13.69 10.70
N ASP D 37 -5.82 -12.89 11.76
CA ASP D 37 -6.72 -13.08 12.87
C ASP D 37 -8.15 -12.81 12.40
N GLN D 38 -8.30 -11.86 11.48
CA GLN D 38 -9.59 -11.52 10.89
C GLN D 38 -10.12 -12.69 10.07
N LEU D 39 -9.28 -13.13 9.12
CA LEU D 39 -9.64 -14.22 8.25
C LEU D 39 -9.98 -15.47 9.05
N ARG D 40 -9.26 -15.70 10.15
CA ARG D 40 -9.65 -16.75 11.09
C ARG D 40 -11.09 -16.57 11.58
N ARG D 41 -11.38 -15.38 12.10
CA ARG D 41 -12.67 -15.16 12.74
C ARG D 41 -13.74 -14.84 11.71
N ARG D 42 -13.41 -15.10 10.44
CA ARG D 42 -14.36 -14.99 9.33
C ARG D 42 -14.51 -16.33 8.61
N PHE D 43 -13.46 -17.16 8.66
CA PHE D 43 -13.38 -18.40 7.89
C PHE D 43 -13.11 -19.65 8.70
N GLY D 44 -12.92 -19.50 10.02
CA GLY D 44 -12.41 -20.61 10.82
C GLY D 44 -10.87 -20.71 10.84
N ASP D 45 -10.42 -21.79 11.48
CA ASP D 45 -9.02 -22.00 11.79
C ASP D 45 -8.12 -22.39 10.59
N VAL D 46 -8.56 -23.34 9.80
CA VAL D 46 -7.89 -23.59 8.55
C VAL D 46 -8.55 -22.78 7.45
N PHE D 47 -7.76 -21.99 6.74
CA PHE D 47 -8.27 -21.26 5.59
C PHE D 47 -7.27 -21.17 4.45
N SER D 48 -7.74 -20.69 3.30
CA SER D 48 -6.92 -20.64 2.07
C SER D 48 -6.59 -19.25 1.62
N LEU D 49 -5.35 -19.05 1.21
CA LEU D 49 -5.00 -17.86 0.47
C LEU D 49 -4.83 -18.29 -0.97
N GLN D 50 -5.14 -17.38 -1.88
CA GLN D 50 -4.97 -17.59 -3.33
C GLN D 50 -5.74 -18.77 -3.87
N LEU D 51 -6.93 -18.99 -3.32
CA LEU D 51 -7.78 -20.08 -3.79
C LEU D 51 -7.77 -20.28 -5.29
N ALA D 52 -7.96 -19.21 -6.05
CA ALA D 52 -8.07 -19.34 -7.50
C ALA D 52 -6.76 -19.63 -8.26
N TRP D 53 -5.60 -19.33 -7.68
CA TRP D 53 -4.31 -19.55 -8.36
C TRP D 53 -3.70 -20.88 -7.92
N THR D 54 -2.65 -20.87 -7.08
CA THR D 54 -2.36 -22.03 -6.23
C THR D 54 -2.64 -21.67 -4.76
N PRO D 55 -3.53 -22.47 -4.12
CA PRO D 55 -3.89 -22.28 -2.72
C PRO D 55 -2.70 -22.38 -1.79
N VAL D 56 -2.59 -21.42 -0.88
CA VAL D 56 -1.65 -21.44 0.23
C VAL D 56 -2.49 -21.53 1.52
N VAL D 57 -2.22 -22.50 2.38
CA VAL D 57 -3.09 -22.74 3.53
C VAL D 57 -2.48 -22.26 4.84
N VAL D 58 -3.29 -21.57 5.64
CA VAL D 58 -2.85 -21.03 6.90
C VAL D 58 -3.50 -21.80 8.05
N LEU D 59 -2.67 -22.42 8.89
CA LEU D 59 -3.16 -23.24 9.99
C LEU D 59 -3.21 -22.42 11.23
N ASN D 60 -4.31 -22.52 11.99
CA ASN D 60 -4.53 -21.52 13.03
C ASN D 60 -4.76 -21.98 14.46
N GLY D 61 -5.59 -22.98 14.66
CA GLY D 61 -5.67 -23.48 16.04
C GLY D 61 -4.35 -23.96 16.65
N LEU D 62 -4.31 -24.24 17.93
CA LEU D 62 -3.40 -25.28 18.37
C LEU D 62 -3.86 -26.60 17.74
N ALA D 63 -5.19 -26.78 17.70
CA ALA D 63 -5.82 -27.95 17.09
C ALA D 63 -5.35 -28.13 15.63
N ALA D 64 -5.47 -27.06 14.85
CA ALA D 64 -5.13 -27.12 13.43
C ALA D 64 -3.65 -27.46 13.21
N VAL D 65 -2.78 -26.85 14.02
CA VAL D 65 -1.32 -27.01 13.89
C VAL D 65 -0.85 -28.40 14.28
N ARG D 66 -1.40 -28.95 15.37
CA ARG D 66 -1.04 -30.29 15.83
C ARG D 66 -1.48 -31.30 14.77
N GLU D 67 -2.72 -31.19 14.29
CA GLU D 67 -3.22 -32.10 13.27
C GLU D 67 -2.33 -32.14 12.01
N ALA D 68 -1.75 -31.01 11.61
CA ALA D 68 -0.97 -30.99 10.39
C ALA D 68 0.49 -31.43 10.55
N LEU D 69 1.10 -31.04 11.64
CA LEU D 69 2.53 -31.16 11.81
C LEU D 69 2.90 -32.39 12.59
N VAL D 70 2.02 -32.79 13.51
CA VAL D 70 2.20 -34.01 14.30
C VAL D 70 1.47 -35.15 13.62
N THR D 71 0.14 -35.14 13.63
CA THR D 71 -0.62 -36.25 13.07
C THR D 71 -0.12 -36.62 11.65
N HIS D 72 -0.12 -35.64 10.73
CA HIS D 72 0.32 -35.87 9.34
C HIS D 72 1.75 -35.39 9.14
N GLY D 73 2.46 -35.24 10.24
CA GLY D 73 3.82 -34.69 10.23
C GLY D 73 4.84 -35.22 9.23
N GLU D 74 4.67 -36.47 8.79
CA GLU D 74 5.59 -37.09 7.84
C GLU D 74 5.27 -36.62 6.44
N ASP D 75 4.03 -36.16 6.23
CA ASP D 75 3.62 -35.68 4.91
C ASP D 75 3.61 -34.16 4.74
N THR D 76 3.98 -33.44 5.80
CA THR D 76 3.95 -31.99 5.83
C THR D 76 5.31 -31.49 6.29
N ALA D 77 6.33 -32.37 6.26
CA ALA D 77 7.70 -31.96 6.63
C ALA D 77 8.53 -31.46 5.43
N ASP D 78 7.88 -31.09 4.33
CA ASP D 78 8.64 -30.63 3.20
C ASP D 78 8.74 -29.14 3.23
N ARG D 79 9.72 -28.61 2.51
CA ARG D 79 10.00 -27.18 2.50
C ARG D 79 9.68 -26.71 1.11
N PRO D 80 8.96 -25.57 0.99
CA PRO D 80 8.53 -25.07 -0.34
C PRO D 80 9.76 -24.52 -1.04
N PRO D 81 9.89 -24.66 -2.38
CA PRO D 81 11.12 -24.16 -3.01
C PRO D 81 11.37 -22.67 -2.80
N VAL D 82 12.63 -22.26 -2.77
CA VAL D 82 12.99 -20.85 -2.69
C VAL D 82 14.17 -20.65 -3.59
N PRO D 83 14.27 -19.44 -4.17
CA PRO D 83 15.46 -19.20 -4.99
C PRO D 83 16.77 -19.23 -4.18
N ILE D 84 16.71 -19.15 -2.85
CA ILE D 84 17.93 -19.19 -2.07
C ILE D 84 18.75 -20.43 -2.40
N THR D 85 18.12 -21.61 -2.34
CA THR D 85 18.82 -22.87 -2.57
C THR D 85 19.51 -22.86 -3.92
N GLN D 86 18.78 -22.43 -4.93
CA GLN D 86 19.32 -22.41 -6.30
C GLN D 86 20.45 -21.45 -6.45
N ILE D 87 20.25 -20.25 -5.93
CA ILE D 87 21.21 -19.17 -6.03
C ILE D 87 22.53 -19.54 -5.39
N LEU D 88 22.47 -20.06 -4.16
CA LEU D 88 23.66 -20.53 -3.45
C LEU D 88 24.24 -21.83 -4.01
N GLY D 89 23.64 -22.36 -5.11
CA GLY D 89 24.11 -23.58 -5.77
C GLY D 89 24.06 -24.82 -4.91
N PHE D 90 22.89 -25.06 -4.30
CA PHE D 90 22.67 -26.20 -3.40
C PHE D 90 22.75 -27.48 -4.20
N GLY D 91 21.61 -27.98 -4.64
CA GLY D 91 21.59 -29.27 -5.32
C GLY D 91 21.86 -30.52 -4.48
N PRO D 92 22.50 -31.51 -5.13
CA PRO D 92 22.09 -32.90 -4.95
C PRO D 92 21.82 -33.20 -3.46
N ARG D 93 22.93 -33.33 -2.74
CA ARG D 93 23.05 -33.81 -1.38
C ARG D 93 23.86 -32.76 -0.68
N SER D 94 23.51 -31.51 -0.97
CA SER D 94 24.30 -30.37 -0.54
C SER D 94 23.35 -29.23 -0.20
N GLN D 95 22.34 -29.54 0.61
CA GLN D 95 21.44 -28.58 1.22
C GLN D 95 21.69 -28.76 2.72
N GLY D 96 21.29 -27.82 3.54
CA GLY D 96 21.54 -27.99 4.97
C GLY D 96 20.46 -28.83 5.61
N VAL D 97 19.81 -28.23 6.57
CA VAL D 97 18.66 -28.77 7.24
C VAL D 97 17.49 -27.79 6.98
N PHE D 98 17.72 -26.51 7.28
CA PHE D 98 16.69 -25.49 7.28
C PHE D 98 15.86 -25.43 6.01
N LEU D 99 16.54 -25.34 4.89
CA LEU D 99 15.84 -25.24 3.62
C LEU D 99 15.90 -26.54 2.86
N ALA D 100 16.43 -27.59 3.47
CA ALA D 100 16.62 -28.81 2.72
C ALA D 100 15.22 -29.34 2.40
N ARG D 101 15.08 -30.06 1.30
CA ARG D 101 13.79 -30.61 0.96
C ARG D 101 13.63 -31.97 1.52
N TYR D 102 12.38 -32.31 1.75
CA TYR D 102 12.06 -33.58 2.29
C TYR D 102 12.73 -34.61 1.40
N GLY D 103 13.46 -35.51 2.02
CA GLY D 103 14.18 -36.53 1.28
C GLY D 103 15.32 -37.09 2.10
N PRO D 104 16.03 -38.08 1.54
CA PRO D 104 17.17 -38.73 2.20
C PRO D 104 18.06 -37.69 2.89
N ALA D 105 18.49 -36.72 2.08
CA ALA D 105 19.36 -35.62 2.48
C ALA D 105 19.04 -35.00 3.83
N TRP D 106 17.79 -34.52 3.98
CA TRP D 106 17.32 -33.83 5.20
C TRP D 106 17.16 -34.80 6.39
N ARG D 107 16.60 -35.97 6.11
CA ARG D 107 16.46 -37.05 7.08
C ARG D 107 17.85 -37.45 7.67
N GLU D 108 18.78 -37.81 6.81
CA GLU D 108 20.20 -38.01 7.15
C GLU D 108 20.72 -37.03 8.18
N GLN D 109 20.27 -35.79 8.05
CA GLN D 109 20.96 -34.68 8.68
C GLN D 109 20.27 -34.21 9.90
N ARG D 110 18.96 -34.44 9.97
CA ARG D 110 18.19 -34.15 11.18
C ARG D 110 18.62 -35.17 12.21
N ARG D 111 18.62 -36.42 11.76
CA ARG D 111 19.21 -37.57 12.41
C ARG D 111 20.53 -37.21 13.11
N PHE D 112 21.47 -36.71 12.31
CA PHE D 112 22.85 -36.53 12.76
C PHE D 112 22.97 -35.47 13.83
N SER D 113 22.29 -34.35 13.60
CA SER D 113 22.29 -33.26 14.54
C SER D 113 21.55 -33.56 15.86
N VAL D 114 20.38 -34.21 15.82
CA VAL D 114 19.73 -34.54 17.11
C VAL D 114 20.56 -35.52 17.92
N SER D 115 21.11 -36.55 17.25
CA SER D 115 22.07 -37.46 17.87
C SER D 115 23.19 -36.67 18.54
N THR D 116 23.78 -35.76 17.77
CA THR D 116 24.95 -35.05 18.21
C THR D 116 24.63 -34.07 19.32
N LEU D 117 23.46 -33.45 19.30
CA LEU D 117 23.15 -32.52 20.37
C LEU D 117 22.76 -33.24 21.66
N ARG D 118 22.22 -34.46 21.51
CA ARG D 118 21.90 -35.32 22.66
C ARG D 118 23.12 -35.90 23.40
N ASN D 119 24.16 -36.30 22.66
CA ASN D 119 25.40 -36.81 23.24
C ASN D 119 26.19 -35.73 23.93
N LEU D 120 26.27 -34.58 23.27
CA LEU D 120 27.06 -33.47 23.77
C LEU D 120 26.31 -32.76 24.89
N GLY D 121 24.97 -32.77 24.78
CA GLY D 121 24.09 -32.15 25.77
C GLY D 121 24.43 -32.53 27.21
N LEU D 122 24.10 -33.75 27.58
CA LEU D 122 24.56 -34.25 28.89
C LEU D 122 25.94 -34.91 28.74
N GLY D 123 26.00 -36.13 28.17
CA GLY D 123 27.26 -36.88 27.89
C GLY D 123 28.42 -36.70 28.86
N LYS D 124 29.18 -35.62 28.67
CA LYS D 124 30.22 -35.22 29.63
C LYS D 124 30.18 -33.70 29.84
N LYS D 125 28.95 -33.20 30.09
CA LYS D 125 28.65 -31.79 30.35
C LYS D 125 29.15 -30.87 29.22
N SER D 126 29.51 -31.45 28.08
CA SER D 126 30.14 -30.70 27.00
C SER D 126 29.39 -29.38 26.71
N LEU D 127 28.18 -29.51 26.17
CA LEU D 127 27.34 -28.37 25.88
C LEU D 127 27.12 -27.47 27.10
N GLU D 128 26.87 -28.07 28.27
CA GLU D 128 26.77 -27.31 29.52
C GLU D 128 28.07 -26.53 29.83
N GLN D 129 29.22 -27.21 29.73
CA GLN D 129 30.48 -26.53 29.94
C GLN D 129 30.47 -25.26 29.09
N TRP D 130 30.36 -25.47 27.78
CA TRP D 130 30.49 -24.39 26.83
C TRP D 130 29.55 -23.25 27.14
N VAL D 131 28.31 -23.57 27.50
CA VAL D 131 27.33 -22.53 27.81
C VAL D 131 27.70 -21.74 29.07
N THR D 132 27.90 -22.46 30.17
CA THR D 132 28.17 -21.83 31.48
C THR D 132 29.38 -20.90 31.46
N GLU D 133 30.43 -21.26 30.74
CA GLU D 133 31.56 -20.37 30.63
C GLU D 133 31.25 -19.18 29.78
N GLU D 134 30.44 -19.40 28.74
CA GLU D 134 30.02 -18.30 27.90
C GLU D 134 29.17 -17.34 28.69
N ALA D 135 28.38 -17.86 29.61
CA ALA D 135 27.60 -16.99 30.52
C ALA D 135 28.50 -16.20 31.45
N ALA D 136 29.65 -16.78 31.78
CA ALA D 136 30.56 -16.10 32.65
C ALA D 136 31.20 -14.92 31.90
N CYS D 137 31.50 -15.13 30.62
CA CYS D 137 32.04 -14.06 29.81
C CYS D 137 31.01 -12.99 29.61
N LEU D 138 29.80 -13.40 29.26
CA LEU D 138 28.73 -12.47 29.04
C LEU D 138 28.60 -11.57 30.24
N CYS D 139 28.71 -12.16 31.43
CA CYS D 139 28.57 -11.42 32.70
C CYS D 139 29.71 -10.46 32.88
N ALA D 140 30.89 -10.89 32.43
CA ALA D 140 32.07 -10.05 32.49
C ALA D 140 31.80 -8.86 31.60
N ALA D 141 31.37 -9.13 30.37
CA ALA D 141 31.15 -8.11 29.37
C ALA D 141 30.14 -7.06 29.85
N PHE D 142 29.05 -7.53 30.45
CA PHE D 142 28.07 -6.64 31.04
C PHE D 142 28.68 -5.76 32.12
N ALA D 143 29.39 -6.40 33.04
CA ALA D 143 30.03 -5.70 34.16
C ALA D 143 31.05 -4.61 33.70
N ASN D 144 31.67 -4.84 32.54
CA ASN D 144 32.57 -3.88 31.94
C ASN D 144 31.96 -2.53 31.54
N HIS D 145 30.62 -2.45 31.50
CA HIS D 145 29.92 -1.19 31.20
C HIS D 145 29.67 -0.30 32.43
N SER D 146 30.07 -0.79 33.60
CA SER D 146 30.03 -0.01 34.84
C SER D 146 28.70 0.72 35.05
N GLY D 147 27.59 0.04 34.82
CA GLY D 147 26.28 0.62 35.11
C GLY D 147 25.88 1.81 34.26
N ARG D 148 26.84 2.38 33.52
CA ARG D 148 26.51 3.30 32.44
C ARG D 148 25.68 2.54 31.35
N PRO D 149 24.57 3.14 30.87
CA PRO D 149 23.61 2.41 30.04
C PRO D 149 24.08 2.03 28.65
N PHE D 150 23.59 0.89 28.19
CA PHE D 150 23.92 0.34 26.90
C PHE D 150 22.79 -0.57 26.40
N ARG D 151 22.83 -0.89 25.12
CA ARG D 151 21.87 -1.85 24.68
C ARG D 151 22.54 -3.19 24.52
N PRO D 152 21.93 -4.23 25.12
CA PRO D 152 22.53 -5.56 25.28
C PRO D 152 22.56 -6.45 24.03
N ASN D 153 21.92 -6.02 22.95
CA ASN D 153 21.79 -6.83 21.72
C ASN D 153 23.11 -7.37 21.13
N GLY D 154 24.06 -6.49 20.89
CA GLY D 154 25.33 -6.90 20.33
C GLY D 154 25.97 -7.96 21.21
N LEU D 155 25.98 -7.73 22.52
CA LEU D 155 26.62 -8.69 23.45
C LEU D 155 25.89 -9.99 23.45
N LEU D 156 24.56 -9.93 23.40
CA LEU D 156 23.71 -11.13 23.32
C LEU D 156 23.95 -11.93 22.04
N ASP D 157 24.18 -11.24 20.92
CA ASP D 157 24.59 -11.95 19.71
C ASP D 157 25.93 -12.67 19.86
N LYS D 158 26.94 -12.00 20.45
CA LYS D 158 28.27 -12.60 20.57
C LYS D 158 28.25 -13.87 21.41
N ALA D 159 27.56 -13.82 22.55
CA ALA D 159 27.54 -14.93 23.50
C ALA D 159 26.91 -16.17 22.87
N VAL D 160 25.68 -16.00 22.39
CA VAL D 160 24.93 -17.06 21.74
C VAL D 160 25.74 -17.64 20.58
N SER D 161 26.29 -16.74 19.76
CA SER D 161 27.15 -17.12 18.61
C SER D 161 28.30 -18.02 19.01
N ASN D 162 28.96 -17.66 20.10
CA ASN D 162 30.08 -18.42 20.59
C ASN D 162 29.71 -19.83 20.94
N VAL D 163 28.53 -20.00 21.52
CA VAL D 163 28.04 -21.34 21.85
C VAL D 163 27.98 -22.23 20.59
N ILE D 164 27.52 -21.64 19.49
CA ILE D 164 27.52 -22.36 18.24
C ILE D 164 28.95 -22.56 17.72
N ALA D 165 29.82 -21.54 17.91
CA ALA D 165 31.22 -21.64 17.52
C ALA D 165 31.90 -22.82 18.23
N SER D 166 31.59 -22.99 19.52
CA SER D 166 32.14 -24.09 20.34
C SER D 166 31.74 -25.43 19.73
N LEU D 167 30.44 -25.53 19.41
CA LEU D 167 29.83 -26.72 18.83
C LEU D 167 30.51 -27.14 17.52
N THR D 168 30.95 -26.14 16.75
CA THR D 168 31.29 -26.31 15.34
C THR D 168 32.72 -25.89 14.98
N CYS D 169 33.41 -25.23 15.90
CA CYS D 169 34.76 -24.79 15.59
C CYS D 169 35.80 -25.32 16.57
N GLY D 170 35.32 -25.88 17.68
CA GLY D 170 36.20 -26.29 18.76
C GLY D 170 36.37 -25.23 19.85
N ARG D 171 36.86 -24.06 19.48
CA ARG D 171 37.03 -23.01 20.47
C ARG D 171 35.86 -22.01 20.46
N ARG D 172 35.97 -20.96 21.27
CA ARG D 172 35.07 -19.82 21.29
C ARG D 172 35.86 -18.63 20.73
N PHE D 173 35.23 -17.46 20.59
CA PHE D 173 35.92 -16.29 20.08
C PHE D 173 35.95 -15.13 21.04
N GLU D 174 37.10 -14.45 21.09
CA GLU D 174 37.16 -13.18 21.78
C GLU D 174 36.10 -12.23 21.22
N TYR D 175 35.34 -11.56 22.09
CA TYR D 175 34.35 -10.58 21.65
C TYR D 175 34.90 -9.47 20.72
N ASP D 176 36.20 -9.16 20.86
CA ASP D 176 36.84 -8.14 20.05
C ASP D 176 37.60 -8.68 18.83
N ASP D 177 37.60 -10.00 18.66
CA ASP D 177 38.24 -10.66 17.52
C ASP D 177 37.66 -10.22 16.15
N PRO D 178 38.48 -9.56 15.29
CA PRO D 178 38.09 -9.16 13.93
C PRO D 178 37.45 -10.24 13.04
N ARG D 179 37.90 -11.48 13.16
CA ARG D 179 37.30 -12.61 12.43
C ARG D 179 35.89 -12.91 12.90
N PHE D 180 35.68 -12.75 14.20
CA PHE D 180 34.43 -13.05 14.85
C PHE D 180 33.47 -11.95 14.47
N LEU D 181 33.92 -10.70 14.63
CA LEU D 181 33.15 -9.52 14.21
C LEU D 181 32.72 -9.59 12.72
N ARG D 182 33.63 -9.98 11.83
CA ARG D 182 33.27 -10.24 10.44
C ARG D 182 32.21 -11.34 10.32
N LEU D 183 32.43 -12.45 11.02
CA LEU D 183 31.50 -13.61 11.00
C LEU D 183 30.08 -13.24 11.35
N LEU D 184 29.92 -12.56 12.48
CA LEU D 184 28.59 -12.08 12.92
C LEU D 184 27.95 -11.18 11.86
N ASP D 185 28.67 -10.13 11.50
CA ASP D 185 28.23 -9.30 10.42
C ASP D 185 27.81 -10.18 9.25
N LEU D 186 28.68 -11.02 8.73
CA LEU D 186 28.33 -11.87 7.59
C LEU D 186 27.02 -12.65 7.79
N ALA D 187 26.82 -13.16 9.01
CA ALA D 187 25.63 -13.98 9.31
C ALA D 187 24.36 -13.13 9.44
N GLN D 188 24.52 -11.88 9.87
CA GLN D 188 23.44 -10.94 10.00
C GLN D 188 22.91 -10.50 8.63
N GLU D 189 23.77 -9.82 7.87
CA GLU D 189 23.37 -9.31 6.58
C GLU D 189 22.95 -10.43 5.63
N GLY D 190 23.55 -11.60 5.74
CA GLY D 190 23.21 -12.70 4.85
C GLY D 190 21.81 -13.17 5.17
N LEU D 191 21.37 -12.92 6.40
CA LEU D 191 20.07 -13.36 6.90
C LEU D 191 18.99 -12.34 6.55
N LYS D 192 19.41 -11.09 6.48
CA LYS D 192 18.54 -10.04 6.00
C LYS D 192 18.32 -10.32 4.54
N GLU D 193 19.39 -10.62 3.79
CA GLU D 193 19.23 -10.93 2.38
C GLU D 193 18.28 -12.11 2.16
N GLU D 194 18.29 -13.12 3.01
CA GLU D 194 17.42 -14.23 2.67
C GLU D 194 15.94 -14.02 3.03
N SER D 195 15.67 -13.18 4.03
CA SER D 195 14.28 -12.93 4.48
C SER D 195 13.44 -12.19 3.45
N GLY D 196 14.10 -11.43 2.58
CA GLY D 196 13.46 -10.95 1.35
C GLY D 196 12.81 -12.06 0.56
N PHE D 197 13.58 -13.09 0.21
CA PHE D 197 13.06 -14.23 -0.53
C PHE D 197 12.07 -15.07 0.27
N LEU D 198 12.23 -15.07 1.59
CA LEU D 198 11.46 -15.95 2.46
C LEU D 198 10.05 -15.46 2.74
N ARG D 199 9.83 -14.16 2.69
CA ARG D 199 8.48 -13.68 2.92
C ARG D 199 7.65 -13.65 1.65
N GLU D 200 8.30 -13.62 0.48
CA GLU D 200 7.60 -13.80 -0.80
C GLU D 200 7.15 -15.24 -1.03
N VAL D 201 7.71 -16.16 -0.26
CA VAL D 201 7.38 -17.56 -0.40
C VAL D 201 6.01 -17.87 0.22
N LEU D 202 5.15 -16.87 0.29
CA LEU D 202 3.75 -17.09 0.64
C LEU D 202 2.94 -16.87 -0.62
N ASN D 203 3.52 -17.17 -1.78
CA ASN D 203 2.82 -17.13 -3.08
C ASN D 203 3.51 -17.83 -4.28
N ALA D 204 4.29 -17.05 -5.07
CA ALA D 204 4.73 -17.39 -6.49
C ALA D 204 5.64 -18.62 -6.71
N VAL D 205 5.65 -19.09 -7.96
CA VAL D 205 6.26 -20.36 -8.37
C VAL D 205 7.80 -20.48 -8.23
N PRO D 206 8.27 -21.68 -7.88
CA PRO D 206 9.65 -22.12 -7.57
C PRO D 206 10.84 -21.26 -8.03
N VAL D 207 10.96 -21.15 -9.36
CA VAL D 207 12.09 -20.49 -10.08
C VAL D 207 12.26 -21.21 -11.41
N ASP D 208 12.54 -20.46 -12.47
CA ASP D 208 12.55 -20.98 -13.84
C ASP D 208 13.49 -22.20 -14.00
N ARG D 209 13.60 -23.01 -12.94
CA ARG D 209 14.60 -24.11 -12.78
C ARG D 209 16.06 -23.62 -12.82
N HIS D 210 16.30 -22.56 -13.61
CA HIS D 210 17.63 -21.95 -13.78
C HIS D 210 17.62 -20.42 -13.57
N ILE D 211 17.65 -19.98 -12.30
CA ILE D 211 17.73 -18.53 -11.95
C ILE D 211 18.81 -17.78 -12.73
N PRO D 212 18.61 -16.49 -12.96
CA PRO D 212 19.47 -15.75 -13.88
C PRO D 212 20.99 -15.71 -13.54
N ALA D 213 21.35 -16.10 -12.32
CA ALA D 213 22.77 -16.11 -11.88
C ALA D 213 23.41 -14.72 -11.80
N LEU D 214 22.92 -13.76 -12.61
CA LEU D 214 23.10 -12.32 -12.33
C LEU D 214 22.49 -12.12 -10.94
N ALA D 215 21.54 -12.99 -10.62
CA ALA D 215 20.99 -13.20 -9.27
C ALA D 215 22.08 -13.48 -8.23
N GLY D 216 23.29 -13.80 -8.70
CA GLY D 216 24.51 -13.91 -7.88
C GLY D 216 24.57 -12.79 -6.83
N LYS D 217 24.81 -11.58 -7.33
CA LYS D 217 24.97 -10.40 -6.50
C LYS D 217 23.90 -10.20 -5.41
N VAL D 218 22.91 -11.10 -5.32
CA VAL D 218 21.82 -10.86 -4.34
C VAL D 218 22.10 -11.44 -2.96
N LEU D 219 22.85 -12.54 -2.92
CA LEU D 219 23.15 -13.15 -1.64
C LEU D 219 24.61 -12.97 -1.25
N ARG D 220 25.28 -11.98 -1.85
CA ARG D 220 26.73 -11.73 -1.62
C ARG D 220 27.17 -12.09 -0.22
N PHE D 221 26.44 -11.60 0.78
CA PHE D 221 26.84 -11.76 2.18
C PHE D 221 26.58 -13.16 2.74
N GLN D 222 25.52 -13.80 2.27
CA GLN D 222 25.27 -15.16 2.61
C GLN D 222 26.36 -16.05 2.02
N LYS D 223 26.77 -15.74 0.81
CA LYS D 223 27.85 -16.50 0.15
C LYS D 223 29.17 -16.21 0.81
N ALA D 224 29.36 -14.96 1.23
CA ALA D 224 30.61 -14.56 1.86
C ALA D 224 30.74 -15.27 3.20
N PHE D 225 29.60 -15.42 3.85
CA PHE D 225 29.50 -16.09 5.13
C PHE D 225 29.86 -17.56 4.99
N LEU D 226 29.44 -18.22 3.92
CA LEU D 226 29.79 -19.61 3.73
C LEU D 226 31.30 -19.74 3.56
N THR D 227 31.87 -18.83 2.77
CA THR D 227 33.30 -18.87 2.46
C THR D 227 34.18 -18.78 3.72
N GLN D 228 33.71 -18.03 4.70
CA GLN D 228 34.48 -17.81 5.89
C GLN D 228 34.40 -19.00 6.81
N LEU D 229 33.23 -19.64 6.86
CA LEU D 229 33.09 -20.90 7.59
C LEU D 229 33.99 -21.96 6.95
N ASP D 230 33.77 -22.16 5.65
CA ASP D 230 34.55 -23.04 4.80
C ASP D 230 36.03 -23.10 5.23
N GLU D 231 36.63 -21.94 5.50
CA GLU D 231 38.00 -21.86 5.95
C GLU D 231 38.17 -22.00 7.47
N LEU D 232 37.21 -21.55 8.28
CA LEU D 232 37.28 -21.79 9.72
C LEU D 232 37.22 -23.27 10.02
N LEU D 233 36.37 -23.99 9.28
CA LEU D 233 36.25 -25.42 9.49
C LEU D 233 37.34 -26.20 8.74
N THR D 234 37.91 -25.61 7.68
CA THR D 234 39.05 -26.24 7.02
C THR D 234 40.24 -26.35 7.97
N GLU D 235 40.41 -25.35 8.83
CA GLU D 235 41.53 -25.39 9.78
C GLU D 235 41.20 -26.21 11.03
N HIS D 236 39.92 -26.43 11.26
CA HIS D 236 39.49 -27.37 12.27
C HIS D 236 39.83 -28.81 11.85
N ARG D 237 39.69 -29.06 10.54
CA ARG D 237 39.85 -30.36 9.92
C ARG D 237 41.23 -30.90 10.15
N MET D 238 42.15 -29.98 10.38
CA MET D 238 43.54 -30.35 10.54
C MET D 238 43.86 -30.54 12.01
N THR D 239 43.27 -29.71 12.88
CA THR D 239 43.28 -29.93 14.34
C THR D 239 42.79 -31.34 14.72
N TRP D 240 41.77 -31.81 14.00
CA TRP D 240 41.01 -33.00 14.38
C TRP D 240 41.76 -34.31 14.31
N ASP D 241 41.68 -35.05 15.40
CA ASP D 241 42.35 -36.33 15.54
C ASP D 241 41.41 -37.44 15.12
N PRO D 242 41.60 -37.97 13.89
CA PRO D 242 40.68 -38.95 13.32
C PRO D 242 40.58 -40.27 14.10
N ALA D 243 41.56 -40.55 14.97
CA ALA D 243 41.58 -41.80 15.71
C ALA D 243 41.15 -41.66 17.18
N GLN D 244 40.17 -40.79 17.44
CA GLN D 244 39.68 -40.53 18.79
C GLN D 244 38.22 -40.10 18.81
N PRO D 245 37.53 -40.28 19.95
CA PRO D 245 36.12 -39.86 19.97
C PRO D 245 35.96 -38.34 19.69
N PRO D 246 35.21 -37.99 18.62
CA PRO D 246 34.86 -36.62 18.26
C PRO D 246 34.46 -35.76 19.44
N ARG D 247 34.97 -34.52 19.43
CA ARG D 247 34.83 -33.61 20.56
C ARG D 247 33.61 -32.72 20.38
N ASP D 248 33.39 -32.26 19.15
CA ASP D 248 32.27 -31.35 18.80
C ASP D 248 31.56 -31.81 17.51
N LEU D 249 30.59 -31.03 17.05
CA LEU D 249 29.74 -31.45 15.95
C LEU D 249 30.50 -31.60 14.64
N THR D 250 31.44 -30.70 14.39
CA THR D 250 32.22 -30.75 13.17
C THR D 250 32.95 -32.07 13.10
N GLU D 251 33.62 -32.40 14.21
CA GLU D 251 34.40 -33.63 14.28
C GLU D 251 33.54 -34.86 14.02
N ALA D 252 32.40 -34.91 14.69
CA ALA D 252 31.47 -36.00 14.54
C ALA D 252 31.02 -36.11 13.10
N PHE D 253 30.93 -34.95 12.42
CA PHE D 253 30.56 -34.91 11.00
C PHE D 253 31.68 -35.54 10.16
N LEU D 254 32.92 -35.10 10.41
CA LEU D 254 34.08 -35.56 9.64
C LEU D 254 34.24 -37.05 9.76
N ALA D 255 34.03 -37.56 10.97
CA ALA D 255 34.09 -38.99 11.25
C ALA D 255 33.07 -39.70 10.39
N GLU D 256 31.84 -39.22 10.43
CA GLU D 256 30.78 -39.80 9.64
C GLU D 256 31.04 -39.72 8.12
N MET D 257 31.97 -38.85 7.74
CA MET D 257 32.31 -38.60 6.35
C MET D 257 33.20 -39.70 5.81
N GLU D 258 34.31 -39.94 6.52
CA GLU D 258 35.26 -40.98 6.14
C GLU D 258 34.52 -42.31 6.07
N LYS D 259 33.61 -42.53 7.02
CA LYS D 259 32.67 -43.66 6.99
C LYS D 259 31.97 -43.86 5.63
N ALA D 260 31.23 -42.84 5.22
CA ALA D 260 30.38 -42.91 4.03
C ALA D 260 31.16 -42.67 2.72
N LYS D 261 32.46 -42.42 2.81
CA LYS D 261 33.31 -42.23 1.63
C LYS D 261 32.91 -43.13 0.48
N GLY D 262 32.50 -44.37 0.79
CA GLY D 262 32.03 -45.32 -0.22
C GLY D 262 30.84 -44.72 -0.96
N ASN D 263 29.68 -44.83 -0.33
CA ASN D 263 28.42 -44.25 -0.81
C ASN D 263 28.53 -42.98 -1.67
N PRO D 264 28.22 -43.07 -3.00
CA PRO D 264 28.29 -41.92 -3.90
C PRO D 264 27.28 -40.87 -3.49
N GLU D 265 26.15 -41.32 -2.94
CA GLU D 265 25.22 -40.42 -2.25
C GLU D 265 25.61 -40.37 -0.79
N SER D 266 24.68 -39.99 0.07
CA SER D 266 25.00 -39.65 1.46
C SER D 266 25.30 -38.19 1.45
N SER D 267 24.75 -37.49 2.45
CA SER D 267 24.87 -36.03 2.57
C SER D 267 26.09 -35.60 3.39
N PHE D 268 27.03 -36.52 3.63
CA PHE D 268 28.20 -36.21 4.43
C PHE D 268 29.38 -35.81 3.55
N ASN D 269 29.25 -34.67 2.84
CA ASN D 269 30.36 -34.10 2.04
C ASN D 269 30.92 -32.92 2.76
N ASP D 270 31.96 -32.34 2.16
CA ASP D 270 32.50 -31.03 2.55
C ASP D 270 31.47 -29.97 2.18
N GLU D 271 30.91 -30.14 0.98
CA GLU D 271 29.81 -29.33 0.49
C GLU D 271 28.75 -29.06 1.54
N ASN D 272 28.25 -30.13 2.15
CA ASN D 272 27.12 -30.03 3.04
C ASN D 272 27.52 -29.58 4.43
N LEU D 273 28.75 -29.91 4.85
CA LEU D 273 29.19 -29.59 6.20
C LEU D 273 28.93 -28.10 6.45
N ARG D 274 29.46 -27.27 5.57
CA ARG D 274 29.41 -25.82 5.77
C ARG D 274 28.03 -25.22 5.73
N ILE D 275 27.15 -25.82 4.93
CA ILE D 275 25.78 -25.36 4.92
C ILE D 275 25.12 -25.73 6.24
N VAL D 276 25.41 -26.93 6.73
CA VAL D 276 24.82 -27.36 7.98
C VAL D 276 25.25 -26.39 9.09
N VAL D 277 26.53 -26.04 9.11
CA VAL D 277 27.03 -25.21 10.17
C VAL D 277 26.42 -23.82 9.99
N ALA D 278 26.40 -23.36 8.74
CA ALA D 278 25.78 -22.08 8.41
C ALA D 278 24.33 -22.01 8.91
N ASP D 279 23.54 -23.05 8.65
CA ASP D 279 22.19 -23.19 9.19
C ASP D 279 22.13 -23.10 10.71
N LEU D 280 22.99 -23.87 11.38
CA LEU D 280 23.07 -23.86 12.82
C LEU D 280 23.34 -22.49 13.36
N PHE D 281 24.31 -21.81 12.77
CA PHE D 281 24.64 -20.45 13.16
C PHE D 281 23.48 -19.46 12.96
N SER D 282 22.86 -19.43 11.79
CA SER D 282 21.81 -18.45 11.54
C SER D 282 20.51 -18.79 12.32
N ALA D 283 20.00 -20.01 12.15
CA ALA D 283 18.83 -20.45 12.90
C ALA D 283 19.08 -20.31 14.40
N GLY D 284 20.27 -20.74 14.85
CA GLY D 284 20.61 -20.74 16.26
C GLY D 284 20.80 -19.38 16.91
N MET D 285 21.81 -18.62 16.48
CA MET D 285 22.10 -17.29 17.08
C MET D 285 20.88 -16.37 17.21
N VAL D 286 20.29 -15.92 16.10
CA VAL D 286 19.36 -14.78 16.15
C VAL D 286 18.12 -15.04 17.01
N THR D 287 17.58 -16.25 16.91
CA THR D 287 16.42 -16.64 17.74
C THR D 287 16.72 -16.57 19.25
N THR D 288 17.82 -17.20 19.68
CA THR D 288 18.14 -17.29 21.09
C THR D 288 18.51 -15.91 21.61
N SER D 289 19.23 -15.17 20.79
CA SER D 289 19.65 -13.84 21.16
C SER D 289 18.46 -12.92 21.33
N THR D 290 17.48 -13.01 20.42
CA THR D 290 16.37 -12.06 20.42
C THR D 290 15.48 -12.29 21.60
N THR D 291 15.34 -13.56 21.96
CA THR D 291 14.58 -13.95 23.13
C THR D 291 15.16 -13.34 24.40
N LEU D 292 16.43 -13.61 24.64
CA LEU D 292 17.11 -12.96 25.75
C LEU D 292 16.91 -11.42 25.77
N ALA D 293 16.94 -10.78 24.60
CA ALA D 293 16.66 -9.33 24.52
C ALA D 293 15.25 -8.99 25.01
N TRP D 294 14.25 -9.81 24.60
CA TRP D 294 12.90 -9.69 25.14
C TRP D 294 12.92 -9.93 26.65
N GLY D 295 13.70 -10.92 27.08
CA GLY D 295 13.86 -11.22 28.49
C GLY D 295 14.30 -10.02 29.31
N LEU D 296 15.45 -9.48 28.97
CA LEU D 296 15.91 -8.32 29.68
C LEU D 296 14.93 -7.16 29.57
N LEU D 297 14.39 -6.91 28.37
CA LEU D 297 13.46 -5.80 28.27
C LEU D 297 12.27 -5.94 29.26
N LEU D 298 11.64 -7.11 29.23
CA LEU D 298 10.54 -7.38 30.15
C LEU D 298 10.98 -7.33 31.62
N MET D 299 12.27 -7.61 31.88
CA MET D 299 12.77 -7.62 33.24
C MET D 299 12.78 -6.21 33.81
N ILE D 300 13.29 -5.26 33.02
CA ILE D 300 13.36 -3.85 33.43
C ILE D 300 11.98 -3.21 33.30
N LEU D 301 11.13 -3.85 32.53
CA LEU D 301 9.79 -3.36 32.37
C LEU D 301 8.84 -3.83 33.48
N HIS D 302 9.22 -4.90 34.18
CA HIS D 302 8.43 -5.41 35.32
C HIS D 302 9.36 -5.76 36.48
N PRO D 303 9.88 -4.73 37.16
CA PRO D 303 10.88 -4.96 38.23
C PRO D 303 10.32 -5.88 39.34
N ASP D 304 8.99 -5.81 39.52
CA ASP D 304 8.23 -6.75 40.33
C ASP D 304 8.70 -8.21 40.11
N VAL D 305 8.65 -8.66 38.85
CA VAL D 305 9.04 -10.03 38.47
C VAL D 305 10.55 -10.25 38.66
N GLN D 306 11.32 -9.23 38.33
CA GLN D 306 12.76 -9.38 38.41
C GLN D 306 13.19 -9.81 39.81
N ARG D 307 12.72 -9.08 40.83
CA ARG D 307 13.04 -9.36 42.24
C ARG D 307 12.71 -10.80 42.60
N ARG D 308 11.52 -11.24 42.17
CA ARG D 308 11.04 -12.58 42.46
C ARG D 308 11.94 -13.63 41.83
N VAL D 309 12.35 -13.42 40.59
CA VAL D 309 13.28 -14.35 39.96
C VAL D 309 14.56 -14.43 40.80
N GLN D 310 15.05 -13.27 41.22
CA GLN D 310 16.28 -13.15 42.02
C GLN D 310 16.12 -13.72 43.42
N GLN D 311 14.96 -13.50 44.02
CA GLN D 311 14.58 -14.16 45.27
C GLN D 311 14.79 -15.68 45.17
N GLU D 312 14.26 -16.28 44.12
CA GLU D 312 14.43 -17.70 43.92
C GLU D 312 15.88 -18.06 43.67
N ILE D 313 16.58 -17.23 42.90
CA ILE D 313 17.98 -17.50 42.53
C ILE D 313 18.82 -17.67 43.78
N ASP D 314 18.60 -16.76 44.72
CA ASP D 314 19.38 -16.68 45.93
C ASP D 314 19.08 -17.87 46.81
N ASP D 315 17.85 -18.35 46.73
CA ASP D 315 17.39 -19.48 47.51
C ASP D 315 17.94 -20.79 46.98
N VAL D 316 17.98 -20.93 45.67
CA VAL D 316 18.32 -22.21 45.08
C VAL D 316 19.81 -22.33 44.73
N ILE D 317 20.37 -21.33 44.06
CA ILE D 317 21.73 -21.39 43.56
C ILE D 317 22.67 -20.76 44.55
N GLY D 318 22.24 -19.65 45.13
CA GLY D 318 23.12 -18.82 45.97
C GLY D 318 23.96 -17.78 45.23
N GLN D 319 24.95 -17.26 45.95
CA GLN D 319 25.75 -16.12 45.45
C GLN D 319 27.19 -16.52 45.10
N VAL D 320 27.55 -17.78 45.39
CA VAL D 320 28.88 -18.31 45.10
C VAL D 320 28.97 -19.13 43.79
N ARG D 321 28.20 -20.21 43.69
CA ARG D 321 28.36 -21.11 42.55
C ARG D 321 27.63 -20.68 41.31
N ARG D 322 28.10 -21.21 40.18
CA ARG D 322 27.50 -20.96 38.87
C ARG D 322 26.21 -21.77 38.71
N PRO D 323 25.11 -21.10 38.36
CA PRO D 323 23.88 -21.79 38.00
C PRO D 323 24.20 -22.92 37.05
N GLU D 324 23.63 -24.09 37.33
CA GLU D 324 23.73 -25.22 36.42
C GLU D 324 22.35 -25.80 36.12
N MET D 325 22.30 -26.59 35.05
CA MET D 325 21.06 -27.15 34.52
C MET D 325 20.22 -27.87 35.60
N GLY D 326 20.89 -28.59 36.50
CA GLY D 326 20.22 -29.23 37.61
C GLY D 326 19.31 -28.29 38.39
N ASP D 327 19.69 -27.03 38.52
CA ASP D 327 18.91 -26.08 39.32
C ASP D 327 17.52 -25.84 38.78
N GLN D 328 17.37 -26.06 37.47
CA GLN D 328 16.16 -25.74 36.73
C GLN D 328 14.97 -26.40 37.40
N ALA D 329 15.06 -27.71 37.59
CA ALA D 329 14.00 -28.49 38.19
C ALA D 329 13.50 -27.90 39.52
N HIS D 330 14.37 -27.16 40.22
CA HIS D 330 14.03 -26.62 41.56
C HIS D 330 13.61 -25.16 41.52
N MET D 331 13.44 -24.66 40.31
CA MET D 331 13.20 -23.23 40.13
C MET D 331 11.93 -22.94 39.31
N PRO D 332 10.74 -23.17 39.93
CA PRO D 332 9.42 -23.07 39.29
C PRO D 332 9.18 -21.71 38.68
N TYR D 333 9.44 -20.66 39.46
CA TYR D 333 9.17 -19.29 39.04
C TYR D 333 10.05 -18.82 37.88
N THR D 334 11.34 -19.12 37.95
CA THR D 334 12.23 -18.69 36.90
C THR D 334 11.81 -19.40 35.61
N THR D 335 11.59 -20.72 35.69
CA THR D 335 11.14 -21.50 34.55
C THR D 335 9.90 -20.87 33.95
N ALA D 336 8.90 -20.63 34.79
CA ALA D 336 7.66 -19.96 34.39
C ALA D 336 7.95 -18.69 33.61
N VAL D 337 8.72 -17.80 34.24
CA VAL D 337 9.15 -16.55 33.64
C VAL D 337 9.80 -16.77 32.28
N ILE D 338 10.81 -17.60 32.21
CA ILE D 338 11.49 -17.82 30.93
C ILE D 338 10.50 -18.22 29.82
N HIS D 339 9.59 -19.13 30.13
CA HIS D 339 8.51 -19.54 29.24
C HIS D 339 7.57 -18.37 28.86
N GLU D 340 7.17 -17.55 29.83
CA GLU D 340 6.36 -16.38 29.50
C GLU D 340 7.07 -15.35 28.60
N VAL D 341 8.38 -15.27 28.72
CA VAL D 341 9.15 -14.42 27.86
C VAL D 341 8.97 -14.94 26.47
N GLN D 342 9.07 -16.27 26.31
CA GLN D 342 8.97 -16.89 25.00
C GLN D 342 7.60 -16.67 24.38
N ARG D 343 6.57 -16.84 25.20
CA ARG D 343 5.21 -16.75 24.72
C ARG D 343 4.77 -15.33 24.42
N PHE D 344 5.13 -14.40 25.28
CA PHE D 344 4.77 -13.00 25.04
C PHE D 344 5.62 -12.45 23.96
N GLY D 345 6.91 -12.75 24.01
CA GLY D 345 7.86 -12.26 22.99
C GLY D 345 7.42 -12.63 21.59
N ASP D 346 7.07 -13.92 21.44
CA ASP D 346 6.49 -14.50 20.24
C ASP D 346 7.25 -14.07 19.03
N ILE D 347 8.47 -14.58 18.91
CA ILE D 347 9.47 -14.01 18.02
C ILE D 347 9.37 -14.47 16.56
N VAL D 348 8.92 -15.70 16.32
CA VAL D 348 8.82 -16.29 14.96
C VAL D 348 7.34 -16.53 14.66
N PRO D 349 6.59 -15.48 14.38
CA PRO D 349 5.14 -15.59 14.54
C PRO D 349 4.51 -16.58 13.57
N LEU D 350 5.13 -16.76 12.40
CA LEU D 350 4.60 -17.63 11.37
C LEU D 350 5.43 -18.91 11.24
N GLY D 351 6.35 -19.10 12.20
CA GLY D 351 7.32 -20.18 12.17
C GLY D 351 8.11 -20.17 10.90
N MET D 352 8.47 -21.34 10.42
CA MET D 352 8.99 -21.47 9.07
C MET D 352 7.96 -22.20 8.23
N THR D 353 8.03 -21.99 6.93
CA THR D 353 6.96 -22.31 6.01
C THR D 353 7.12 -23.78 5.61
N HIS D 354 6.01 -24.52 5.54
CA HIS D 354 6.04 -25.94 5.20
C HIS D 354 5.35 -26.20 3.86
N MET D 355 5.45 -27.44 3.36
CA MET D 355 4.79 -27.87 2.13
C MET D 355 4.41 -29.32 2.17
N THR D 356 3.24 -29.66 1.61
CA THR D 356 2.76 -31.05 1.71
C THR D 356 3.55 -31.96 0.78
N SER D 357 3.78 -33.19 1.24
CA SER D 357 4.47 -34.20 0.44
C SER D 357 3.48 -35.12 -0.30
N ARG D 358 2.27 -35.21 0.25
CA ARG D 358 1.11 -35.79 -0.41
C ARG D 358 -0.16 -35.31 0.28
N ASP D 359 -1.32 -35.56 -0.36
CA ASP D 359 -2.59 -35.03 0.15
C ASP D 359 -2.91 -35.51 1.55
N ILE D 360 -3.81 -34.82 2.21
CA ILE D 360 -3.87 -34.75 3.64
C ILE D 360 -5.19 -34.14 4.06
N GLU D 361 -5.75 -34.64 5.15
CA GLU D 361 -6.95 -34.05 5.76
C GLU D 361 -6.48 -33.15 6.87
N VAL D 362 -7.03 -31.95 6.94
CA VAL D 362 -7.05 -31.27 8.24
C VAL D 362 -8.37 -30.58 8.46
N GLN D 363 -8.93 -30.84 9.65
CA GLN D 363 -10.25 -30.38 10.02
C GLN D 363 -11.29 -30.62 8.94
N GLY D 364 -11.15 -31.73 8.22
CA GLY D 364 -12.13 -32.11 7.22
C GLY D 364 -11.69 -31.79 5.81
N PHE D 365 -10.72 -30.88 5.66
CA PHE D 365 -10.40 -30.32 4.35
C PHE D 365 -9.30 -31.08 3.60
N ARG D 366 -9.51 -31.32 2.28
CA ARG D 366 -8.46 -31.90 1.40
C ARG D 366 -7.31 -30.91 1.11
N ILE D 367 -6.07 -31.33 1.36
CA ILE D 367 -4.94 -30.48 1.10
C ILE D 367 -3.94 -31.15 0.16
N PRO D 368 -4.06 -30.87 -1.15
CA PRO D 368 -3.31 -31.49 -2.22
C PRO D 368 -1.80 -31.59 -1.96
N LYS D 369 -1.18 -32.62 -2.54
CA LYS D 369 0.28 -32.73 -2.64
C LYS D 369 0.88 -31.40 -3.16
N GLY D 370 2.01 -30.99 -2.59
CA GLY D 370 2.65 -29.71 -2.92
C GLY D 370 1.73 -28.56 -2.56
N THR D 371 1.79 -28.09 -1.33
CA THR D 371 0.94 -26.98 -0.89
C THR D 371 1.66 -26.27 0.23
N THR D 372 1.75 -24.95 0.13
CA THR D 372 2.35 -24.14 1.15
C THR D 372 1.43 -24.12 2.41
N LEU D 373 1.95 -24.68 3.49
CA LEU D 373 1.37 -24.52 4.81
C LEU D 373 2.05 -23.41 5.58
N ILE D 374 1.27 -22.46 6.03
CA ILE D 374 1.79 -21.44 6.92
C ILE D 374 1.25 -21.82 8.29
N THR D 375 2.14 -21.82 9.28
CA THR D 375 1.82 -22.28 10.61
C THR D 375 1.76 -21.07 11.53
N ASN D 376 0.57 -20.56 11.75
CA ASN D 376 0.45 -19.37 12.56
C ASN D 376 0.79 -19.63 14.05
N LEU D 377 2.08 -19.68 14.38
CA LEU D 377 2.47 -20.04 15.73
C LEU D 377 2.02 -18.98 16.74
N SER D 378 1.90 -17.75 16.26
CA SER D 378 1.50 -16.69 17.11
C SER D 378 0.04 -16.93 17.56
N SER D 379 -0.79 -17.34 16.62
CA SER D 379 -2.21 -17.62 16.94
C SER D 379 -2.39 -18.68 18.02
N VAL D 380 -1.40 -19.57 18.14
CA VAL D 380 -1.36 -20.61 19.16
C VAL D 380 -0.85 -20.02 20.47
N LEU D 381 0.22 -19.24 20.39
CA LEU D 381 0.84 -18.63 21.57
C LEU D 381 -0.04 -17.56 22.19
N LYS D 382 -0.86 -16.90 21.37
CA LYS D 382 -1.72 -15.82 21.85
C LYS D 382 -3.19 -16.18 21.79
N ASP D 383 -3.48 -17.47 21.62
CA ASP D 383 -4.84 -18.02 21.60
C ASP D 383 -5.67 -17.49 22.77
N GLU D 384 -6.70 -16.76 22.38
CA GLU D 384 -7.63 -16.10 23.30
C GLU D 384 -8.44 -17.12 24.13
N ALA D 385 -8.75 -18.26 23.51
CA ALA D 385 -9.51 -19.33 24.18
C ALA D 385 -8.64 -20.24 25.08
N VAL D 386 -7.32 -19.99 25.12
CA VAL D 386 -6.39 -20.79 25.92
C VAL D 386 -5.72 -20.03 27.08
N TRP D 387 -5.20 -18.85 26.82
CA TRP D 387 -4.44 -18.13 27.83
C TRP D 387 -5.29 -17.06 28.53
N GLU D 388 -5.26 -17.06 29.87
CA GLU D 388 -5.95 -16.07 30.73
C GLU D 388 -5.74 -14.58 30.41
N LYS D 389 -4.57 -14.23 29.90
CA LYS D 389 -4.29 -12.85 29.49
C LYS D 389 -3.28 -12.87 28.33
N PRO D 390 -3.77 -13.15 27.11
CA PRO D 390 -2.84 -13.51 26.05
C PRO D 390 -1.94 -12.35 25.65
N PHE D 391 -2.43 -11.14 25.78
CA PHE D 391 -1.67 -9.98 25.34
C PHE D 391 -0.89 -9.28 26.44
N ARG D 392 -0.72 -9.96 27.57
CA ARG D 392 -0.03 -9.37 28.69
C ARG D 392 1.11 -10.28 29.14
N PHE D 393 2.18 -9.67 29.64
CA PHE D 393 3.24 -10.44 30.26
C PHE D 393 2.73 -10.97 31.63
N HIS D 394 2.64 -12.30 31.74
CA HIS D 394 1.89 -12.92 32.82
C HIS D 394 2.42 -14.33 33.13
N PRO D 395 3.53 -14.40 33.88
CA PRO D 395 4.18 -15.66 34.21
C PRO D 395 3.29 -16.71 34.89
N GLU D 396 2.17 -16.28 35.49
CA GLU D 396 1.13 -17.17 36.03
C GLU D 396 0.67 -18.23 35.04
N HIS D 397 0.49 -17.84 33.78
CA HIS D 397 0.20 -18.78 32.72
C HIS D 397 0.86 -20.14 32.94
N PHE D 398 2.09 -20.10 33.49
CA PHE D 398 2.90 -21.29 33.69
C PHE D 398 2.98 -21.78 35.12
N LEU D 399 2.29 -21.09 36.03
CA LEU D 399 2.26 -21.51 37.44
C LEU D 399 0.91 -21.99 37.86
N ASP D 400 0.85 -23.19 38.47
CA ASP D 400 -0.43 -23.68 39.04
C ASP D 400 -0.76 -23.02 40.40
N ALA D 401 -1.87 -23.43 40.98
CA ALA D 401 -2.36 -22.85 42.26
C ALA D 401 -1.30 -22.87 43.37
N GLN D 402 -0.44 -23.91 43.37
CA GLN D 402 0.62 -24.07 44.37
C GLN D 402 1.95 -23.42 43.93
N GLY D 403 1.99 -22.82 42.75
CA GLY D 403 3.21 -22.22 42.26
C GLY D 403 4.20 -23.25 41.78
N HIS D 404 3.70 -24.40 41.30
CA HIS D 404 4.51 -25.33 40.52
C HIS D 404 4.42 -24.91 39.06
N PHE D 405 5.51 -25.09 38.32
CA PHE D 405 5.53 -24.85 36.90
C PHE D 405 4.63 -25.89 36.20
N VAL D 406 3.82 -25.41 35.25
CA VAL D 406 3.10 -26.29 34.31
C VAL D 406 3.27 -25.72 32.92
N LYS D 407 3.29 -26.58 31.90
CA LYS D 407 3.30 -26.03 30.55
C LYS D 407 2.15 -26.54 29.71
N PRO D 408 1.17 -25.67 29.44
CA PRO D 408 0.10 -25.90 28.51
C PRO D 408 0.61 -26.48 27.22
N GLU D 409 -0.25 -27.22 26.51
CA GLU D 409 0.09 -27.74 25.23
C GLU D 409 0.23 -26.64 24.20
N ALA D 410 -0.41 -25.50 24.47
CA ALA D 410 -0.34 -24.35 23.54
C ALA D 410 1.04 -23.68 23.55
N PHE D 411 1.95 -24.14 24.40
CA PHE D 411 3.28 -23.59 24.36
C PHE D 411 4.09 -24.18 23.21
N LEU D 412 4.13 -23.46 22.10
CA LEU D 412 4.77 -23.94 20.87
C LEU D 412 5.71 -22.94 20.17
N PRO D 413 6.66 -22.34 20.92
CA PRO D 413 7.52 -21.41 20.23
C PRO D 413 8.50 -22.12 19.29
N PHE D 414 8.81 -23.40 19.53
CA PHE D 414 9.76 -24.14 18.68
C PHE D 414 9.01 -24.95 17.69
N SER D 415 7.72 -24.67 17.59
CA SER D 415 6.81 -25.42 16.69
C SER D 415 6.62 -26.86 17.17
N ALA D 416 6.41 -27.78 16.24
CA ALA D 416 5.97 -29.11 16.58
C ALA D 416 6.15 -30.10 15.42
N GLY D 417 6.35 -31.38 15.78
CA GLY D 417 6.31 -32.47 14.81
C GLY D 417 7.62 -32.82 14.16
N ARG D 418 7.55 -33.44 13.00
CA ARG D 418 8.73 -33.84 12.26
C ARG D 418 9.78 -32.75 12.15
N ARG D 419 9.36 -31.54 11.78
CA ARG D 419 10.30 -30.48 11.48
C ARG D 419 10.38 -29.40 12.55
N ALA D 420 10.06 -29.72 13.79
CA ALA D 420 10.21 -28.73 14.82
C ALA D 420 11.71 -28.33 14.98
N CYS D 421 11.97 -27.25 15.71
CA CYS D 421 13.31 -26.78 15.90
C CYS D 421 14.30 -27.83 16.44
N LEU D 422 15.32 -28.15 15.65
CA LEU D 422 16.51 -28.91 16.10
C LEU D 422 17.17 -28.46 17.41
N GLY D 423 17.14 -27.19 17.68
CA GLY D 423 17.96 -26.67 18.76
C GLY D 423 17.29 -26.69 20.12
N GLU D 424 16.04 -27.14 20.16
CA GLU D 424 15.27 -26.90 21.36
C GLU D 424 16.02 -27.23 22.66
N PRO D 425 16.64 -28.43 22.73
CA PRO D 425 17.37 -28.74 23.95
C PRO D 425 18.46 -27.72 24.27
N LEU D 426 19.23 -27.28 23.26
CA LEU D 426 20.31 -26.35 23.46
C LEU D 426 19.82 -24.94 23.77
N ALA D 427 18.62 -24.63 23.28
CA ALA D 427 18.07 -23.31 23.48
C ALA D 427 17.52 -23.21 24.90
N ARG D 428 16.76 -24.23 25.31
CA ARG D 428 16.23 -24.26 26.66
C ARG D 428 17.37 -24.01 27.64
N MET D 429 18.51 -24.64 27.36
CA MET D 429 19.74 -24.55 28.13
C MET D 429 20.24 -23.12 28.15
N GLU D 430 20.38 -22.55 26.93
CA GLU D 430 20.93 -21.22 26.75
C GLU D 430 20.08 -20.22 27.52
N LEU D 431 18.77 -20.33 27.39
CA LEU D 431 17.88 -19.37 28.00
C LEU D 431 17.98 -19.41 29.48
N PHE D 432 17.99 -20.62 30.03
CA PHE D 432 18.06 -20.79 31.49
C PHE D 432 19.39 -20.32 32.05
N LEU D 433 20.47 -20.85 31.50
CA LEU D 433 21.79 -20.49 31.97
C LEU D 433 22.14 -19.01 31.83
N PHE D 434 21.94 -18.43 30.63
CA PHE D 434 22.25 -17.03 30.41
C PHE D 434 21.36 -16.16 31.29
N PHE D 435 20.07 -16.42 31.25
CA PHE D 435 19.13 -15.54 31.90
C PHE D 435 19.37 -15.49 33.42
N THR D 436 19.55 -16.66 34.03
CA THR D 436 19.82 -16.75 35.47
C THR D 436 21.17 -16.15 35.79
N SER D 437 22.24 -16.64 35.15
CA SER D 437 23.55 -16.04 35.35
C SER D 437 23.48 -14.52 35.41
N LEU D 438 22.75 -13.91 34.49
CA LEU D 438 22.65 -12.49 34.47
C LEU D 438 21.85 -11.91 35.62
N LEU D 439 20.74 -12.50 35.97
CA LEU D 439 19.93 -11.97 37.08
C LEU D 439 20.52 -12.28 38.49
N GLN D 440 21.45 -13.23 38.54
CA GLN D 440 22.20 -13.55 39.73
C GLN D 440 23.23 -12.44 40.00
N HIS D 441 23.95 -12.03 38.94
CA HIS D 441 25.04 -11.05 39.02
C HIS D 441 24.57 -9.58 39.03
N PHE D 442 23.49 -9.28 38.29
CA PHE D 442 23.08 -7.87 38.07
C PHE D 442 21.65 -7.56 38.35
N SER D 443 21.38 -6.28 38.54
CA SER D 443 20.03 -5.75 38.55
C SER D 443 19.93 -4.79 37.40
N PHE D 444 18.90 -5.03 36.59
CA PHE D 444 18.71 -4.31 35.38
C PHE D 444 17.59 -3.32 35.60
N SER D 445 17.76 -2.11 35.07
CA SER D 445 16.70 -1.10 35.09
C SER D 445 16.73 -0.21 33.84
N VAL D 446 15.72 0.64 33.71
CA VAL D 446 15.74 1.68 32.69
C VAL D 446 16.58 2.88 33.16
N PRO D 447 17.45 3.39 32.27
CA PRO D 447 18.35 4.52 32.56
C PRO D 447 17.59 5.70 33.18
N THR D 448 18.20 6.34 34.17
CA THR D 448 17.43 7.21 35.09
C THR D 448 16.70 8.44 34.51
N GLY D 449 17.15 8.98 33.38
CA GLY D 449 16.35 10.00 32.73
C GLY D 449 15.18 9.42 31.93
N GLN D 450 15.40 8.24 31.35
CA GLN D 450 14.67 7.80 30.18
C GLN D 450 13.17 7.37 30.36
N PRO D 451 12.32 7.69 29.36
CA PRO D 451 10.87 7.55 29.46
C PRO D 451 10.29 6.13 29.49
N ARG D 452 11.15 5.10 29.38
CA ARG D 452 10.65 3.73 29.58
C ARG D 452 10.08 3.13 28.30
N PRO D 453 10.65 1.99 27.87
CA PRO D 453 10.56 1.51 26.48
C PRO D 453 9.22 0.84 26.14
N SER D 454 9.11 0.32 24.93
CA SER D 454 7.84 -0.24 24.49
C SER D 454 7.76 -1.74 24.69
N HIS D 455 6.56 -2.21 25.02
CA HIS D 455 6.19 -3.64 25.01
C HIS D 455 6.17 -4.17 23.58
N HIS D 456 5.76 -3.32 22.64
CA HIS D 456 5.52 -3.74 21.24
C HIS D 456 6.77 -3.87 20.40
N GLY D 457 6.76 -4.79 19.44
CA GLY D 457 7.96 -5.06 18.65
C GLY D 457 7.83 -4.91 17.15
N VAL D 458 8.97 -4.76 16.47
CA VAL D 458 9.01 -4.52 15.01
C VAL D 458 8.85 -5.84 14.27
N PHE D 459 7.88 -5.93 13.36
CA PHE D 459 7.41 -7.26 12.88
C PHE D 459 8.00 -7.81 11.56
N ALA D 460 9.22 -8.31 11.55
CA ALA D 460 9.66 -9.10 10.37
C ALA D 460 9.26 -10.60 10.54
N PHE D 461 9.90 -11.48 9.77
CA PHE D 461 9.72 -12.94 9.95
C PHE D 461 10.34 -13.29 11.30
N LEU D 462 10.95 -12.28 11.92
CA LEU D 462 11.51 -12.37 13.27
C LEU D 462 11.24 -11.09 14.01
N VAL D 463 10.61 -11.20 15.18
CA VAL D 463 10.22 -9.97 15.89
C VAL D 463 11.10 -9.62 17.08
N SER D 464 11.79 -8.49 16.95
CA SER D 464 12.64 -7.92 18.00
C SER D 464 11.94 -6.85 18.84
N PRO D 465 12.40 -6.67 20.08
CA PRO D 465 11.90 -5.52 20.83
C PRO D 465 12.40 -4.25 20.16
N SER D 466 11.62 -3.18 20.15
CA SER D 466 12.18 -1.95 19.63
C SER D 466 13.37 -1.59 20.50
N PRO D 467 14.41 -0.98 19.91
CA PRO D 467 15.66 -0.71 20.59
C PRO D 467 15.46 -0.02 21.93
N TYR D 468 16.05 -0.61 22.97
CA TYR D 468 16.03 -0.05 24.31
C TYR D 468 17.45 -0.14 24.81
N GLU D 469 17.81 0.75 25.74
CA GLU D 469 19.04 0.53 26.52
C GLU D 469 18.72 0.24 27.99
N LEU D 470 19.61 -0.46 28.68
CA LEU D 470 19.37 -0.80 30.04
C LEU D 470 20.62 -0.58 30.84
N CYS D 471 20.48 -0.47 32.15
CA CYS D 471 21.62 -0.39 33.07
C CYS D 471 21.80 -1.71 33.77
N ALA D 472 23.04 -2.15 33.92
CA ALA D 472 23.34 -3.34 34.71
C ALA D 472 24.18 -2.94 35.92
N VAL D 473 23.57 -3.05 37.09
CA VAL D 473 24.29 -2.82 38.36
C VAL D 473 24.35 -4.08 39.26
N PRO D 474 25.54 -4.40 39.80
CA PRO D 474 25.69 -5.54 40.72
C PRO D 474 24.81 -5.41 42.00
N ARG D 475 24.75 -6.44 42.84
CA ARG D 475 23.74 -6.45 43.91
C ARG D 475 24.29 -6.42 45.37
CHA HEM E . -8.38 -8.39 -28.93
CHB HEM E . -8.50 -3.56 -28.89
CHC HEM E . -13.02 -3.45 -30.59
CHD HEM E . -12.94 -8.28 -30.64
C1A HEM E . -8.04 -7.09 -28.75
C2A HEM E . -6.80 -6.63 -28.17
C3A HEM E . -6.83 -5.28 -28.15
C4A HEM E . -8.09 -4.85 -28.72
CMA HEM E . -5.71 -4.36 -27.63
CAA HEM E . -5.67 -7.56 -27.64
CBA HEM E . -4.91 -8.30 -28.75
CGA HEM E . -3.65 -8.93 -28.18
O1A HEM E . -3.78 -9.95 -27.44
O2A HEM E . -2.55 -8.41 -28.47
C1B HEM E . -9.72 -3.12 -29.31
C2B HEM E . -10.15 -1.74 -29.36
C3B HEM E . -11.42 -1.70 -29.84
C4B HEM E . -11.81 -3.07 -30.08
CMB HEM E . -9.22 -0.59 -28.92
CAB HEM E . -12.38 -0.54 -30.12
CBB HEM E . -11.65 0.76 -30.45
C1C HEM E . -13.37 -4.76 -30.76
C2C HEM E . -14.70 -5.19 -31.12
C3C HEM E . -14.58 -6.53 -31.31
C4C HEM E . -13.31 -6.98 -30.81
CMC HEM E . -15.71 -4.18 -31.75
CAC HEM E . -15.64 -7.57 -31.77
CBC HEM E . -17.01 -6.93 -32.15
C1D HEM E . -11.76 -8.78 -30.15
C2D HEM E . -11.47 -10.19 -29.92
C3D HEM E . -10.04 -10.23 -29.38
C4D HEM E . -9.61 -8.84 -29.35
CMD HEM E . -12.40 -11.38 -30.16
CAD HEM E . -9.24 -11.47 -28.98
CBD HEM E . -8.29 -11.78 -30.14
CGD HEM E . -7.80 -13.23 -30.09
O1D HEM E . -7.69 -13.84 -31.16
O2D HEM E . -7.55 -13.78 -29.00
NA HEM E . -8.78 -5.98 -29.07
NB HEM E . -10.75 -3.90 -29.75
NC HEM E . -12.58 -5.87 -30.49
ND HEM E . -10.65 -8.03 -29.80
FE HEM E . -10.62 -5.89 -29.74
S SO4 F . 18.38 39.51 12.66
O1 SO4 F . 17.96 39.86 14.03
O2 SO4 F . 19.10 38.23 12.69
O3 SO4 F . 17.21 39.47 11.80
O4 SO4 F . 19.21 40.49 11.93
S SO4 G . 20.94 37.96 7.79
O1 SO4 G . 21.64 37.15 6.75
O2 SO4 G . 19.58 37.49 7.98
O3 SO4 G . 20.76 39.32 7.29
O4 SO4 G . 21.55 37.93 9.13
CHA HEM H . 21.61 21.22 5.60
CHB HEM H . 23.88 18.36 2.40
CHC HEM H . 27.68 17.90 5.30
CHD HEM H . 25.47 20.72 8.47
C1A HEM H . 21.89 20.47 4.47
C2A HEM H . 21.01 20.32 3.34
C3A HEM H . 21.64 19.53 2.45
C4A HEM H . 22.93 19.16 3.00
CMA HEM H . 21.07 19.08 1.11
CAA HEM H . 19.61 20.92 3.21
CBA HEM H . 19.63 22.43 2.94
CGA HEM H . 18.23 22.86 2.59
O1A HEM H . 17.33 22.74 3.46
O2A HEM H . 18.06 23.34 1.42
C1B HEM H . 25.10 17.93 2.91
C2B HEM H . 26.06 16.99 2.31
C3B HEM H . 27.12 16.91 3.12
C4B HEM H . 26.84 17.75 4.24
CMB HEM H . 25.86 16.26 0.97
CAB HEM H . 28.43 16.05 3.07
CBB HEM H . 28.85 15.66 1.65
C1C HEM H . 27.40 18.64 6.40
C2C HEM H . 28.23 18.70 7.56
C3C HEM H . 27.69 19.62 8.35
C4C HEM H . 26.39 19.94 7.83
CMC HEM H . 29.71 18.23 7.51
CAC HEM H . 28.18 20.17 9.72
CBC HEM H . 29.62 19.76 10.04
C1D HEM H . 24.26 21.12 8.05
C2D HEM H . 23.36 21.96 8.77
C3D HEM H . 22.13 22.13 7.87
C4D HEM H . 22.45 21.37 6.68
CMD HEM H . 23.57 22.52 10.17
CAD HEM H . 20.84 22.94 8.13
CBD HEM H . 20.96 24.28 7.42
CGD HEM H . 20.01 25.27 8.04
O1D HEM H . 20.33 26.50 8.06
O2D HEM H . 18.93 24.81 8.50
NA HEM H . 23.05 19.75 4.22
NB HEM H . 25.63 18.36 4.09
NC HEM H . 26.23 19.33 6.63
ND HEM H . 23.71 20.79 6.83
FE HEM H . 24.69 19.63 5.28
CHA HEM I . -27.07 11.51 10.01
CHB HEM I . -27.93 6.78 9.42
CHC HEM I . -31.81 7.73 6.75
CHD HEM I . -30.85 12.43 7.16
C1A HEM I . -26.95 10.15 10.07
C2A HEM I . -25.92 9.41 10.80
C3A HEM I . -26.17 8.10 10.62
C4A HEM I . -27.36 7.95 9.82
CMA HEM I . -25.37 6.91 11.18
CAA HEM I . -24.72 10.05 11.58
CBA HEM I . -25.11 10.76 12.86
CGA HEM I . -23.86 11.13 13.60
O1A HEM I . -23.13 12.08 13.20
O2A HEM I . -23.58 10.48 14.62
C1B HEM I . -29.05 6.66 8.63
C2B HEM I . -29.66 5.39 8.23
C3B HEM I . -30.74 5.67 7.49
C4B HEM I . -30.82 7.09 7.42
CMB HEM I . -29.10 4.01 8.63
CAB HEM I . -31.81 4.77 6.76
CBB HEM I . -31.85 3.29 7.15
C1C HEM I . -31.89 9.09 6.65
C2C HEM I . -32.85 9.77 5.82
C3C HEM I . -32.66 11.09 6.06
C4C HEM I . -31.44 11.22 6.84
CMC HEM I . -34.07 9.02 5.25
CAC HEM I . -33.42 12.34 5.53
CBC HEM I . -34.59 12.01 4.59
C1D HEM I . -29.76 12.64 7.94
C2D HEM I . -29.18 13.92 8.20
C3D HEM I . -28.01 13.65 9.10
C4D HEM I . -28.00 12.21 9.28
CMD HEM I . -29.61 15.29 7.69
CAD HEM I . -27.05 14.69 9.70
CBD HEM I . -27.43 14.94 11.16
CGD HEM I . -26.76 16.20 11.67
O1D HEM I . -27.38 16.91 12.53
O2D HEM I . -25.60 16.52 11.23
NA HEM I . -27.82 9.22 9.51
NB HEM I . -29.80 7.67 8.11
NC HEM I . -30.98 9.98 7.18
ND HEM I . -29.05 11.65 8.58
FE HEM I . -29.48 9.64 8.40
CHA HEM J . 13.78 -24.61 13.13
CHB HEM J . 12.48 -21.84 16.84
CHC HEM J . 16.95 -22.03 18.65
CHD HEM J . 18.26 -24.71 14.88
C1A HEM J . 13.05 -23.82 13.96
C2A HEM J . 11.66 -23.48 13.78
C3A HEM J . 11.31 -22.70 14.80
C4A HEM J . 12.45 -22.55 15.67
CMA HEM J . 9.92 -22.10 15.04
CAA HEM J . 10.78 -23.91 12.58
CBA HEM J . 10.44 -25.40 12.56
CGA HEM J . 9.34 -25.64 11.54
O1A HEM J . 9.66 -25.58 10.30
O2A HEM J . 8.16 -25.88 11.95
C1B HEM J . 13.59 -21.62 17.66
C2B HEM J . 13.64 -20.75 18.82
C3B HEM J . 14.89 -20.80 19.32
C4B HEM J . 15.63 -21.70 18.46
CMB HEM J . 12.46 -19.90 19.38
CAB HEM J . 15.54 -20.11 20.54
CBB HEM J . 14.54 -19.68 21.62
C1C HEM J . 17.67 -22.80 17.80
C2C HEM J . 19.08 -23.05 17.94
C3C HEM J . 19.40 -23.92 16.95
C4C HEM J . 18.25 -24.02 16.06
CMC HEM J . 19.88 -22.75 19.25
CAC HEM J . 20.76 -24.61 16.64
CBC HEM J . 21.84 -24.19 17.63
C1D HEM J . 17.21 -24.93 14.05
C2D HEM J . 17.28 -25.68 12.82
C3D HEM J . 15.88 -25.66 12.25
C4D HEM J . 15.11 -24.90 13.23
CMD HEM J . 18.49 -26.39 12.16
CAD HEM J . 15.39 -26.32 10.94
CBD HEM J . 14.67 -27.63 11.29
CGD HEM J . 14.62 -28.50 10.08
O1D HEM J . 14.66 -29.75 10.19
O2D HEM J . 14.52 -27.94 8.99
NA HEM J . 13.50 -23.25 15.12
NB HEM J . 14.83 -22.18 17.46
NC HEM J . 17.20 -23.33 16.62
ND HEM J . 15.93 -24.49 14.27
FE HEM J . 15.33 -23.37 15.97
#